data_5ZU2
#
_entry.id   5ZU2
#
_cell.length_a   155.320
_cell.length_b   156.935
_cell.length_c   184.601
_cell.angle_alpha   90.00
_cell.angle_beta   90.00
_cell.angle_gamma   90.00
#
_symmetry.space_group_name_H-M   'C 2 2 21'
#
loop_
_entity.id
_entity.type
_entity.pdbx_description
1 polymer 'formate oxidase'
2 non-polymer 'FLAVIN-ADENINE DINUCLEOTIDE'
3 non-polymer (4S)-2-METHYL-2,4-PENTANEDIOL
4 non-polymer 'ACETATE ION'
5 water water
#
_entity_poly.entity_id   1
_entity_poly.type   'polypeptide(L)'
_entity_poly.pdbx_seq_one_letter_code
;ATDGSHFDFVIVGGGTAGNTVAGRLAENPNVTVLIVEAGIGNPEDIPEITTPSSAMDLRNSKYDWAYKTTMVRRDDYERI
EKPNTRGKTLGGSSSLNYFTWVPGHKATFDQWEEFGGKEWTWDPLVPYLRKSATYHDDPRLYSPELEKIGGGGPIPISHA
ELIDEMAPFRENLTKAWKSMGQPLIENIYDGEMDGLTHCCDTIYRGQRSGSFLFVKNKPNITIVPEVHSKRLIINEADRT
CKGVTVVTAAGNELNFFADREVILSQGVFETPKLLMLSGIGPTRELSRHGINTIVDSRHVGQNLMDHPGVPFVLRVKDGF
GMDDVLLRHGPKRDAVVSAYNKNRSGPVGSGLLELVGFPRIDKYLEKDAEYRKAKAANGGKDPFSPLGQPHFELDFVCMF
GTAFQWHFPTPKTGDHLTVVVDLVRPISDPGEVTLNSADPFQQPNINLNFFANDLDIIAMREGIRFSYDLLFKGEGFKDL
VESEYPWEMPLDSDKEMHRAVLDRCQTAFHPTGTARLSKNIDQGVVDPKLKVHGIKKLRVADASVIPIIPDCAIQNSVYA
VGEKCADMIKAEHKDLY
;
_entity_poly.pdbx_strand_id   A,B,C
#
# COMPACT_ATOMS: atom_id res chain seq x y z
N ALA A 1 -3.09 13.96 0.16
CA ALA A 1 -4.12 13.01 0.58
C ALA A 1 -3.51 11.85 1.36
N THR A 2 -4.27 11.33 2.31
CA THR A 2 -3.76 10.28 3.18
C THR A 2 -3.78 8.95 2.47
N ASP A 3 -2.73 8.16 2.67
CA ASP A 3 -2.64 6.83 2.07
C ASP A 3 -3.84 6.02 2.52
N GLY A 4 -4.48 5.33 1.58
CA GLY A 4 -5.58 4.46 1.90
C GLY A 4 -6.94 5.14 1.91
N SER A 5 -7.00 6.44 1.61
CA SER A 5 -8.25 7.20 1.68
C SER A 5 -9.28 6.67 0.70
N HIS A 6 -10.55 6.78 1.10
CA HIS A 6 -11.69 6.37 0.32
C HIS A 6 -12.41 7.59 -0.23
N PHE A 7 -12.87 7.51 -1.47
CA PHE A 7 -13.71 8.53 -2.07
C PHE A 7 -14.87 7.82 -2.76
N ASP A 8 -15.97 8.54 -3.01
CA ASP A 8 -17.02 7.92 -3.81
C ASP A 8 -16.52 7.56 -5.21
N PHE A 9 -15.80 8.49 -5.85
CA PHE A 9 -15.36 8.30 -7.22
C PHE A 9 -13.88 8.65 -7.35
N VAL A 10 -13.13 7.78 -7.99
CA VAL A 10 -11.72 8.00 -8.28
C VAL A 10 -11.56 8.11 -9.78
N ILE A 11 -11.07 9.25 -10.26
CA ILE A 11 -10.67 9.41 -11.65
C ILE A 11 -9.16 9.25 -11.76
N VAL A 12 -8.73 8.34 -12.62
CA VAL A 12 -7.32 8.04 -12.84
C VAL A 12 -6.93 8.77 -14.10
N GLY A 13 -6.19 9.87 -13.95
CA GLY A 13 -5.80 10.70 -15.08
C GLY A 13 -6.65 11.94 -15.24
N GLY A 14 -6.14 13.10 -14.82
CA GLY A 14 -6.89 14.35 -14.87
C GLY A 14 -6.81 15.06 -16.20
N GLY A 15 -7.21 14.38 -17.26
CA GLY A 15 -7.11 14.91 -18.60
C GLY A 15 -8.41 15.52 -19.08
N THR A 16 -8.59 15.51 -20.40
CA THR A 16 -9.74 16.13 -21.04
C THR A 16 -11.05 15.52 -20.56
N ALA A 17 -11.23 14.21 -20.76
CA ALA A 17 -12.44 13.56 -20.28
C ALA A 17 -12.45 13.35 -18.77
N GLY A 18 -11.27 13.09 -18.18
CA GLY A 18 -11.22 12.80 -16.77
C GLY A 18 -11.77 13.94 -15.94
N ASN A 19 -11.30 15.16 -16.19
CA ASN A 19 -11.80 16.28 -15.40
C ASN A 19 -13.26 16.57 -15.72
N THR A 20 -13.69 16.30 -16.95
CA THR A 20 -15.10 16.47 -17.27
C THR A 20 -15.96 15.56 -16.39
N VAL A 21 -15.62 14.27 -16.36
CA VAL A 21 -16.36 13.33 -15.53
C VAL A 21 -16.31 13.76 -14.07
N ALA A 22 -15.09 14.03 -13.57
CA ALA A 22 -14.92 14.37 -12.16
C ALA A 22 -15.66 15.65 -11.78
N GLY A 23 -15.61 16.68 -12.63
CA GLY A 23 -16.28 17.93 -12.31
C GLY A 23 -17.78 17.80 -12.32
N ARG A 24 -18.32 16.99 -13.23
CA ARG A 24 -19.76 16.77 -13.28
C ARG A 24 -20.22 15.97 -12.07
N LEU A 25 -19.41 14.99 -11.64
CA LEU A 25 -19.84 14.19 -10.50
C LEU A 25 -19.78 14.99 -9.20
N ALA A 26 -18.88 15.99 -9.11
CA ALA A 26 -18.80 16.86 -7.94
C ALA A 26 -19.95 17.88 -7.84
N GLU A 27 -20.88 17.91 -8.80
CA GLU A 27 -21.97 18.88 -8.74
C GLU A 27 -22.94 18.61 -7.59
N ASN A 28 -22.98 17.39 -7.07
CA ASN A 28 -23.52 17.19 -5.74
C ASN A 28 -22.38 17.47 -4.80
N PRO A 29 -22.43 18.56 -4.03
CA PRO A 29 -21.28 18.95 -3.18
C PRO A 29 -20.98 17.93 -2.07
N ASN A 30 -21.84 16.94 -1.87
CA ASN A 30 -21.62 15.91 -0.86
C ASN A 30 -20.85 14.71 -1.39
N VAL A 31 -20.78 14.54 -2.70
CA VAL A 31 -20.06 13.42 -3.32
C VAL A 31 -18.56 13.72 -3.30
N THR A 32 -17.77 12.78 -2.80
CA THR A 32 -16.32 12.93 -2.76
C THR A 32 -15.70 12.42 -4.05
N VAL A 33 -14.82 13.23 -4.64
CA VAL A 33 -14.16 12.90 -5.89
C VAL A 33 -12.66 13.09 -5.72
N LEU A 34 -11.90 12.07 -6.12
CA LEU A 34 -10.45 12.12 -6.14
C LEU A 34 -9.99 12.09 -7.59
N ILE A 35 -9.00 12.93 -7.92
CA ILE A 35 -8.33 12.90 -9.22
C ILE A 35 -6.85 12.61 -9.00
N VAL A 36 -6.33 11.52 -9.61
CA VAL A 36 -4.88 11.28 -9.64
C VAL A 36 -4.35 11.64 -11.03
N GLU A 37 -3.20 12.33 -11.06
CA GLU A 37 -2.65 12.90 -12.29
C GLU A 37 -1.12 12.93 -12.19
N ALA A 38 -0.45 12.56 -13.30
CA ALA A 38 1.02 12.45 -13.29
C ALA A 38 1.72 13.81 -13.31
N GLY A 39 1.14 14.80 -13.99
CA GLY A 39 1.75 16.10 -14.14
C GLY A 39 1.29 17.09 -13.09
N ILE A 40 1.68 18.36 -13.29
CA ILE A 40 1.38 19.43 -12.35
C ILE A 40 -0.12 19.66 -12.15
N GLY A 41 -0.47 20.20 -10.98
CA GLY A 41 -1.83 20.52 -10.61
C GLY A 41 -2.27 21.92 -10.90
N ASN A 42 -1.36 22.82 -11.29
CA ASN A 42 -1.66 24.24 -11.42
C ASN A 42 -1.39 24.78 -12.82
N PRO A 43 -1.99 24.18 -13.87
CA PRO A 43 -1.70 24.66 -15.23
C PRO A 43 -2.13 26.09 -15.48
N GLU A 44 -3.04 26.64 -14.68
CA GLU A 44 -3.46 28.02 -14.96
C GLU A 44 -2.41 29.03 -14.53
N ASP A 45 -1.39 28.58 -13.80
CA ASP A 45 -0.27 29.43 -13.45
C ASP A 45 0.85 29.43 -14.49
N ILE A 46 0.76 28.64 -15.54
CA ILE A 46 1.85 28.45 -16.50
C ILE A 46 1.53 29.30 -17.74
N PRO A 47 2.28 30.38 -17.99
CA PRO A 47 1.98 31.21 -19.18
C PRO A 47 1.98 30.43 -20.49
N GLU A 48 2.94 29.54 -20.70
CA GLU A 48 2.98 28.78 -21.95
C GLU A 48 1.72 27.97 -22.16
N ILE A 49 1.09 27.51 -21.06
CA ILE A 49 -0.16 26.76 -21.19
C ILE A 49 -1.33 27.69 -21.48
N THR A 50 -1.43 28.81 -20.75
CA THR A 50 -2.62 29.64 -20.89
C THR A 50 -2.57 30.54 -22.11
N THR A 51 -1.38 30.74 -22.69
CA THR A 51 -1.23 31.63 -23.83
C THR A 51 -1.39 30.87 -25.14
N PRO A 52 -2.45 31.13 -25.93
CA PRO A 52 -2.69 30.34 -27.14
C PRO A 52 -1.54 30.30 -28.12
N SER A 53 -0.87 31.42 -28.40
CA SER A 53 0.22 31.39 -29.38
C SER A 53 1.44 30.59 -28.91
N SER A 54 1.52 30.22 -27.64
CA SER A 54 2.63 29.40 -27.17
C SER A 54 2.39 27.91 -27.38
N ALA A 55 1.26 27.51 -27.97
CA ALA A 55 0.86 26.10 -27.95
C ALA A 55 1.91 25.20 -28.59
N MET A 56 2.44 25.58 -29.76
CA MET A 56 3.43 24.73 -30.42
C MET A 56 4.74 24.64 -29.63
N ASP A 57 5.08 25.67 -28.85
CA ASP A 57 6.28 25.51 -28.04
C ASP A 57 6.10 24.48 -26.93
N LEU A 58 4.91 23.93 -26.72
CA LEU A 58 4.75 22.95 -25.65
C LEU A 58 5.22 21.56 -26.08
N ARG A 59 5.41 21.31 -27.38
CA ARG A 59 6.08 20.09 -27.80
C ARG A 59 7.43 20.01 -27.13
N ASN A 60 7.72 18.86 -26.53
CA ASN A 60 8.97 18.58 -25.84
C ASN A 60 9.18 19.42 -24.59
N SER A 61 8.17 20.15 -24.13
CA SER A 61 8.30 20.83 -22.87
C SER A 61 8.16 19.82 -21.73
N LYS A 62 8.27 20.30 -20.49
CA LYS A 62 8.02 19.43 -19.35
C LYS A 62 6.58 18.95 -19.29
N TYR A 63 5.67 19.59 -20.04
CA TYR A 63 4.27 19.21 -20.04
C TYR A 63 3.92 18.23 -21.14
N ASP A 64 4.93 17.66 -21.82
CA ASP A 64 4.68 16.75 -22.91
C ASP A 64 5.28 15.38 -22.57
N TRP A 65 4.44 14.33 -22.66
CA TRP A 65 4.93 12.97 -22.47
C TRP A 65 6.02 12.64 -23.48
N ALA A 66 5.97 13.22 -24.68
CA ALA A 66 7.02 13.05 -25.66
C ALA A 66 7.26 11.58 -26.01
N TYR A 67 6.18 10.85 -26.32
CA TYR A 67 6.30 9.44 -26.66
C TYR A 67 7.07 9.24 -27.94
N LYS A 68 7.85 8.16 -27.99
CA LYS A 68 8.26 7.59 -29.27
C LYS A 68 7.06 6.88 -29.89
N THR A 69 6.89 7.04 -31.19
CA THR A 69 5.78 6.40 -31.89
C THR A 69 6.18 6.03 -33.31
N THR A 70 5.86 4.81 -33.71
CA THR A 70 5.98 4.39 -35.12
C THR A 70 4.82 5.00 -35.91
N MET A 71 5.14 5.86 -36.88
CA MET A 71 4.14 6.57 -37.68
C MET A 71 3.58 5.69 -38.77
N VAL A 72 4.45 5.00 -39.51
CA VAL A 72 4.01 4.08 -40.56
C VAL A 72 4.89 2.84 -40.47
N ARG A 73 4.28 1.67 -40.68
CA ARG A 73 5.00 0.40 -40.72
C ARG A 73 4.45 -0.40 -41.90
N ARG A 74 5.04 -0.17 -43.08
CA ARG A 74 4.75 -0.87 -44.31
C ARG A 74 5.98 -1.68 -44.67
N ASP A 75 5.82 -2.64 -45.58
CA ASP A 75 6.97 -3.40 -46.03
C ASP A 75 7.96 -2.51 -46.76
N ASP A 76 7.50 -1.46 -47.44
CA ASP A 76 8.39 -0.62 -48.23
C ASP A 76 8.92 0.61 -47.48
N TYR A 77 8.46 0.85 -46.25
CA TYR A 77 8.80 2.07 -45.52
C TYR A 77 8.40 1.95 -44.05
N GLU A 78 9.26 2.44 -43.15
CA GLU A 78 8.94 2.49 -41.74
C GLU A 78 9.62 3.71 -41.10
N ARG A 79 8.91 4.38 -40.20
CA ARG A 79 9.47 5.54 -39.54
C ARG A 79 8.95 5.60 -38.10
N ILE A 80 9.83 5.89 -37.18
CA ILE A 80 9.47 6.10 -35.78
C ILE A 80 9.89 7.52 -35.40
N GLU A 81 9.09 8.17 -34.54
CA GLU A 81 9.31 9.58 -34.25
C GLU A 81 9.21 9.87 -32.76
N LYS A 82 9.81 11.01 -32.38
CA LYS A 82 9.72 11.49 -31.02
C LYS A 82 9.92 12.99 -31.12
N PRO A 83 9.06 13.81 -30.50
CA PRO A 83 7.92 13.42 -29.65
C PRO A 83 6.60 13.26 -30.39
N ASN A 84 5.81 12.25 -30.01
CA ASN A 84 4.38 12.21 -30.30
C ASN A 84 3.67 12.82 -29.09
N THR A 85 3.19 14.05 -29.25
CA THR A 85 2.89 14.91 -28.11
C THR A 85 1.56 14.54 -27.45
N ARG A 86 1.55 14.54 -26.12
CA ARG A 86 0.38 14.27 -25.29
C ARG A 86 0.57 15.05 -23.99
N GLY A 87 -0.51 15.62 -23.47
CA GLY A 87 -0.39 16.49 -22.32
C GLY A 87 -0.08 15.72 -21.05
N LYS A 88 0.89 16.22 -20.28
CA LYS A 88 1.28 15.67 -18.99
C LYS A 88 1.20 16.83 -18.00
N THR A 89 -0.01 17.05 -17.47
CA THR A 89 -0.44 18.16 -16.65
C THR A 89 -1.91 17.97 -16.36
N LEU A 90 -2.42 18.61 -15.31
CA LEU A 90 -3.87 18.70 -15.16
C LEU A 90 -4.45 19.33 -16.42
N GLY A 91 -5.55 18.76 -16.90
CA GLY A 91 -6.09 19.10 -18.19
C GLY A 91 -5.61 18.21 -19.32
N GLY A 92 -4.56 17.43 -19.10
CA GLY A 92 -4.12 16.49 -20.13
C GLY A 92 -3.79 17.16 -21.45
N SER A 93 -4.27 16.54 -22.53
CA SER A 93 -3.94 17.09 -23.84
C SER A 93 -4.76 18.35 -24.17
N SER A 94 -5.90 18.61 -23.48
CA SER A 94 -6.58 19.89 -23.65
C SER A 94 -5.75 21.07 -23.12
N SER A 95 -4.69 20.81 -22.35
CA SER A 95 -3.75 21.84 -21.94
C SER A 95 -2.66 22.13 -22.97
N LEU A 96 -2.53 21.36 -24.06
CA LEU A 96 -1.51 21.67 -25.06
C LEU A 96 -1.97 21.49 -26.50
N ASN A 97 -3.27 21.36 -26.77
CA ASN A 97 -3.77 21.14 -28.12
C ASN A 97 -3.90 22.46 -28.87
N TYR A 98 -4.33 22.38 -30.14
CA TYR A 98 -4.41 23.56 -31.01
C TYR A 98 -5.85 24.07 -31.20
N PHE A 99 -6.69 23.87 -30.17
CA PHE A 99 -7.87 24.68 -29.88
C PHE A 99 -9.11 24.45 -30.74
N THR A 100 -8.99 23.80 -31.89
CA THR A 100 -10.14 23.70 -32.80
C THR A 100 -11.26 22.89 -32.18
N TRP A 101 -12.47 23.41 -32.29
CA TRP A 101 -13.66 22.84 -31.65
C TRP A 101 -14.67 22.54 -32.74
N VAL A 102 -14.83 21.26 -33.07
CA VAL A 102 -15.65 20.83 -34.20
C VAL A 102 -16.12 19.41 -33.93
N PRO A 103 -17.42 19.12 -34.00
CA PRO A 103 -17.88 17.78 -33.60
C PRO A 103 -17.60 16.68 -34.59
N GLY A 104 -17.91 16.90 -35.87
CA GLY A 104 -17.88 15.85 -36.85
C GLY A 104 -19.23 15.65 -37.53
N HIS A 105 -19.29 14.60 -38.32
CA HIS A 105 -20.37 14.42 -39.29
C HIS A 105 -21.42 13.43 -38.76
N LYS A 106 -22.69 13.75 -39.00
CA LYS A 106 -23.78 12.96 -38.43
C LYS A 106 -23.73 11.51 -38.92
N ALA A 107 -23.45 11.29 -40.20
CA ALA A 107 -23.42 9.93 -40.71
C ALA A 107 -22.38 9.10 -39.97
N THR A 108 -21.24 9.70 -39.62
CA THR A 108 -20.19 8.98 -38.92
C THR A 108 -20.64 8.56 -37.52
N PHE A 109 -21.15 9.50 -36.74
CA PHE A 109 -21.64 9.18 -35.41
C PHE A 109 -22.80 8.19 -35.45
N ASP A 110 -23.67 8.29 -36.45
CA ASP A 110 -24.76 7.33 -36.54
C ASP A 110 -24.24 5.90 -36.62
N GLN A 111 -23.07 5.71 -37.26
CA GLN A 111 -22.52 4.36 -37.37
C GLN A 111 -21.95 3.84 -36.05
N TRP A 112 -21.78 4.70 -35.04
CA TRP A 112 -21.37 4.19 -33.72
C TRP A 112 -22.40 3.21 -33.16
N GLU A 113 -23.62 3.20 -33.68
CA GLU A 113 -24.65 2.30 -33.18
C GLU A 113 -24.20 0.85 -33.22
N GLU A 114 -23.44 0.49 -34.25
CA GLU A 114 -22.89 -0.85 -34.36
C GLU A 114 -22.13 -1.25 -33.10
N PHE A 115 -21.58 -0.26 -32.38
CA PHE A 115 -20.82 -0.49 -31.17
C PHE A 115 -21.58 -0.13 -29.90
N GLY A 116 -22.30 1.00 -29.88
CA GLY A 116 -22.85 1.47 -28.63
C GLY A 116 -24.35 1.44 -28.55
N GLY A 117 -24.99 0.99 -29.62
CA GLY A 117 -26.42 1.01 -29.64
C GLY A 117 -26.90 2.41 -29.98
N LYS A 118 -28.22 2.54 -29.88
CA LYS A 118 -28.83 3.71 -30.48
C LYS A 118 -28.57 4.98 -29.68
N GLU A 119 -28.21 4.86 -28.40
CA GLU A 119 -27.83 6.02 -27.62
C GLU A 119 -26.48 6.60 -28.02
N TRP A 120 -25.68 5.90 -28.81
CA TRP A 120 -24.42 6.47 -29.29
C TRP A 120 -24.53 6.88 -30.75
N THR A 121 -25.67 7.43 -31.18
CA THR A 121 -25.81 7.99 -32.51
C THR A 121 -25.85 9.52 -32.42
N TRP A 122 -26.02 10.16 -33.58
CA TRP A 122 -25.88 11.62 -33.64
C TRP A 122 -26.92 12.34 -32.78
N ASP A 123 -28.20 12.09 -33.03
CA ASP A 123 -29.25 12.85 -32.34
C ASP A 123 -29.15 12.78 -30.82
N PRO A 124 -29.02 11.60 -30.19
CA PRO A 124 -28.84 11.58 -28.73
C PRO A 124 -27.54 12.18 -28.26
N LEU A 125 -26.50 12.22 -29.09
CA LEU A 125 -25.21 12.74 -28.66
C LEU A 125 -25.06 14.25 -28.81
N VAL A 126 -25.92 14.89 -29.63
CA VAL A 126 -25.83 16.33 -29.82
C VAL A 126 -25.77 17.11 -28.51
N PRO A 127 -26.65 16.87 -27.52
CA PRO A 127 -26.53 17.61 -26.25
C PRO A 127 -25.21 17.39 -25.55
N TYR A 128 -24.66 16.17 -25.61
CA TYR A 128 -23.38 15.92 -24.97
C TYR A 128 -22.25 16.59 -25.71
N LEU A 129 -22.38 16.76 -27.03
CA LEU A 129 -21.40 17.55 -27.78
C LEU A 129 -21.46 19.06 -27.48
N ARG A 130 -22.51 19.55 -26.82
CA ARG A 130 -22.63 20.97 -26.53
C ARG A 130 -22.55 21.30 -25.05
N LYS A 131 -22.72 20.31 -24.16
CA LYS A 131 -22.92 20.58 -22.74
C LYS A 131 -21.67 21.21 -22.08
N SER A 132 -20.48 20.95 -22.59
CA SER A 132 -19.27 21.39 -21.90
C SER A 132 -18.95 22.86 -22.13
N ALA A 133 -19.52 23.46 -23.16
CA ALA A 133 -19.07 24.75 -23.66
C ALA A 133 -20.10 25.82 -23.35
N THR A 134 -19.60 27.03 -23.18
CA THR A 134 -20.40 28.24 -23.22
C THR A 134 -19.91 29.05 -24.40
N TYR A 135 -20.81 29.27 -25.36
CA TYR A 135 -20.48 29.96 -26.62
C TYR A 135 -20.50 31.47 -26.45
N HIS A 136 -19.52 32.15 -27.06
CA HIS A 136 -19.48 33.61 -27.11
C HIS A 136 -19.27 34.07 -28.54
N ASP A 137 -19.92 35.19 -28.87
CA ASP A 137 -19.75 35.94 -30.12
C ASP A 137 -19.69 37.44 -29.78
N ASP A 138 -18.76 37.83 -28.90
CA ASP A 138 -18.67 39.23 -28.48
C ASP A 138 -18.67 40.24 -29.63
N PRO A 139 -17.88 40.10 -30.70
CA PRO A 139 -17.97 41.08 -31.80
C PRO A 139 -19.23 40.92 -32.65
N ARG A 140 -20.11 40.00 -32.29
CA ARG A 140 -21.37 39.76 -33.01
C ARG A 140 -21.14 39.64 -34.52
N LEU A 141 -20.19 38.78 -34.90
CA LEU A 141 -19.84 38.59 -36.30
C LEU A 141 -20.58 37.43 -36.95
N TYR A 142 -21.19 36.56 -36.19
CA TYR A 142 -21.71 35.32 -36.76
C TYR A 142 -23.17 35.13 -36.39
N SER A 143 -23.82 34.28 -37.16
CA SER A 143 -25.25 34.05 -37.05
C SER A 143 -25.63 33.77 -35.60
N PRO A 144 -26.67 34.41 -35.08
CA PRO A 144 -27.13 34.06 -33.72
C PRO A 144 -27.48 32.60 -33.58
N GLU A 145 -27.78 31.90 -34.68
CA GLU A 145 -28.13 30.48 -34.58
C GLU A 145 -26.99 29.68 -33.97
N LEU A 146 -25.75 30.15 -34.13
CA LEU A 146 -24.61 29.42 -33.64
C LEU A 146 -24.51 29.47 -32.13
N GLU A 147 -25.40 30.19 -31.46
CA GLU A 147 -25.43 30.17 -30.01
C GLU A 147 -25.71 28.77 -29.49
N LYS A 148 -26.38 27.93 -30.30
CA LYS A 148 -26.77 26.60 -29.88
C LYS A 148 -25.60 25.69 -29.57
N ILE A 149 -24.39 26.00 -30.04
CA ILE A 149 -23.29 25.06 -29.77
C ILE A 149 -22.79 25.16 -28.34
N GLY A 150 -23.20 26.18 -27.59
CA GLY A 150 -22.84 26.24 -26.19
C GLY A 150 -23.99 25.93 -25.24
N GLY A 151 -23.90 24.81 -24.54
CA GLY A 151 -24.93 24.40 -23.61
C GLY A 151 -24.79 24.99 -22.23
N GLY A 152 -23.77 25.80 -21.95
CA GLY A 152 -23.62 26.41 -20.65
C GLY A 152 -22.51 25.86 -19.78
N GLY A 153 -21.62 25.00 -20.31
CA GLY A 153 -20.58 24.39 -19.50
C GLY A 153 -19.40 25.32 -19.23
N PRO A 154 -18.43 24.80 -18.48
CA PRO A 154 -17.32 25.62 -17.99
C PRO A 154 -16.18 25.84 -18.98
N ILE A 155 -16.26 25.32 -20.21
CA ILE A 155 -15.22 25.53 -21.20
C ILE A 155 -15.65 26.64 -22.15
N PRO A 156 -15.10 27.85 -22.03
CA PRO A 156 -15.51 28.95 -22.92
C PRO A 156 -14.98 28.72 -24.32
N ILE A 157 -15.88 28.81 -25.32
CA ILE A 157 -15.50 28.67 -26.72
C ILE A 157 -15.99 29.88 -27.49
N SER A 158 -15.31 30.17 -28.60
CA SER A 158 -15.68 31.29 -29.44
C SER A 158 -15.15 31.02 -30.84
N HIS A 159 -15.74 31.69 -31.83
CA HIS A 159 -15.05 31.83 -33.09
C HIS A 159 -13.71 32.48 -32.83
N ALA A 160 -12.71 32.12 -33.63
CA ALA A 160 -11.38 32.69 -33.49
C ALA A 160 -11.48 34.20 -33.35
N GLU A 161 -10.76 34.75 -32.38
CA GLU A 161 -10.70 36.20 -32.17
C GLU A 161 -9.73 36.74 -33.23
N LEU A 162 -10.31 37.20 -34.34
CA LEU A 162 -9.54 37.38 -35.58
C LEU A 162 -8.39 38.36 -35.39
N ILE A 163 -7.25 38.02 -35.97
CA ILE A 163 -6.12 38.95 -36.01
C ILE A 163 -6.39 39.95 -37.12
N ASP A 164 -6.22 41.24 -36.81
CA ASP A 164 -6.62 42.29 -37.76
C ASP A 164 -5.71 42.28 -38.99
N GLU A 165 -4.39 42.19 -38.79
CA GLU A 165 -3.46 42.13 -39.91
C GLU A 165 -3.72 40.95 -40.84
N MET A 166 -4.38 39.90 -40.37
CA MET A 166 -4.60 38.74 -41.22
C MET A 166 -5.90 38.82 -42.03
N ALA A 167 -6.63 39.92 -41.93
CA ALA A 167 -7.86 40.04 -42.73
C ALA A 167 -7.58 40.00 -44.23
N PRO A 168 -6.55 40.66 -44.78
CA PRO A 168 -6.26 40.44 -46.21
C PRO A 168 -5.97 38.99 -46.54
N PHE A 169 -5.13 38.31 -45.73
CA PHE A 169 -4.96 36.86 -45.86
C PHE A 169 -6.30 36.16 -45.92
N ARG A 170 -7.18 36.41 -44.93
CA ARG A 170 -8.45 35.69 -44.89
C ARG A 170 -9.29 35.99 -46.13
N GLU A 171 -9.29 37.26 -46.57
CA GLU A 171 -10.12 37.60 -47.71
C GLU A 171 -9.64 36.92 -48.99
N ASN A 172 -8.33 36.84 -49.21
CA ASN A 172 -7.81 36.16 -50.41
C ASN A 172 -8.03 34.65 -50.34
N LEU A 173 -7.83 34.04 -49.16
CA LEU A 173 -8.09 32.61 -49.02
C LEU A 173 -9.55 32.29 -49.32
N THR A 174 -10.47 33.14 -48.83
CA THR A 174 -11.89 32.96 -49.13
C THR A 174 -12.18 33.12 -50.62
N LYS A 175 -11.68 34.21 -51.23
CA LYS A 175 -11.82 34.40 -52.68
C LYS A 175 -11.31 33.17 -53.45
N ALA A 176 -10.14 32.64 -53.05
CA ALA A 176 -9.56 31.49 -53.72
C ALA A 176 -10.43 30.25 -53.54
N TRP A 177 -10.95 30.02 -52.33
CA TRP A 177 -11.82 28.88 -52.08
C TRP A 177 -13.06 28.91 -52.98
N LYS A 178 -13.76 30.04 -53.00
CA LYS A 178 -14.95 30.16 -53.85
C LYS A 178 -14.59 30.02 -55.33
N SER A 179 -13.45 30.57 -55.75
CA SER A 179 -13.09 30.45 -57.17
C SER A 179 -12.82 29.01 -57.57
N MET A 180 -12.54 28.12 -56.62
CA MET A 180 -12.41 26.71 -56.94
C MET A 180 -13.76 26.00 -56.98
N GLY A 181 -14.85 26.70 -56.71
CA GLY A 181 -16.15 26.06 -56.79
C GLY A 181 -16.54 25.28 -55.56
N GLN A 182 -15.95 25.59 -54.44
CA GLN A 182 -16.25 24.92 -53.20
C GLN A 182 -17.06 25.88 -52.32
N PRO A 183 -17.95 25.36 -51.49
CA PRO A 183 -18.86 26.25 -50.74
C PRO A 183 -18.18 26.84 -49.52
N LEU A 184 -18.73 27.97 -49.09
CA LEU A 184 -18.51 28.50 -47.75
C LEU A 184 -19.58 27.90 -46.82
N ILE A 185 -19.23 27.72 -45.55
CA ILE A 185 -20.17 27.14 -44.59
C ILE A 185 -19.81 27.64 -43.20
N GLU A 186 -20.82 27.97 -42.43
CA GLU A 186 -20.57 28.42 -41.08
C GLU A 186 -21.16 27.52 -40.01
N ASN A 187 -22.29 26.86 -40.29
CA ASN A 187 -22.89 25.93 -39.35
C ASN A 187 -22.43 24.52 -39.71
N ILE A 188 -21.36 24.11 -39.06
CA ILE A 188 -20.82 22.77 -39.21
C ILE A 188 -21.12 21.91 -37.97
N TYR A 189 -22.13 22.28 -37.19
CA TYR A 189 -22.39 21.65 -35.89
C TYR A 189 -23.69 20.86 -35.86
N ASP A 190 -24.40 20.76 -36.98
CA ASP A 190 -25.66 20.00 -37.03
C ASP A 190 -25.54 18.71 -37.81
N GLY A 191 -24.32 18.24 -38.07
CA GLY A 191 -24.11 16.99 -38.77
C GLY A 191 -23.61 17.14 -40.18
N GLU A 192 -23.65 18.33 -40.75
CA GLU A 192 -23.08 18.56 -42.09
C GLU A 192 -21.93 19.55 -41.98
N MET A 193 -20.91 19.32 -42.82
CA MET A 193 -19.73 20.16 -42.69
C MET A 193 -19.03 20.44 -44.02
N ASP A 194 -19.74 20.50 -45.13
CA ASP A 194 -19.07 20.65 -46.42
C ASP A 194 -18.73 22.12 -46.67
N GLY A 195 -17.43 22.48 -46.64
CA GLY A 195 -16.99 23.77 -47.09
C GLY A 195 -15.89 24.37 -46.21
N LEU A 196 -15.62 25.66 -46.46
CA LEU A 196 -14.63 26.44 -45.73
C LEU A 196 -15.35 27.28 -44.68
N THR A 197 -14.81 27.29 -43.44
CA THR A 197 -15.53 27.83 -42.28
C THR A 197 -14.62 28.71 -41.44
N HIS A 198 -15.23 29.58 -40.63
CA HIS A 198 -14.53 30.26 -39.55
C HIS A 198 -14.62 29.38 -38.30
N CYS A 199 -13.49 28.82 -37.90
CA CYS A 199 -13.55 27.78 -36.87
C CYS A 199 -13.81 28.39 -35.50
N CYS A 200 -14.37 27.57 -34.61
CA CYS A 200 -14.48 27.90 -33.20
C CYS A 200 -13.33 27.27 -32.44
N ASP A 201 -13.02 27.82 -31.27
CA ASP A 201 -11.82 27.47 -30.55
C ASP A 201 -12.04 27.42 -29.05
N THR A 202 -11.31 26.52 -28.39
CA THR A 202 -11.24 26.54 -26.93
C THR A 202 -10.30 27.67 -26.52
N ILE A 203 -10.59 28.88 -27.02
CA ILE A 203 -9.92 30.11 -26.63
C ILE A 203 -10.99 31.16 -26.34
N TYR A 204 -10.81 31.94 -25.30
CA TYR A 204 -11.71 33.06 -25.06
C TYR A 204 -10.96 34.17 -24.32
N ARG A 205 -11.13 35.40 -24.83
CA ARG A 205 -10.40 36.57 -24.35
C ARG A 205 -8.92 36.24 -24.19
N GLY A 206 -8.35 35.69 -25.26
CA GLY A 206 -6.92 35.39 -25.32
C GLY A 206 -6.42 34.38 -24.32
N GLN A 207 -7.27 33.47 -23.83
CA GLN A 207 -6.88 32.46 -22.87
C GLN A 207 -7.32 31.10 -23.37
N ARG A 208 -6.51 30.09 -23.06
CA ARG A 208 -6.85 28.71 -23.38
C ARG A 208 -7.95 28.19 -22.47
N SER A 209 -8.95 27.53 -23.04
CA SER A 209 -9.97 26.82 -22.26
C SER A 209 -9.59 25.35 -22.12
N GLY A 210 -9.00 25.00 -20.97
CA GLY A 210 -8.63 23.62 -20.67
C GLY A 210 -9.59 22.94 -19.70
N SER A 211 -9.60 21.60 -19.75
CA SER A 211 -10.54 20.82 -18.94
C SER A 211 -10.32 21.07 -17.45
N PHE A 212 -9.17 21.65 -17.08
CA PHE A 212 -8.95 22.03 -15.70
C PHE A 212 -10.01 23.01 -15.19
N LEU A 213 -10.72 23.68 -16.08
CA LEU A 213 -11.81 24.57 -15.70
C LEU A 213 -12.99 23.82 -15.12
N PHE A 214 -13.02 22.49 -15.22
CA PHE A 214 -14.07 21.68 -14.65
C PHE A 214 -13.91 21.43 -13.15
N VAL A 215 -12.68 21.44 -12.62
CA VAL A 215 -12.46 20.82 -11.32
C VAL A 215 -11.84 21.78 -10.30
N LYS A 216 -11.86 23.09 -10.58
CA LYS A 216 -11.38 24.07 -9.62
C LYS A 216 -12.52 24.62 -8.77
N ASN A 217 -12.16 25.10 -7.58
CA ASN A 217 -13.12 25.72 -6.65
C ASN A 217 -14.21 24.72 -6.28
N LYS A 218 -13.83 23.48 -6.03
CA LYS A 218 -14.79 22.45 -5.64
C LYS A 218 -14.22 21.67 -4.48
N PRO A 219 -14.64 21.99 -3.25
CA PRO A 219 -13.99 21.40 -2.07
C PRO A 219 -14.14 19.90 -1.99
N ASN A 220 -15.12 19.33 -2.68
CA ASN A 220 -15.31 17.89 -2.64
C ASN A 220 -14.42 17.15 -3.65
N ILE A 221 -13.67 17.85 -4.49
CA ILE A 221 -12.71 17.21 -5.37
C ILE A 221 -11.35 17.30 -4.70
N THR A 222 -10.75 16.14 -4.46
CA THR A 222 -9.34 16.07 -4.07
C THR A 222 -8.51 15.82 -5.33
N ILE A 223 -7.57 16.73 -5.60
CA ILE A 223 -6.67 16.64 -6.73
C ILE A 223 -5.28 16.27 -6.22
N VAL A 224 -4.79 15.11 -6.65
CA VAL A 224 -3.45 14.66 -6.27
C VAL A 224 -2.58 14.66 -7.52
N PRO A 225 -1.83 15.72 -7.79
CA PRO A 225 -0.94 15.76 -8.95
C PRO A 225 0.38 15.08 -8.63
N GLU A 226 1.27 15.05 -9.63
CA GLU A 226 2.62 14.51 -9.49
C GLU A 226 2.66 13.09 -8.91
N VAL A 227 1.69 12.26 -9.29
CA VAL A 227 1.73 10.84 -8.94
C VAL A 227 1.55 10.03 -10.21
N HIS A 228 2.29 8.94 -10.30
CA HIS A 228 2.30 8.08 -11.46
C HIS A 228 1.57 6.78 -11.14
N SER A 229 0.61 6.41 -11.98
CA SER A 229 -0.20 5.23 -11.68
C SER A 229 0.62 3.97 -11.85
N LYS A 230 0.43 3.05 -10.92
CA LYS A 230 1.12 1.78 -11.03
C LYS A 230 0.21 0.69 -11.56
N ARG A 231 -1.04 0.66 -11.10
CA ARG A 231 -1.90 -0.48 -11.34
C ARG A 231 -3.31 -0.14 -10.83
N LEU A 232 -4.32 -0.71 -11.47
CA LEU A 232 -5.65 -0.72 -10.89
C LEU A 232 -5.74 -1.85 -9.86
N ILE A 233 -6.38 -1.56 -8.72
CA ILE A 233 -6.60 -2.54 -7.66
C ILE A 233 -7.86 -3.32 -7.99
N ILE A 234 -7.70 -4.59 -8.34
CA ILE A 234 -8.78 -5.48 -8.74
C ILE A 234 -8.93 -6.59 -7.70
N ASN A 235 -10.14 -6.87 -7.28
CA ASN A 235 -10.44 -8.05 -6.47
C ASN A 235 -10.91 -9.18 -7.41
N GLU A 236 -10.15 -10.26 -7.49
CA GLU A 236 -10.49 -11.33 -8.44
C GLU A 236 -11.78 -12.03 -8.07
N ALA A 237 -11.98 -12.31 -6.79
CA ALA A 237 -13.18 -13.02 -6.39
C ALA A 237 -14.43 -12.20 -6.70
N ASP A 238 -14.38 -10.90 -6.43
CA ASP A 238 -15.51 -10.04 -6.69
C ASP A 238 -15.58 -9.58 -8.13
N ARG A 239 -14.53 -9.83 -8.93
CA ARG A 239 -14.38 -9.22 -10.26
C ARG A 239 -14.64 -7.72 -10.19
N THR A 240 -14.12 -7.09 -9.14
CA THR A 240 -14.42 -5.69 -8.82
C THR A 240 -13.15 -4.85 -8.76
N CYS A 241 -13.22 -3.67 -9.37
CA CYS A 241 -12.15 -2.68 -9.24
C CYS A 241 -12.36 -1.93 -7.93
N LYS A 242 -11.33 -1.89 -7.10
CA LYS A 242 -11.41 -1.32 -5.78
C LYS A 242 -10.88 0.10 -5.70
N GLY A 243 -9.97 0.46 -6.59
CA GLY A 243 -9.23 1.70 -6.48
C GLY A 243 -7.98 1.64 -7.35
N VAL A 244 -6.97 2.40 -6.98
CA VAL A 244 -5.78 2.57 -7.81
C VAL A 244 -4.56 2.73 -6.90
N THR A 245 -3.42 2.23 -7.38
CA THR A 245 -2.13 2.39 -6.71
C THR A 245 -1.26 3.35 -7.52
N VAL A 246 -0.65 4.33 -6.83
CA VAL A 246 0.16 5.35 -7.47
C VAL A 246 1.49 5.47 -6.77
N VAL A 247 2.48 6.00 -7.49
CA VAL A 247 3.81 6.28 -6.97
C VAL A 247 4.02 7.79 -6.96
N THR A 248 4.46 8.31 -5.82
CA THR A 248 4.70 9.72 -5.59
C THR A 248 6.11 10.08 -6.04
N ALA A 249 6.37 11.39 -6.07
CA ALA A 249 7.68 11.91 -6.44
C ALA A 249 8.77 11.34 -5.55
N ALA A 250 8.48 11.19 -4.26
CA ALA A 250 9.43 10.63 -3.30
C ALA A 250 9.56 9.11 -3.44
N GLY A 251 8.79 8.48 -4.32
CA GLY A 251 8.93 7.06 -4.55
C GLY A 251 8.12 6.20 -3.61
N ASN A 252 7.09 6.73 -2.99
CA ASN A 252 6.24 5.95 -2.09
C ASN A 252 5.01 5.48 -2.86
N GLU A 253 4.57 4.26 -2.60
CA GLU A 253 3.39 3.73 -3.25
C GLU A 253 2.18 3.95 -2.36
N LEU A 254 1.14 4.53 -2.93
CA LEU A 254 -0.08 4.92 -2.23
C LEU A 254 -1.27 4.19 -2.85
N ASN A 255 -2.19 3.74 -2.01
CA ASN A 255 -3.46 3.15 -2.45
C ASN A 255 -4.60 4.12 -2.16
N PHE A 256 -5.45 4.33 -3.16
CA PHE A 256 -6.68 5.12 -3.02
C PHE A 256 -7.85 4.28 -3.48
N PHE A 257 -8.96 4.38 -2.76
CA PHE A 257 -10.07 3.47 -2.98
C PHE A 257 -11.31 4.27 -3.36
N ALA A 258 -12.12 3.65 -4.21
CA ALA A 258 -13.40 4.21 -4.61
C ALA A 258 -14.51 3.36 -3.99
N ASP A 259 -15.42 4.03 -3.30
CA ASP A 259 -16.54 3.32 -2.73
C ASP A 259 -17.68 3.12 -3.73
N ARG A 260 -17.76 3.95 -4.77
CA ARG A 260 -18.70 3.68 -5.86
C ARG A 260 -18.03 3.13 -7.12
N GLU A 261 -17.15 3.90 -7.76
CA GLU A 261 -16.62 3.50 -9.06
C GLU A 261 -15.28 4.17 -9.35
N VAL A 262 -14.42 3.47 -10.08
CA VAL A 262 -13.19 4.01 -10.65
C VAL A 262 -13.42 4.34 -12.12
N ILE A 263 -13.02 5.52 -12.53
CA ILE A 263 -13.08 5.92 -13.92
C ILE A 263 -11.66 6.10 -14.42
N LEU A 264 -11.30 5.31 -15.44
CA LEU A 264 -9.97 5.36 -16.02
C LEU A 264 -10.01 6.32 -17.21
N SER A 265 -9.17 7.36 -17.17
CA SER A 265 -9.18 8.48 -18.11
C SER A 265 -7.75 8.86 -18.48
N GLN A 266 -6.90 7.87 -18.71
CA GLN A 266 -5.50 8.15 -18.96
C GLN A 266 -5.19 8.36 -20.42
N GLY A 267 -6.20 8.41 -21.28
CA GLY A 267 -6.00 8.73 -22.67
C GLY A 267 -5.64 7.51 -23.48
N VAL A 268 -5.64 7.70 -24.81
CA VAL A 268 -5.61 6.60 -25.76
C VAL A 268 -4.37 5.70 -25.60
N PHE A 269 -3.26 6.23 -25.08
CA PHE A 269 -2.04 5.44 -24.93
C PHE A 269 -1.86 4.84 -23.54
N GLU A 270 -2.14 5.57 -22.46
CA GLU A 270 -1.89 5.03 -21.12
C GLU A 270 -3.06 4.24 -20.54
N THR A 271 -4.30 4.53 -20.98
CA THR A 271 -5.44 3.72 -20.53
C THR A 271 -5.28 2.25 -20.90
N PRO A 272 -5.01 1.86 -22.18
CA PRO A 272 -4.79 0.42 -22.44
C PRO A 272 -3.60 -0.15 -21.70
N LYS A 273 -2.53 0.64 -21.55
CA LYS A 273 -1.37 0.17 -20.79
C LYS A 273 -1.73 -0.10 -19.33
N LEU A 274 -2.36 0.85 -18.66
CA LEU A 274 -2.74 0.61 -17.26
C LEU A 274 -3.69 -0.58 -17.16
N LEU A 275 -4.64 -0.70 -18.08
CA LEU A 275 -5.53 -1.88 -18.05
C LEU A 275 -4.71 -3.17 -18.09
N MET A 276 -3.73 -3.23 -19.00
CA MET A 276 -2.95 -4.45 -19.18
C MET A 276 -2.06 -4.74 -17.97
N LEU A 277 -1.45 -3.71 -17.38
CA LEU A 277 -0.65 -3.93 -16.19
C LEU A 277 -1.50 -4.46 -15.05
N SER A 278 -2.82 -4.24 -15.09
CA SER A 278 -3.75 -4.63 -14.04
C SER A 278 -4.41 -5.96 -14.29
N GLY A 279 -4.01 -6.69 -15.33
CA GLY A 279 -4.58 -7.99 -15.63
C GLY A 279 -5.73 -8.01 -16.61
N ILE A 280 -5.98 -6.93 -17.33
CA ILE A 280 -7.10 -6.86 -18.27
C ILE A 280 -6.54 -6.54 -19.66
N GLY A 281 -6.43 -7.55 -20.51
CA GLY A 281 -5.89 -7.33 -21.83
C GLY A 281 -5.78 -8.65 -22.56
N PRO A 282 -5.06 -8.66 -23.67
CA PRO A 282 -4.87 -9.92 -24.43
C PRO A 282 -3.99 -10.88 -23.63
N THR A 283 -4.53 -12.08 -23.34
CA THR A 283 -3.89 -12.98 -22.36
C THR A 283 -2.45 -13.33 -22.74
N ARG A 284 -2.20 -13.56 -24.04
CA ARG A 284 -0.86 -13.89 -24.50
C ARG A 284 0.09 -12.70 -24.35
N GLU A 285 -0.41 -11.49 -24.63
CA GLU A 285 0.40 -10.29 -24.41
C GLU A 285 0.72 -10.12 -22.93
N LEU A 286 -0.25 -10.35 -22.06
CA LEU A 286 -0.02 -10.25 -20.62
C LEU A 286 1.01 -11.27 -20.15
N SER A 287 0.84 -12.53 -20.56
CA SER A 287 1.78 -13.58 -20.15
C SER A 287 3.20 -13.25 -20.56
N ARG A 288 3.39 -12.76 -21.79
CA ARG A 288 4.73 -12.45 -22.27
C ARG A 288 5.46 -11.45 -21.38
N HIS A 289 4.77 -10.78 -20.45
CA HIS A 289 5.43 -9.85 -19.54
C HIS A 289 5.19 -10.22 -18.07
N GLY A 290 4.83 -11.47 -17.80
CA GLY A 290 4.68 -11.87 -16.41
C GLY A 290 3.47 -11.33 -15.68
N ILE A 291 2.45 -10.85 -16.40
CA ILE A 291 1.24 -10.35 -15.76
C ILE A 291 0.16 -11.42 -15.83
N ASN A 292 -0.48 -11.68 -14.69
CA ASN A 292 -1.56 -12.66 -14.66
C ASN A 292 -2.77 -12.11 -15.42
N THR A 293 -3.54 -13.01 -16.02
CA THR A 293 -4.72 -12.60 -16.77
C THR A 293 -5.94 -12.70 -15.87
N ILE A 294 -6.58 -11.59 -15.57
CA ILE A 294 -7.86 -11.63 -14.86
C ILE A 294 -9.02 -11.68 -15.84
N VAL A 295 -8.99 -10.83 -16.86
CA VAL A 295 -9.96 -10.88 -17.94
C VAL A 295 -9.18 -10.91 -19.26
N ASP A 296 -9.45 -11.92 -20.08
CA ASP A 296 -8.92 -11.99 -21.46
C ASP A 296 -9.75 -11.05 -22.31
N SER A 297 -9.24 -9.83 -22.53
CA SER A 297 -9.94 -8.76 -23.25
C SER A 297 -9.09 -8.44 -24.49
N ARG A 298 -9.42 -9.11 -25.61
CA ARG A 298 -8.51 -9.17 -26.74
C ARG A 298 -8.34 -7.84 -27.44
N HIS A 299 -9.24 -6.91 -27.21
CA HIS A 299 -9.22 -5.62 -27.88
C HIS A 299 -8.45 -4.53 -27.12
N VAL A 300 -7.95 -4.80 -25.92
CA VAL A 300 -7.29 -3.76 -25.15
C VAL A 300 -6.01 -3.38 -25.88
N GLY A 301 -5.89 -2.12 -26.26
CA GLY A 301 -4.74 -1.66 -27.00
C GLY A 301 -4.83 -1.83 -28.50
N GLN A 302 -5.79 -2.59 -29.00
CA GLN A 302 -6.00 -2.75 -30.43
C GLN A 302 -6.90 -1.64 -30.94
N ASN A 303 -7.03 -1.55 -32.26
CA ASN A 303 -7.95 -0.60 -32.90
C ASN A 303 -7.52 0.85 -32.69
N LEU A 304 -6.23 1.06 -32.50
CA LEU A 304 -5.68 2.41 -32.43
C LEU A 304 -5.84 3.06 -33.80
N MET A 305 -6.63 4.14 -33.85
CA MET A 305 -6.88 4.86 -35.10
C MET A 305 -6.66 6.34 -34.88
N ASP A 306 -5.98 6.96 -35.84
CA ASP A 306 -5.60 8.35 -35.78
C ASP A 306 -5.68 8.92 -37.20
N HIS A 307 -5.66 10.26 -37.30
CA HIS A 307 -5.69 10.93 -38.59
C HIS A 307 -4.26 11.18 -39.04
N PRO A 308 -3.84 10.69 -40.21
CA PRO A 308 -2.54 11.12 -40.75
C PRO A 308 -2.66 12.52 -41.34
N GLY A 309 -1.58 13.27 -41.24
CA GLY A 309 -1.49 14.56 -41.91
C GLY A 309 -0.17 14.74 -42.63
N VAL A 310 -0.22 15.38 -43.79
CA VAL A 310 0.97 15.85 -44.48
C VAL A 310 0.91 17.38 -44.53
N PRO A 311 1.61 18.06 -43.64
CA PRO A 311 1.69 19.52 -43.70
C PRO A 311 2.70 20.00 -44.73
N PHE A 312 2.45 21.20 -45.24
CA PHE A 312 3.42 21.85 -46.10
C PHE A 312 3.40 23.35 -45.89
N VAL A 313 4.55 23.98 -46.15
CA VAL A 313 4.76 25.40 -45.89
C VAL A 313 4.94 26.15 -47.21
N LEU A 314 4.28 27.30 -47.34
CA LEU A 314 4.52 28.23 -48.44
C LEU A 314 5.03 29.53 -47.87
N ARG A 315 6.09 30.05 -48.49
CA ARG A 315 6.47 31.43 -48.22
C ARG A 315 5.48 32.34 -48.94
N VAL A 316 5.06 33.38 -48.25
CA VAL A 316 3.96 34.20 -48.71
C VAL A 316 4.41 35.65 -48.61
N LYS A 317 3.77 36.52 -49.39
CA LYS A 317 4.16 37.93 -49.40
C LYS A 317 4.19 38.51 -47.99
N ASP A 318 5.05 39.51 -47.80
CA ASP A 318 5.19 40.15 -46.49
C ASP A 318 3.84 40.67 -45.99
N GLY A 319 3.58 40.43 -44.70
CA GLY A 319 2.32 40.83 -44.11
C GLY A 319 1.16 39.87 -44.31
N PHE A 320 1.40 38.72 -44.93
CA PHE A 320 0.33 37.74 -45.05
C PHE A 320 0.55 36.49 -44.21
N GLY A 321 1.44 36.57 -43.23
CA GLY A 321 1.61 35.58 -42.19
C GLY A 321 2.15 36.29 -40.96
N MET A 322 2.16 35.58 -39.83
CA MET A 322 2.50 36.21 -38.56
C MET A 322 3.94 36.01 -38.14
N ASP A 323 4.77 35.38 -38.98
CA ASP A 323 6.14 35.05 -38.59
C ASP A 323 6.89 36.28 -38.06
N ASP A 324 6.75 37.42 -38.74
CA ASP A 324 7.52 38.59 -38.34
C ASP A 324 7.00 39.21 -37.05
N VAL A 325 5.78 38.88 -36.65
CA VAL A 325 5.27 39.44 -35.40
C VAL A 325 5.53 38.50 -34.22
N LEU A 326 5.30 37.20 -34.38
CA LEU A 326 5.31 36.31 -33.22
C LEU A 326 6.51 35.38 -33.14
N LEU A 327 7.07 34.97 -34.27
CA LEU A 327 8.15 33.98 -34.30
C LEU A 327 9.54 34.56 -34.11
N ARG A 328 9.77 35.80 -34.55
CA ARG A 328 11.10 36.38 -34.56
C ARG A 328 11.18 37.49 -33.54
N HIS A 329 12.28 37.52 -32.81
CA HIS A 329 12.45 38.54 -31.78
C HIS A 329 12.62 39.91 -32.44
N GLY A 330 12.21 40.95 -31.73
CA GLY A 330 12.33 42.30 -32.23
C GLY A 330 11.23 43.21 -31.70
N PRO A 331 11.20 44.47 -32.17
CA PRO A 331 10.19 45.40 -31.66
C PRO A 331 8.77 44.95 -31.90
N LYS A 332 8.47 44.37 -33.08
CA LYS A 332 7.09 43.96 -33.33
C LYS A 332 6.62 42.93 -32.32
N ARG A 333 7.48 41.95 -32.02
CA ARG A 333 7.11 40.94 -31.02
C ARG A 333 7.00 41.56 -29.65
N ASP A 334 8.00 42.36 -29.26
CA ASP A 334 7.97 43.03 -27.97
C ASP A 334 6.69 43.82 -27.79
N ALA A 335 6.23 44.49 -28.84
CA ALA A 335 5.03 45.30 -28.74
C ALA A 335 3.81 44.43 -28.43
N VAL A 336 3.56 43.37 -29.22
CA VAL A 336 2.37 42.56 -28.95
C VAL A 336 2.50 41.81 -27.62
N VAL A 337 3.72 41.45 -27.21
CA VAL A 337 3.90 40.79 -25.92
C VAL A 337 3.58 41.77 -24.78
N SER A 338 3.96 43.04 -24.94
CA SER A 338 3.65 44.02 -23.91
C SER A 338 2.13 44.19 -23.77
N ALA A 339 1.43 44.32 -24.88
CA ALA A 339 -0.03 44.43 -24.84
C ALA A 339 -0.66 43.23 -24.13
N TYR A 340 -0.23 42.02 -24.49
CA TYR A 340 -0.81 40.81 -23.92
C TYR A 340 -0.60 40.76 -22.40
N ASN A 341 0.63 41.05 -21.94
CA ASN A 341 0.93 41.03 -20.51
C ASN A 341 0.11 42.03 -19.70
N LYS A 342 -0.47 43.05 -20.35
CA LYS A 342 -1.27 44.05 -19.64
C LYS A 342 -2.76 43.78 -19.69
N ASN A 343 -3.30 43.34 -20.82
CA ASN A 343 -4.73 43.08 -20.85
C ASN A 343 -5.10 41.83 -21.66
N ARG A 344 -4.12 40.97 -21.97
CA ARG A 344 -4.33 39.75 -22.76
C ARG A 344 -4.91 40.02 -24.16
N SER A 345 -4.81 41.24 -24.69
CA SER A 345 -5.22 41.48 -26.07
C SER A 345 -4.02 41.29 -27.00
N GLY A 346 -4.29 41.33 -28.31
CA GLY A 346 -3.26 41.22 -29.32
C GLY A 346 -3.11 39.80 -29.86
N PRO A 347 -2.26 39.63 -30.89
CA PRO A 347 -2.17 38.32 -31.56
C PRO A 347 -1.46 37.26 -30.74
N VAL A 348 -0.72 37.64 -29.69
CA VAL A 348 -0.22 36.65 -28.74
C VAL A 348 -1.36 35.81 -28.14
N GLY A 349 -2.58 36.35 -28.13
CA GLY A 349 -3.69 35.57 -27.63
C GLY A 349 -4.34 34.69 -28.69
N SER A 350 -3.78 34.65 -29.89
CA SER A 350 -4.36 33.90 -30.99
C SER A 350 -3.80 32.48 -31.08
N GLY A 351 -4.66 31.57 -31.51
CA GLY A 351 -4.25 30.22 -31.83
C GLY A 351 -3.72 30.07 -33.22
N LEU A 352 -3.76 31.15 -34.01
CA LEU A 352 -3.17 31.26 -35.35
C LEU A 352 -3.84 30.40 -36.39
N LEU A 353 -5.01 29.85 -36.08
CA LEU A 353 -5.78 29.07 -37.05
C LEU A 353 -7.19 29.63 -37.06
N GLU A 354 -7.60 30.21 -38.19
CA GLU A 354 -8.85 30.95 -38.27
C GLU A 354 -9.79 30.45 -39.35
N LEU A 355 -9.27 29.93 -40.46
CA LEU A 355 -10.07 29.30 -41.49
C LEU A 355 -9.65 27.85 -41.57
N VAL A 356 -10.64 26.97 -41.73
CA VAL A 356 -10.48 25.52 -41.79
C VAL A 356 -11.40 25.00 -42.89
N GLY A 357 -10.88 24.12 -43.76
CA GLY A 357 -11.66 23.58 -44.87
C GLY A 357 -12.04 22.12 -44.66
N PHE A 358 -13.22 21.75 -45.10
CA PHE A 358 -13.68 20.36 -45.04
C PHE A 358 -14.23 19.95 -46.39
N PRO A 359 -13.36 19.76 -47.38
CA PRO A 359 -13.80 19.41 -48.72
C PRO A 359 -13.92 17.91 -48.94
N ARG A 360 -14.63 17.58 -50.01
CA ARG A 360 -14.45 16.31 -50.69
C ARG A 360 -13.61 16.56 -51.93
N ILE A 361 -12.94 15.51 -52.39
CA ILE A 361 -12.02 15.63 -53.51
C ILE A 361 -12.35 14.58 -54.56
N ASP A 362 -13.64 14.27 -54.72
CA ASP A 362 -14.05 13.22 -55.64
C ASP A 362 -13.47 13.42 -57.05
N LYS A 363 -13.39 14.66 -57.53
CA LYS A 363 -12.91 14.83 -58.91
C LYS A 363 -11.40 14.59 -59.02
N TYR A 364 -10.67 14.77 -57.91
CA TYR A 364 -9.25 14.42 -57.90
C TYR A 364 -9.06 12.91 -57.84
N LEU A 365 -9.82 12.24 -56.97
CA LEU A 365 -9.74 10.78 -56.84
C LEU A 365 -10.11 10.09 -58.14
N GLU A 366 -11.11 10.61 -58.86
CA GLU A 366 -11.61 9.94 -60.07
C GLU A 366 -10.58 9.91 -61.19
N LYS A 367 -9.54 10.75 -61.11
CA LYS A 367 -8.49 10.75 -62.13
C LYS A 367 -7.49 9.62 -61.94
N ASP A 368 -7.52 8.91 -60.83
CA ASP A 368 -6.56 7.86 -60.54
C ASP A 368 -7.16 6.49 -60.83
N ALA A 369 -6.47 5.70 -61.67
CA ALA A 369 -7.04 4.43 -62.10
C ALA A 369 -7.25 3.48 -60.92
N GLU A 370 -6.33 3.47 -59.97
CA GLU A 370 -6.45 2.58 -58.85
C GLU A 370 -7.63 2.97 -57.95
N TYR A 371 -7.88 4.28 -57.76
CA TYR A 371 -9.07 4.68 -57.01
C TYR A 371 -10.33 4.23 -57.73
N ARG A 372 -10.41 4.48 -59.03
CA ARG A 372 -11.58 4.05 -59.80
C ARG A 372 -11.84 2.56 -59.65
N LYS A 373 -10.79 1.74 -59.77
CA LYS A 373 -10.94 0.30 -59.56
C LYS A 373 -11.46 0.00 -58.16
N ALA A 374 -10.90 0.65 -57.15
CA ALA A 374 -11.28 0.34 -55.77
C ALA A 374 -12.72 0.73 -55.48
N LYS A 375 -13.19 1.85 -56.05
CA LYS A 375 -14.57 2.28 -55.89
C LYS A 375 -15.53 1.33 -56.58
N ALA A 376 -15.21 0.92 -57.81
CA ALA A 376 -16.03 -0.08 -58.48
C ALA A 376 -16.04 -1.38 -57.69
N ALA A 377 -14.88 -1.78 -57.16
CA ALA A 377 -14.79 -2.99 -56.36
C ALA A 377 -15.57 -2.88 -55.05
N ASN A 378 -15.86 -1.66 -54.59
CA ASN A 378 -16.72 -1.46 -53.45
C ASN A 378 -18.18 -1.25 -53.84
N GLY A 379 -18.59 -1.76 -55.00
CA GLY A 379 -19.97 -1.63 -55.44
C GLY A 379 -20.41 -0.22 -55.80
N GLY A 380 -19.47 0.63 -56.24
CA GLY A 380 -19.75 2.00 -56.63
C GLY A 380 -19.75 3.06 -55.53
N LYS A 381 -19.46 2.69 -54.28
CA LYS A 381 -19.44 3.63 -53.18
C LYS A 381 -18.01 4.06 -52.83
N ASP A 382 -17.85 5.35 -52.53
CA ASP A 382 -16.56 5.88 -52.16
C ASP A 382 -16.00 5.13 -50.97
N PRO A 383 -14.78 4.58 -51.07
CA PRO A 383 -14.24 3.82 -49.92
C PRO A 383 -14.01 4.69 -48.68
N PHE A 384 -13.63 5.96 -48.87
CA PHE A 384 -13.28 6.82 -47.74
C PHE A 384 -14.52 7.32 -47.00
N SER A 385 -15.42 7.98 -47.72
CA SER A 385 -16.60 8.61 -47.13
C SER A 385 -17.85 8.21 -47.90
N PRO A 386 -18.31 6.97 -47.75
CA PRO A 386 -19.46 6.52 -48.54
C PRO A 386 -20.76 7.23 -48.22
N LEU A 387 -20.86 7.91 -47.09
CA LEU A 387 -22.07 8.59 -46.66
C LEU A 387 -21.96 10.11 -46.76
N GLY A 388 -21.09 10.59 -47.65
CA GLY A 388 -21.06 12.01 -47.93
C GLY A 388 -20.27 12.87 -46.97
N GLN A 389 -19.50 12.28 -46.05
CA GLN A 389 -18.71 13.08 -45.12
C GLN A 389 -17.48 13.67 -45.81
N PRO A 390 -16.79 14.61 -45.17
CA PRO A 390 -15.59 15.17 -45.80
C PRO A 390 -14.51 14.13 -46.05
N HIS A 391 -13.55 14.50 -46.88
CA HIS A 391 -12.31 13.76 -47.02
C HIS A 391 -11.16 14.38 -46.22
N PHE A 392 -11.14 15.70 -46.10
CA PHE A 392 -10.02 16.36 -45.43
C PHE A 392 -10.51 17.41 -44.43
N GLU A 393 -9.66 17.66 -43.44
CA GLU A 393 -9.64 18.92 -42.70
C GLU A 393 -8.36 19.63 -43.11
N LEU A 394 -8.51 20.81 -43.72
CA LEU A 394 -7.38 21.65 -44.12
C LEU A 394 -7.27 22.81 -43.15
N ASP A 395 -6.26 22.75 -42.28
CA ASP A 395 -5.94 23.84 -41.36
C ASP A 395 -4.98 24.75 -42.09
N PHE A 396 -5.35 26.00 -42.23
CA PHE A 396 -4.50 27.02 -42.85
C PHE A 396 -3.90 27.83 -41.71
N VAL A 397 -2.76 27.39 -41.19
CA VAL A 397 -2.11 28.05 -40.07
C VAL A 397 -1.34 29.26 -40.62
N CYS A 398 -1.67 30.46 -40.14
CA CYS A 398 -1.14 31.66 -40.78
C CYS A 398 0.26 32.03 -40.31
N MET A 399 1.18 31.05 -40.35
CA MET A 399 2.53 31.21 -39.85
C MET A 399 3.29 29.92 -40.10
N PHE A 400 4.62 29.99 -40.09
CA PHE A 400 5.39 28.75 -40.06
C PHE A 400 5.10 28.03 -38.73
N GLY A 401 4.68 26.76 -38.82
CA GLY A 401 4.38 25.99 -37.63
C GLY A 401 5.39 24.87 -37.35
N THR A 402 6.25 25.05 -36.34
CA THR A 402 7.26 24.03 -36.05
C THR A 402 6.64 22.70 -35.67
N ALA A 403 5.50 22.73 -34.99
CA ALA A 403 4.80 21.50 -34.63
C ALA A 403 4.30 20.72 -35.84
N PHE A 404 4.38 21.29 -37.03
CA PHE A 404 3.98 20.59 -38.24
C PHE A 404 5.12 20.45 -39.23
N GLN A 405 6.37 20.77 -38.84
CA GLN A 405 7.56 20.57 -39.67
C GLN A 405 8.63 19.91 -38.81
N TRP A 406 8.53 18.59 -38.70
CA TRP A 406 9.31 17.85 -37.70
C TRP A 406 10.77 17.66 -38.11
N HIS A 407 11.10 17.77 -39.41
CA HIS A 407 12.47 17.55 -39.85
C HIS A 407 13.03 18.74 -40.60
N PHE A 408 12.33 19.89 -40.61
CA PHE A 408 12.85 21.05 -41.30
C PHE A 408 13.17 22.17 -40.33
N PRO A 409 14.21 22.96 -40.56
CA PRO A 409 14.49 24.09 -39.67
C PRO A 409 13.48 25.20 -39.89
N THR A 410 13.37 26.05 -38.89
CA THR A 410 12.56 27.26 -39.04
C THR A 410 13.22 28.17 -40.07
N PRO A 411 12.50 28.67 -41.06
CA PRO A 411 13.10 29.62 -41.99
C PRO A 411 13.59 30.83 -41.21
N LYS A 412 14.71 31.41 -41.63
CA LYS A 412 15.24 32.56 -40.90
C LYS A 412 14.62 33.87 -41.34
N THR A 413 13.93 33.89 -42.48
CA THR A 413 13.28 35.10 -42.99
C THR A 413 11.96 34.75 -43.64
N GLY A 414 11.11 35.78 -43.79
CA GLY A 414 9.91 35.67 -44.57
C GLY A 414 8.69 35.30 -43.75
N ASP A 415 7.52 35.55 -44.34
CA ASP A 415 6.24 35.16 -43.75
C ASP A 415 5.73 33.89 -44.43
N HIS A 416 5.02 33.08 -43.68
CA HIS A 416 4.66 31.76 -44.18
C HIS A 416 3.22 31.38 -43.88
N LEU A 417 2.75 30.40 -44.64
CA LEU A 417 1.52 29.69 -44.36
C LEU A 417 1.85 28.20 -44.22
N THR A 418 1.38 27.59 -43.13
CA THR A 418 1.47 26.14 -42.93
C THR A 418 0.09 25.52 -43.17
N VAL A 419 -0.03 24.68 -44.20
CA VAL A 419 -1.27 23.98 -44.49
C VAL A 419 -1.16 22.54 -43.97
N VAL A 420 -2.04 22.18 -43.04
CA VAL A 420 -2.07 20.84 -42.47
C VAL A 420 -3.08 20.04 -43.27
N VAL A 421 -2.60 19.19 -44.17
CA VAL A 421 -3.50 18.39 -44.99
C VAL A 421 -3.81 17.12 -44.20
N ASP A 422 -4.97 17.13 -43.56
CA ASP A 422 -5.37 16.17 -42.53
C ASP A 422 -6.45 15.28 -43.14
N LEU A 423 -6.09 14.02 -43.42
CA LEU A 423 -7.01 13.05 -44.00
C LEU A 423 -7.90 12.48 -42.90
N VAL A 424 -9.17 12.88 -42.90
CA VAL A 424 -10.04 12.59 -41.76
C VAL A 424 -10.82 11.30 -41.91
N ARG A 425 -10.93 10.74 -43.12
CA ARG A 425 -11.58 9.46 -43.34
C ARG A 425 -10.63 8.45 -44.00
N PRO A 426 -9.53 8.09 -43.32
CA PRO A 426 -8.65 7.07 -43.88
C PRO A 426 -9.31 5.69 -43.81
N ILE A 427 -8.83 4.77 -44.63
CA ILE A 427 -9.32 3.39 -44.61
C ILE A 427 -8.25 2.38 -44.22
N SER A 428 -7.02 2.82 -43.93
CA SER A 428 -6.01 1.90 -43.42
C SER A 428 -6.48 1.20 -42.14
N ASP A 429 -6.09 -0.06 -41.98
CA ASP A 429 -6.37 -0.79 -40.76
C ASP A 429 -5.79 -0.05 -39.56
N PRO A 430 -6.32 -0.27 -38.37
CA PRO A 430 -5.79 0.41 -37.20
C PRO A 430 -4.44 -0.16 -36.77
N GLY A 431 -3.71 0.65 -36.01
CA GLY A 431 -2.49 0.23 -35.36
C GLY A 431 -2.77 -0.35 -33.98
N GLU A 432 -1.80 -0.24 -33.09
CA GLU A 432 -1.98 -0.91 -31.81
C GLU A 432 -1.04 -0.31 -30.77
N VAL A 433 -1.49 -0.36 -29.51
CA VAL A 433 -0.67 -0.03 -28.35
C VAL A 433 -0.34 -1.34 -27.65
N THR A 434 0.94 -1.62 -27.46
CA THR A 434 1.35 -2.86 -26.83
C THR A 434 2.31 -2.57 -25.70
N LEU A 435 2.42 -3.53 -24.79
CA LEU A 435 3.34 -3.39 -23.67
C LEU A 435 4.77 -3.57 -24.12
N ASN A 436 5.65 -2.73 -23.62
CA ASN A 436 7.06 -3.00 -23.74
C ASN A 436 7.59 -3.85 -22.58
N SER A 437 6.95 -3.75 -21.42
CA SER A 437 7.34 -4.50 -20.23
C SER A 437 6.24 -4.27 -19.20
N ALA A 438 6.44 -4.86 -18.03
CA ALA A 438 5.54 -4.64 -16.90
C ALA A 438 5.91 -3.41 -16.09
N ASP A 439 6.87 -2.64 -16.56
CA ASP A 439 7.31 -1.44 -15.86
C ASP A 439 6.31 -0.31 -16.05
N PRO A 440 5.68 0.19 -14.99
CA PRO A 440 4.68 1.26 -15.15
C PRO A 440 5.28 2.59 -15.58
N PHE A 441 6.60 2.74 -15.53
CA PHE A 441 7.24 3.99 -15.92
C PHE A 441 7.78 3.96 -17.35
N GLN A 442 7.66 2.84 -18.07
CA GLN A 442 8.02 2.84 -19.48
C GLN A 442 6.80 3.17 -20.34
N GLN A 443 7.04 3.88 -21.42
CA GLN A 443 5.95 4.14 -22.34
C GLN A 443 5.51 2.82 -22.98
N PRO A 444 4.26 2.74 -23.40
CA PRO A 444 3.86 1.60 -24.23
C PRO A 444 4.46 1.77 -25.61
N ASN A 445 4.55 0.65 -26.33
CA ASN A 445 4.96 0.73 -27.72
C ASN A 445 3.73 1.09 -28.57
N ILE A 446 3.92 2.02 -29.50
CA ILE A 446 2.82 2.68 -30.20
C ILE A 446 3.09 2.62 -31.70
N ASN A 447 2.16 2.07 -32.44
CA ASN A 447 2.24 2.00 -33.90
C ASN A 447 0.94 2.57 -34.48
N LEU A 448 1.04 3.74 -35.14
CA LEU A 448 -0.17 4.33 -35.72
C LEU A 448 -0.59 3.67 -37.02
N ASN A 449 0.32 2.98 -37.70
CA ASN A 449 0.00 2.23 -38.92
C ASN A 449 -0.65 3.13 -39.97
N PHE A 450 -0.14 4.35 -40.11
CA PHE A 450 -0.61 5.24 -41.15
C PHE A 450 -0.24 4.65 -42.50
N PHE A 451 -1.17 4.73 -43.45
CA PHE A 451 -0.93 4.42 -44.86
C PHE A 451 -0.63 2.94 -45.09
N ALA A 452 -1.17 2.07 -44.24
CA ALA A 452 -1.14 0.63 -44.55
C ALA A 452 -1.82 0.34 -45.87
N ASN A 453 -2.92 1.03 -46.17
CA ASN A 453 -3.60 0.86 -47.46
C ASN A 453 -3.08 1.90 -48.45
N ASP A 454 -2.65 1.46 -49.63
CA ASP A 454 -2.16 2.39 -50.65
C ASP A 454 -3.18 3.47 -51.01
N LEU A 455 -4.48 3.18 -50.90
CA LEU A 455 -5.49 4.15 -51.28
C LEU A 455 -5.41 5.42 -50.43
N ASP A 456 -5.05 5.28 -49.16
CA ASP A 456 -4.85 6.46 -48.30
C ASP A 456 -3.73 7.31 -48.83
N ILE A 457 -2.70 6.68 -49.41
CA ILE A 457 -1.61 7.44 -50.02
C ILE A 457 -2.13 8.24 -51.21
N ILE A 458 -2.94 7.59 -52.05
CA ILE A 458 -3.52 8.22 -53.23
C ILE A 458 -4.37 9.42 -52.80
N ALA A 459 -5.17 9.23 -51.75
CA ALA A 459 -6.03 10.29 -51.24
C ALA A 459 -5.22 11.48 -50.71
N MET A 460 -4.21 11.20 -49.88
CA MET A 460 -3.41 12.27 -49.30
C MET A 460 -2.70 13.07 -50.37
N ARG A 461 -2.15 12.38 -51.37
CA ARG A 461 -1.55 13.04 -52.53
C ARG A 461 -2.54 13.98 -53.22
N GLU A 462 -3.74 13.49 -53.48
CA GLU A 462 -4.75 14.32 -54.12
C GLU A 462 -5.22 15.43 -53.20
N GLY A 463 -5.22 15.19 -51.89
CA GLY A 463 -5.54 16.27 -50.96
C GLY A 463 -4.50 17.37 -50.98
N ILE A 464 -3.24 17.01 -51.21
CA ILE A 464 -2.18 17.98 -51.40
C ILE A 464 -2.37 18.71 -52.72
N ARG A 465 -2.73 17.98 -53.79
CA ARG A 465 -2.95 18.63 -55.08
C ARG A 465 -4.10 19.62 -55.01
N PHE A 466 -5.21 19.21 -54.38
CA PHE A 466 -6.31 20.14 -54.15
C PHE A 466 -5.80 21.40 -53.47
N SER A 467 -5.04 21.24 -52.38
CA SER A 467 -4.56 22.42 -51.65
C SER A 467 -3.66 23.29 -52.50
N TYR A 468 -2.79 22.67 -53.31
CA TYR A 468 -1.92 23.44 -54.19
C TYR A 468 -2.72 24.18 -55.25
N ASP A 469 -3.69 23.49 -55.87
CA ASP A 469 -4.56 24.15 -56.84
C ASP A 469 -5.27 25.35 -56.22
N LEU A 470 -5.74 25.20 -54.98
CA LEU A 470 -6.43 26.28 -54.30
C LEU A 470 -5.52 27.51 -54.13
N LEU A 471 -4.30 27.31 -53.65
CA LEU A 471 -3.46 28.42 -53.25
C LEU A 471 -2.66 29.01 -54.40
N PHE A 472 -2.28 28.20 -55.38
CA PHE A 472 -1.48 28.68 -56.51
C PHE A 472 -2.34 29.18 -57.66
N LYS A 473 -3.51 28.59 -57.86
CA LYS A 473 -4.42 29.00 -58.93
C LYS A 473 -5.63 29.78 -58.43
N GLY A 474 -6.05 29.60 -57.18
CA GLY A 474 -7.26 30.23 -56.69
C GLY A 474 -7.14 31.73 -56.66
N GLU A 475 -8.27 32.40 -56.93
CA GLU A 475 -8.12 33.82 -57.18
C GLU A 475 -7.85 34.60 -55.89
N GLY A 476 -7.00 35.63 -55.99
CA GLY A 476 -6.63 36.48 -54.90
C GLY A 476 -5.40 35.89 -54.26
N PHE A 477 -5.52 34.68 -53.69
CA PHE A 477 -4.39 34.08 -52.99
C PHE A 477 -3.25 33.70 -53.93
N LYS A 478 -3.55 33.45 -55.20
CA LYS A 478 -2.49 33.10 -56.15
C LYS A 478 -1.40 34.17 -56.23
N ASP A 479 -1.75 35.43 -56.01
CA ASP A 479 -0.75 36.49 -56.06
C ASP A 479 0.06 36.62 -54.78
N LEU A 480 -0.20 35.79 -53.77
CA LEU A 480 0.48 35.94 -52.50
C LEU A 480 1.58 34.91 -52.29
N VAL A 481 1.56 33.83 -53.06
CA VAL A 481 2.52 32.75 -52.88
C VAL A 481 3.84 33.19 -53.50
N GLU A 482 4.91 33.19 -52.70
CA GLU A 482 6.27 33.48 -53.16
C GLU A 482 7.10 32.23 -53.45
N SER A 483 7.06 31.19 -52.61
CA SER A 483 7.83 29.98 -52.88
C SER A 483 7.36 28.84 -51.98
N GLU A 484 7.85 27.63 -52.29
CA GLU A 484 7.60 26.45 -51.47
C GLU A 484 8.78 26.23 -50.52
N TYR A 485 8.46 25.72 -49.33
CA TYR A 485 9.51 25.46 -48.37
C TYR A 485 9.35 24.03 -47.89
N PRO A 486 10.45 23.27 -47.78
CA PRO A 486 11.83 23.65 -48.06
C PRO A 486 12.29 23.30 -49.47
N TRP A 487 11.44 22.66 -50.26
CA TRP A 487 11.73 22.38 -51.66
C TRP A 487 10.39 22.13 -52.33
N GLU A 488 10.40 21.93 -53.64
CA GLU A 488 9.15 21.78 -54.36
C GLU A 488 8.46 20.48 -53.98
N MET A 489 7.12 20.54 -53.86
CA MET A 489 6.30 19.33 -53.72
C MET A 489 6.25 18.63 -55.08
N PRO A 490 6.69 17.37 -55.18
CA PRO A 490 6.81 16.70 -56.49
C PRO A 490 5.48 16.21 -57.05
N LEU A 491 4.52 17.12 -57.16
CA LEU A 491 3.17 16.78 -57.61
C LEU A 491 3.10 16.27 -59.05
N ASP A 492 4.18 16.39 -59.82
CA ASP A 492 4.16 15.98 -61.21
C ASP A 492 4.49 14.51 -61.41
N SER A 493 4.72 13.78 -60.33
CA SER A 493 5.16 12.39 -60.40
C SER A 493 4.48 11.64 -59.27
N ASP A 494 3.59 10.71 -59.64
CA ASP A 494 2.91 9.93 -58.61
C ASP A 494 3.89 9.13 -57.77
N LYS A 495 4.93 8.61 -58.41
CA LYS A 495 5.89 7.78 -57.70
C LYS A 495 6.69 8.58 -56.69
N GLU A 496 6.99 9.84 -57.00
CA GLU A 496 7.68 10.66 -56.01
C GLU A 496 6.74 11.10 -54.90
N MET A 497 5.45 11.34 -55.23
CA MET A 497 4.48 11.71 -54.22
C MET A 497 4.25 10.59 -53.21
N HIS A 498 4.33 9.34 -53.68
CA HIS A 498 4.28 8.17 -52.81
C HIS A 498 5.33 8.26 -51.70
N ARG A 499 6.55 8.56 -52.10
CA ARG A 499 7.62 8.72 -51.12
C ARG A 499 7.41 9.98 -50.28
N ALA A 500 6.95 11.05 -50.91
CA ALA A 500 6.76 12.29 -50.19
C ALA A 500 5.68 12.17 -49.11
N VAL A 501 4.58 11.48 -49.39
CA VAL A 501 3.53 11.32 -48.39
C VAL A 501 4.04 10.49 -47.22
N LEU A 502 4.69 9.37 -47.51
CA LEU A 502 5.19 8.50 -46.43
C LEU A 502 6.23 9.21 -45.59
N ASP A 503 7.13 9.96 -46.24
CA ASP A 503 8.27 10.54 -45.55
C ASP A 503 7.96 11.86 -44.86
N ARG A 504 6.91 12.55 -45.28
CA ARG A 504 6.60 13.83 -44.69
C ARG A 504 5.40 13.80 -43.75
N CYS A 505 4.65 12.71 -43.69
CA CYS A 505 3.44 12.72 -42.90
C CYS A 505 3.76 12.75 -41.40
N GLN A 506 2.73 13.05 -40.62
CA GLN A 506 2.82 13.03 -39.17
C GLN A 506 1.43 12.74 -38.63
N THR A 507 1.35 12.61 -37.30
CA THR A 507 0.04 12.57 -36.66
C THR A 507 -0.61 13.94 -36.73
N ALA A 508 -1.90 13.97 -37.02
CA ALA A 508 -2.68 15.19 -36.82
C ALA A 508 -3.12 15.35 -35.38
N PHE A 509 -2.65 14.47 -34.50
CA PHE A 509 -2.85 14.51 -33.05
C PHE A 509 -4.24 14.06 -32.61
N HIS A 510 -4.84 13.10 -33.34
CA HIS A 510 -6.18 12.64 -32.98
C HIS A 510 -6.27 11.15 -32.65
N PRO A 511 -5.37 10.58 -31.85
CA PRO A 511 -5.44 9.12 -31.64
C PRO A 511 -6.67 8.71 -30.80
N THR A 512 -7.24 7.56 -31.17
CA THR A 512 -8.48 7.02 -30.59
C THR A 512 -8.46 5.50 -30.58
N GLY A 513 -9.41 4.91 -29.83
CA GLY A 513 -9.94 3.60 -30.13
C GLY A 513 -9.37 2.40 -29.39
N THR A 514 -8.46 2.61 -28.44
CA THR A 514 -7.69 1.50 -27.87
C THR A 514 -8.39 0.77 -26.74
N ALA A 515 -9.54 1.26 -26.28
CA ALA A 515 -10.40 0.54 -25.31
C ALA A 515 -11.86 0.71 -25.69
N ARG A 516 -12.20 0.41 -26.95
CA ARG A 516 -13.38 0.99 -27.57
C ARG A 516 -14.69 0.46 -26.98
N LEU A 517 -15.72 1.31 -27.08
CA LEU A 517 -17.03 0.90 -26.64
C LEU A 517 -17.62 -0.09 -27.63
N SER A 518 -18.50 -0.95 -27.11
CA SER A 518 -18.89 -2.15 -27.84
C SER A 518 -20.04 -2.83 -27.10
N LYS A 519 -20.60 -3.84 -27.73
CA LYS A 519 -21.73 -4.52 -27.12
C LYS A 519 -21.31 -5.73 -26.30
N ASN A 520 -20.09 -6.23 -26.51
CA ASN A 520 -19.59 -7.41 -25.82
C ASN A 520 -18.07 -7.41 -25.94
N ILE A 521 -17.43 -8.32 -25.19
CA ILE A 521 -15.97 -8.30 -25.08
C ILE A 521 -15.31 -8.85 -26.33
N ASP A 522 -16.07 -9.55 -27.17
CA ASP A 522 -15.52 -9.98 -28.45
C ASP A 522 -15.49 -8.88 -29.47
N GLN A 523 -16.14 -7.74 -29.19
CA GLN A 523 -16.15 -6.60 -30.08
C GLN A 523 -15.30 -5.45 -29.58
N GLY A 524 -15.16 -5.31 -28.27
CA GLY A 524 -14.41 -4.21 -27.71
C GLY A 524 -14.18 -4.44 -26.23
N VAL A 525 -13.74 -3.38 -25.54
CA VAL A 525 -13.32 -3.54 -24.15
C VAL A 525 -14.34 -2.98 -23.16
N VAL A 526 -15.09 -1.90 -23.50
CA VAL A 526 -16.14 -1.41 -22.61
C VAL A 526 -17.50 -1.52 -23.31
N ASP A 527 -18.57 -1.52 -22.49
CA ASP A 527 -19.94 -1.68 -22.99
C ASP A 527 -20.61 -0.31 -23.19
N PRO A 528 -21.86 -0.25 -23.68
CA PRO A 528 -22.43 1.07 -23.99
C PRO A 528 -22.52 2.00 -22.81
N LYS A 529 -22.46 1.49 -21.58
CA LYS A 529 -22.39 2.35 -20.40
C LYS A 529 -20.96 2.64 -19.99
N LEU A 530 -19.99 2.34 -20.87
CA LEU A 530 -18.58 2.61 -20.67
C LEU A 530 -17.97 1.78 -19.54
N LYS A 531 -18.65 0.72 -19.13
CA LYS A 531 -18.10 -0.22 -18.15
C LYS A 531 -17.16 -1.23 -18.82
N VAL A 532 -16.00 -1.46 -18.18
CA VAL A 532 -15.04 -2.43 -18.69
C VAL A 532 -15.68 -3.82 -18.64
N HIS A 533 -15.74 -4.50 -19.80
CA HIS A 533 -16.33 -5.85 -19.85
C HIS A 533 -15.63 -6.80 -18.89
N GLY A 534 -16.39 -7.42 -18.00
CA GLY A 534 -15.81 -8.38 -17.09
C GLY A 534 -15.40 -7.83 -15.75
N ILE A 535 -15.52 -6.52 -15.54
CA ILE A 535 -15.11 -5.90 -14.29
C ILE A 535 -16.23 -5.01 -13.80
N LYS A 536 -16.55 -5.11 -12.51
CA LYS A 536 -17.51 -4.20 -11.90
C LYS A 536 -16.81 -2.98 -11.33
N LYS A 537 -17.52 -1.85 -11.36
CA LYS A 537 -17.08 -0.60 -10.75
C LYS A 537 -15.90 0.01 -11.48
N LEU A 538 -15.77 -0.26 -12.78
CA LEU A 538 -14.69 0.30 -13.58
C LEU A 538 -15.24 0.82 -14.90
N ARG A 539 -15.08 2.10 -15.13
CA ARG A 539 -15.46 2.70 -16.39
C ARG A 539 -14.23 3.33 -17.01
N VAL A 540 -14.29 3.52 -18.33
CA VAL A 540 -13.27 4.23 -19.09
C VAL A 540 -13.92 5.43 -19.76
N ALA A 541 -13.32 6.62 -19.57
CA ALA A 541 -13.85 7.83 -20.19
C ALA A 541 -12.66 8.64 -20.73
N ASP A 542 -12.36 8.45 -22.02
CA ASP A 542 -11.35 9.21 -22.76
C ASP A 542 -11.43 8.81 -24.23
N ALA A 543 -10.49 9.31 -25.03
CA ALA A 543 -10.50 9.05 -26.47
C ALA A 543 -10.38 7.57 -26.80
N SER A 544 -9.99 6.71 -25.85
CA SER A 544 -9.80 5.31 -26.23
C SER A 544 -11.12 4.58 -26.41
N VAL A 545 -12.25 5.15 -25.95
CA VAL A 545 -13.52 4.47 -26.12
C VAL A 545 -14.11 4.74 -27.48
N ILE A 546 -13.62 5.76 -28.19
CA ILE A 546 -14.16 6.20 -29.47
C ILE A 546 -14.07 5.09 -30.51
N PRO A 547 -15.18 4.57 -31.00
CA PRO A 547 -15.10 3.39 -31.87
C PRO A 547 -14.90 3.68 -33.36
N ILE A 548 -15.24 4.90 -33.82
CA ILE A 548 -15.01 5.33 -35.21
C ILE A 548 -14.54 6.77 -35.16
N ILE A 549 -13.34 7.04 -35.66
CA ILE A 549 -12.76 8.36 -35.39
C ILE A 549 -13.58 9.43 -36.10
N PRO A 550 -13.90 10.55 -35.45
CA PRO A 550 -14.66 11.60 -36.12
C PRO A 550 -13.92 12.16 -37.34
N ASP A 551 -14.65 12.97 -38.12
CA ASP A 551 -14.23 13.47 -39.43
C ASP A 551 -13.46 14.79 -39.33
N CYS A 552 -12.73 15.01 -38.24
CA CYS A 552 -12.20 16.31 -37.86
C CYS A 552 -11.39 16.19 -36.59
N ALA A 553 -10.81 17.30 -36.12
CA ALA A 553 -10.20 17.37 -34.79
C ALA A 553 -11.19 16.87 -33.73
N ILE A 554 -10.68 16.17 -32.71
CA ILE A 554 -11.53 15.24 -31.95
C ILE A 554 -11.87 15.71 -30.55
N GLN A 555 -11.31 16.83 -30.07
CA GLN A 555 -11.50 17.19 -28.67
C GLN A 555 -12.98 17.36 -28.31
N ASN A 556 -13.78 17.84 -29.25
CA ASN A 556 -15.21 18.01 -29.00
C ASN A 556 -15.87 16.67 -28.66
N SER A 557 -15.59 15.64 -29.45
CA SER A 557 -16.14 14.30 -29.13
C SER A 557 -15.57 13.74 -27.82
N VAL A 558 -14.33 14.09 -27.46
CA VAL A 558 -13.77 13.55 -26.23
C VAL A 558 -14.50 14.13 -25.02
N TYR A 559 -14.72 15.45 -24.99
CA TYR A 559 -15.55 16.06 -23.95
C TYR A 559 -16.93 15.42 -23.90
N ALA A 560 -17.55 15.21 -25.06
CA ALA A 560 -18.88 14.60 -25.08
C ALA A 560 -18.87 13.24 -24.41
N VAL A 561 -17.81 12.45 -24.64
CA VAL A 561 -17.70 11.13 -24.02
C VAL A 561 -17.70 11.26 -22.50
N GLY A 562 -16.89 12.21 -21.99
CA GLY A 562 -16.90 12.47 -20.55
C GLY A 562 -18.25 12.94 -20.04
N GLU A 563 -18.92 13.84 -20.77
CA GLU A 563 -20.22 14.33 -20.32
C GLU A 563 -21.23 13.19 -20.20
N LYS A 564 -21.27 12.32 -21.22
CA LYS A 564 -22.20 11.19 -21.21
C LYS A 564 -21.81 10.18 -20.14
N CYS A 565 -20.52 9.96 -19.92
CA CYS A 565 -20.12 9.04 -18.86
C CYS A 565 -20.68 9.49 -17.52
N ALA A 566 -20.53 10.76 -17.20
CA ALA A 566 -21.01 11.28 -15.93
C ALA A 566 -22.52 11.13 -15.77
N ASP A 567 -23.28 11.42 -16.84
CA ASP A 567 -24.74 11.22 -16.81
C ASP A 567 -25.10 9.76 -16.56
N MET A 568 -24.45 8.81 -17.27
CA MET A 568 -24.77 7.40 -17.04
C MET A 568 -24.35 6.95 -15.62
N ILE A 569 -23.29 7.52 -15.07
CA ILE A 569 -22.92 7.20 -13.68
C ILE A 569 -23.96 7.74 -12.72
N LYS A 570 -24.41 8.98 -12.92
CA LYS A 570 -25.43 9.56 -12.06
C LYS A 570 -26.73 8.76 -12.14
N ALA A 571 -27.08 8.26 -13.32
CA ALA A 571 -28.35 7.55 -13.43
C ALA A 571 -28.31 6.24 -12.68
N GLU A 572 -27.12 5.67 -12.52
CA GLU A 572 -27.06 4.41 -11.79
C GLU A 572 -27.05 4.62 -10.28
N HIS A 573 -26.43 5.71 -9.79
CA HIS A 573 -26.36 5.95 -8.34
C HIS A 573 -27.47 6.90 -7.91
N LYS A 574 -28.70 6.35 -7.92
CA LYS A 574 -29.88 7.13 -7.57
C LYS A 574 -29.80 7.66 -6.14
N ASP A 575 -29.10 6.98 -5.24
CA ASP A 575 -29.06 7.49 -3.88
C ASP A 575 -28.21 8.74 -3.74
N LEU A 576 -27.43 9.10 -4.75
CA LEU A 576 -26.60 10.29 -4.66
C LEU A 576 -27.03 11.38 -5.64
N TYR A 577 -27.86 11.06 -6.62
CA TYR A 577 -28.22 12.04 -7.64
C TYR A 577 -29.73 12.14 -7.85
N ALA B 1 21.68 16.04 -14.45
CA ALA B 1 22.63 15.47 -15.41
C ALA B 1 21.90 14.95 -16.64
N THR B 2 22.58 14.95 -17.77
CA THR B 2 21.94 14.54 -19.00
C THR B 2 21.78 13.04 -19.02
N ASP B 3 20.63 12.60 -19.51
CA ASP B 3 20.35 11.19 -19.67
C ASP B 3 21.41 10.56 -20.56
N GLY B 4 21.96 9.43 -20.14
CA GLY B 4 22.95 8.72 -20.91
C GLY B 4 24.38 9.14 -20.69
N SER B 5 24.63 10.08 -19.79
CA SER B 5 25.98 10.59 -19.53
C SER B 5 26.90 9.50 -18.97
N HIS B 6 28.17 9.63 -19.29
CA HIS B 6 29.21 8.70 -18.85
C HIS B 6 30.07 9.37 -17.78
N PHE B 7 30.44 8.58 -16.77
CA PHE B 7 31.37 8.98 -15.73
C PHE B 7 32.35 7.84 -15.57
N ASP B 8 33.53 8.13 -15.00
CA ASP B 8 34.46 7.03 -14.70
C ASP B 8 33.87 6.09 -13.66
N PHE B 9 33.26 6.65 -12.62
CA PHE B 9 32.76 5.87 -11.50
C PHE B 9 31.36 6.34 -11.13
N VAL B 10 30.46 5.38 -10.98
CA VAL B 10 29.09 5.63 -10.56
C VAL B 10 28.88 4.97 -9.20
N ILE B 11 28.54 5.78 -8.20
CA ILE B 11 28.18 5.28 -6.88
C ILE B 11 26.66 5.29 -6.80
N VAL B 12 26.07 4.12 -6.57
CA VAL B 12 24.62 3.93 -6.52
C VAL B 12 24.26 3.92 -5.03
N GLY B 13 23.73 5.05 -4.56
CA GLY B 13 23.44 5.21 -3.13
C GLY B 13 24.45 6.07 -2.40
N GLY B 14 24.12 7.33 -2.16
CA GLY B 14 25.02 8.24 -1.49
C GLY B 14 24.93 8.14 0.02
N GLY B 15 25.22 6.98 0.56
CA GLY B 15 25.14 6.72 1.98
C GLY B 15 26.49 6.80 2.65
N THR B 16 26.63 6.08 3.75
CA THR B 16 27.85 6.14 4.54
C THR B 16 29.04 5.65 3.74
N ALA B 17 29.03 4.40 3.30
CA ALA B 17 30.18 3.93 2.54
C ALA B 17 30.18 4.52 1.11
N GLY B 18 29.00 4.76 0.53
CA GLY B 18 28.96 5.30 -0.82
C GLY B 18 29.66 6.63 -0.97
N ASN B 19 29.36 7.58 -0.08
CA ASN B 19 30.01 8.88 -0.20
C ASN B 19 31.50 8.80 0.12
N THR B 20 31.90 7.85 0.96
CA THR B 20 33.31 7.63 1.22
C THR B 20 34.05 7.22 -0.05
N VAL B 21 33.53 6.19 -0.74
CA VAL B 21 34.15 5.74 -1.99
C VAL B 21 34.18 6.88 -3.01
N ALA B 22 33.05 7.57 -3.17
CA ALA B 22 32.96 8.62 -4.16
C ALA B 22 33.95 9.74 -3.88
N GLY B 23 34.05 10.17 -2.62
CA GLY B 23 34.95 11.27 -2.29
C GLY B 23 36.42 10.92 -2.44
N ARG B 24 36.78 9.67 -2.13
CA ARG B 24 38.17 9.26 -2.26
C ARG B 24 38.57 9.16 -3.72
N LEU B 25 37.66 8.67 -4.57
CA LEU B 25 38.02 8.54 -5.97
C LEU B 25 38.11 9.91 -6.63
N ALA B 26 37.36 10.88 -6.12
CA ALA B 26 37.42 12.24 -6.64
C ALA B 26 38.68 12.99 -6.21
N GLU B 27 39.56 12.37 -5.42
CA GLU B 27 40.76 13.08 -5.03
C GLU B 27 41.69 13.30 -6.22
N ASN B 28 41.54 12.55 -7.30
CA ASN B 28 42.13 12.97 -8.56
C ASN B 28 41.10 13.87 -9.23
N PRO B 29 41.34 15.18 -9.32
CA PRO B 29 40.29 16.09 -9.80
C PRO B 29 39.88 15.85 -11.25
N ASN B 30 40.60 15.00 -12.00
CA ASN B 30 40.26 14.69 -13.38
C ASN B 30 39.30 13.52 -13.52
N VAL B 31 39.16 12.71 -12.47
CA VAL B 31 38.26 11.57 -12.48
C VAL B 31 36.83 12.07 -12.26
N THR B 32 35.92 11.63 -13.13
CA THR B 32 34.51 12.00 -13.01
C THR B 32 33.79 10.96 -12.16
N VAL B 33 33.01 11.44 -11.20
CA VAL B 33 32.29 10.58 -10.29
C VAL B 33 30.81 10.99 -10.31
N LEU B 34 29.92 10.02 -10.44
CA LEU B 34 28.49 10.27 -10.30
C LEU B 34 27.96 9.59 -9.04
N ILE B 35 27.12 10.30 -8.29
CA ILE B 35 26.40 9.76 -7.14
C ILE B 35 24.90 9.91 -7.41
N VAL B 36 24.19 8.78 -7.44
CA VAL B 36 22.74 8.79 -7.47
C VAL B 36 22.19 8.40 -6.09
N GLU B 37 21.16 9.12 -5.64
CA GLU B 37 20.65 8.98 -4.28
C GLU B 37 19.15 9.25 -4.26
N ALA B 38 18.41 8.43 -3.50
CA ALA B 38 16.95 8.56 -3.44
C ALA B 38 16.48 9.81 -2.69
N GLY B 39 17.22 10.24 -1.67
CA GLY B 39 16.80 11.33 -0.83
C GLY B 39 17.35 12.68 -1.29
N ILE B 40 17.15 13.68 -0.44
CA ILE B 40 17.58 15.06 -0.75
C ILE B 40 19.08 15.16 -0.90
N GLY B 41 19.52 16.17 -1.62
CA GLY B 41 20.93 16.41 -1.82
C GLY B 41 21.58 17.36 -0.84
N ASN B 42 20.82 18.05 -0.02
CA ASN B 42 21.32 19.12 0.85
C ASN B 42 21.05 18.84 2.33
N PRO B 43 21.52 17.72 2.88
CA PRO B 43 21.18 17.42 4.29
C PRO B 43 21.68 18.46 5.27
N GLU B 44 22.70 19.24 4.90
CA GLU B 44 23.30 20.21 5.82
C GLU B 44 22.44 21.46 5.98
N ASP B 45 21.40 21.61 5.19
CA ASP B 45 20.43 22.68 5.36
C ASP B 45 19.29 22.28 6.31
N ILE B 46 19.28 21.05 6.80
CA ILE B 46 18.16 20.56 7.60
C ILE B 46 18.58 20.60 9.07
N PRO B 47 18.00 21.48 9.89
CA PRO B 47 18.38 21.53 11.31
C PRO B 47 18.25 20.19 12.02
N GLU B 48 17.17 19.44 11.72
CA GLU B 48 16.96 18.12 12.34
C GLU B 48 18.07 17.15 12.01
N ILE B 49 18.67 17.29 10.83
CA ILE B 49 19.80 16.43 10.48
C ILE B 49 21.07 16.90 11.19
N THR B 50 21.33 18.21 11.18
CA THR B 50 22.60 18.74 11.68
C THR B 50 22.66 18.89 13.19
N THR B 51 21.51 18.92 13.87
CA THR B 51 21.45 19.08 15.33
C THR B 51 21.50 17.72 15.99
N PRO B 52 22.54 17.41 16.79
CA PRO B 52 22.64 16.06 17.38
C PRO B 52 21.42 15.62 18.19
N SER B 53 20.88 16.49 19.05
CA SER B 53 19.79 16.09 19.93
C SER B 53 18.49 15.82 19.21
N SER B 54 18.36 16.25 17.95
CA SER B 54 17.16 15.97 17.18
C SER B 54 17.19 14.59 16.52
N ALA B 55 18.22 13.78 16.78
CA ALA B 55 18.43 12.55 16.02
C ALA B 55 17.23 11.61 16.11
N MET B 56 16.71 11.40 17.33
CA MET B 56 15.58 10.50 17.50
C MET B 56 14.33 11.03 16.83
N ASP B 57 14.19 12.34 16.68
CA ASP B 57 13.03 12.86 15.97
C ASP B 57 13.06 12.50 14.48
N LEU B 58 14.15 11.90 13.99
CA LEU B 58 14.24 11.56 12.59
C LEU B 58 13.56 10.24 12.25
N ARG B 59 13.26 9.40 13.24
CA ARG B 59 12.39 8.25 13.00
C ARG B 59 11.05 8.73 12.47
N ASN B 60 10.58 8.07 11.40
CA ASN B 60 9.32 8.38 10.71
C ASN B 60 9.31 9.74 10.05
N SER B 61 10.44 10.43 9.99
CA SER B 61 10.51 11.68 9.26
C SER B 61 10.58 11.40 7.76
N LYS B 62 10.58 12.46 6.96
CA LYS B 62 10.72 12.30 5.51
C LYS B 62 12.07 11.69 5.10
N TYR B 63 13.05 11.69 6.01
CA TYR B 63 14.39 11.17 5.74
C TYR B 63 14.59 9.74 6.20
N ASP B 64 13.52 9.04 6.58
CA ASP B 64 13.61 7.67 7.06
C ASP B 64 12.84 6.77 6.11
N TRP B 65 13.51 5.74 5.58
CA TRP B 65 12.82 4.74 4.75
C TRP B 65 11.67 4.08 5.52
N ALA B 66 11.78 3.99 6.84
CA ALA B 66 10.70 3.53 7.71
C ALA B 66 10.16 2.17 7.28
N TYR B 67 11.07 1.23 7.06
CA TYR B 67 10.69 -0.10 6.61
C TYR B 67 9.83 -0.82 7.63
N LYS B 68 8.94 -1.68 7.13
CA LYS B 68 8.42 -2.79 7.91
C LYS B 68 9.49 -3.88 8.02
N THR B 69 9.63 -4.47 9.21
CA THR B 69 10.61 -5.52 9.40
C THR B 69 10.08 -6.54 10.40
N THR B 70 10.27 -7.82 10.12
CA THR B 70 10.02 -8.86 11.10
C THR B 70 11.18 -8.91 12.10
N MET B 71 10.90 -8.61 13.36
CA MET B 71 11.92 -8.59 14.40
C MET B 71 12.26 -9.99 14.90
N VAL B 72 11.23 -10.82 15.14
CA VAL B 72 11.37 -12.19 15.61
C VAL B 72 10.41 -13.06 14.80
N ARG B 73 10.88 -14.22 14.34
CA ARG B 73 10.03 -15.22 13.69
C ARG B 73 10.41 -16.58 14.25
N ARG B 74 9.79 -16.94 15.37
CA ARG B 74 9.91 -18.23 16.03
C ARG B 74 8.58 -18.96 15.97
N ASP B 75 8.62 -20.25 16.28
CA ASP B 75 7.38 -21.02 16.32
C ASP B 75 6.44 -20.50 17.41
N ASP B 76 7.00 -20.02 18.51
CA ASP B 76 6.18 -19.59 19.65
C ASP B 76 5.90 -18.11 19.66
N TYR B 77 6.50 -17.35 18.75
CA TYR B 77 6.43 -15.90 18.82
C TYR B 77 6.88 -15.31 17.48
N GLU B 78 6.17 -14.28 17.03
CA GLU B 78 6.55 -13.55 15.83
C GLU B 78 6.09 -12.11 15.99
N ARG B 79 6.93 -11.17 15.55
CA ARG B 79 6.55 -9.77 15.60
C ARG B 79 7.10 -9.02 14.40
N ILE B 80 6.26 -8.17 13.83
CA ILE B 80 6.65 -7.28 12.74
C ILE B 80 6.48 -5.84 13.24
N GLU B 81 7.37 -4.96 12.78
CA GLU B 81 7.38 -3.58 13.27
C GLU B 81 7.58 -2.59 12.12
N LYS B 82 7.19 -1.34 12.39
CA LYS B 82 7.44 -0.27 11.45
C LYS B 82 7.48 0.97 12.33
N PRO B 83 8.48 1.86 12.19
CA PRO B 83 9.59 1.89 11.25
C PRO B 83 10.85 1.19 11.70
N ASN B 84 11.49 0.46 10.78
CA ASN B 84 12.89 0.04 10.94
C ASN B 84 13.73 1.06 10.21
N THR B 85 14.37 1.95 10.95
CA THR B 85 14.84 3.22 10.41
C THR B 85 16.13 3.06 9.61
N ARG B 86 16.19 3.76 8.47
CA ARG B 86 17.33 3.82 7.58
C ARG B 86 17.31 5.19 6.93
N GLY B 87 18.49 5.77 6.70
CA GLY B 87 18.54 7.13 6.19
C GLY B 87 18.17 7.19 4.71
N LYS B 88 17.32 8.15 4.36
CA LYS B 88 16.92 8.42 2.97
C LYS B 88 17.21 9.88 2.74
N THR B 89 18.46 10.15 2.34
CA THR B 89 19.05 11.48 2.19
C THR B 89 20.49 11.27 1.78
N LEU B 90 21.10 12.28 1.19
CA LEU B 90 22.57 12.25 1.06
C LEU B 90 23.16 12.05 2.45
N GLY B 91 24.13 11.15 2.56
CA GLY B 91 24.66 10.69 3.83
C GLY B 91 24.05 9.42 4.35
N GLY B 92 22.90 8.99 3.81
CA GLY B 92 22.29 7.75 4.21
C GLY B 92 22.00 7.68 5.70
N SER B 93 22.31 6.53 6.28
CA SER B 93 22.03 6.33 7.70
C SER B 93 23.00 7.10 8.59
N SER B 94 24.14 7.52 8.05
CA SER B 94 25.05 8.39 8.79
C SER B 94 24.45 9.77 9.02
N SER B 95 23.36 10.13 8.33
CA SER B 95 22.63 11.37 8.59
C SER B 95 21.58 11.27 9.69
N LEU B 96 21.23 10.07 10.18
CA LEU B 96 20.23 9.98 11.23
C LEU B 96 20.61 9.00 12.35
N ASN B 97 21.87 8.58 12.42
CA ASN B 97 22.29 7.65 13.44
C ASN B 97 22.58 8.37 14.76
N TYR B 98 22.96 7.60 15.79
CA TYR B 98 23.20 8.10 17.14
C TYR B 98 24.68 8.22 17.50
N PHE B 99 25.53 8.48 16.49
CA PHE B 99 26.84 9.14 16.59
C PHE B 99 28.01 8.34 17.18
N THR B 100 27.76 7.21 17.82
CA THR B 100 28.83 6.51 18.53
C THR B 100 29.88 6.01 17.57
N TRP B 101 31.15 6.28 17.88
CA TRP B 101 32.28 5.97 16.98
C TRP B 101 33.17 4.97 17.70
N VAL B 102 33.12 3.70 17.28
CA VAL B 102 33.80 2.65 18.00
C VAL B 102 34.11 1.55 16.99
N PRO B 103 35.36 1.09 16.91
CA PRO B 103 35.71 0.12 15.87
C PRO B 103 35.22 -1.30 16.14
N GLY B 104 35.43 -1.81 17.33
CA GLY B 104 35.18 -3.22 17.58
C GLY B 104 36.43 -3.90 18.08
N HIS B 105 36.34 -5.21 18.21
CA HIS B 105 37.34 -6.00 18.92
C HIS B 105 38.27 -6.67 17.94
N LYS B 106 39.57 -6.66 18.29
CA LYS B 106 40.60 -7.17 17.38
C LYS B 106 40.34 -8.62 17.02
N ALA B 107 39.98 -9.46 18.00
CA ALA B 107 39.75 -10.88 17.73
C ALA B 107 38.61 -11.09 16.74
N THR B 108 37.58 -10.23 16.79
CA THR B 108 36.44 -10.36 15.88
C THR B 108 36.86 -10.07 14.43
N PHE B 109 37.53 -8.95 14.19
CA PHE B 109 38.00 -8.63 12.83
C PHE B 109 38.99 -9.68 12.31
N ASP B 110 39.83 -10.23 13.20
CA ASP B 110 40.78 -11.25 12.77
C ASP B 110 40.08 -12.44 12.15
N GLN B 111 38.83 -12.70 12.58
CA GLN B 111 38.04 -13.80 12.03
C GLN B 111 37.62 -13.55 10.58
N TRP B 112 37.71 -12.30 10.10
CA TRP B 112 37.33 -12.01 8.72
C TRP B 112 38.24 -12.71 7.71
N GLU B 113 39.43 -13.15 8.13
CA GLU B 113 40.34 -13.84 7.21
C GLU B 113 39.66 -15.04 6.55
N GLU B 114 38.81 -15.75 7.29
CA GLU B 114 38.06 -16.85 6.70
C GLU B 114 37.30 -16.41 5.47
N PHE B 115 36.92 -15.12 5.41
CA PHE B 115 36.16 -14.59 4.29
C PHE B 115 37.03 -13.76 3.34
N GLY B 116 37.92 -12.91 3.85
CA GLY B 116 38.61 -12.00 2.96
C GLY B 116 40.10 -12.19 2.83
N GLY B 117 40.66 -13.16 3.55
CA GLY B 117 42.09 -13.34 3.59
C GLY B 117 42.72 -12.32 4.51
N LYS B 118 44.05 -12.32 4.55
CA LYS B 118 44.67 -11.49 5.59
C LYS B 118 44.60 -10.00 5.38
N GLU B 119 44.32 -9.53 4.19
CA GLU B 119 44.17 -8.09 4.12
C GLU B 119 42.92 -7.59 4.84
N TRP B 120 41.99 -8.47 5.20
CA TRP B 120 40.80 -8.07 5.96
C TRP B 120 40.91 -8.49 7.43
N THR B 121 42.07 -8.42 8.06
CA THR B 121 42.18 -8.68 9.50
C THR B 121 42.40 -7.37 10.25
N TRP B 122 42.54 -7.48 11.57
CA TRP B 122 42.61 -6.28 12.41
C TRP B 122 43.80 -5.40 12.03
N ASP B 123 45.01 -5.96 12.02
CA ASP B 123 46.21 -5.13 11.79
C ASP B 123 46.13 -4.34 10.48
N PRO B 124 45.84 -4.94 9.33
CA PRO B 124 45.72 -4.12 8.10
C PRO B 124 44.50 -3.20 8.07
N LEU B 125 43.45 -3.47 8.83
CA LEU B 125 42.26 -2.63 8.77
C LEU B 125 42.36 -1.41 9.68
N VAL B 126 43.28 -1.43 10.67
CA VAL B 126 43.45 -0.30 11.58
C VAL B 126 43.60 1.04 10.88
N PRO B 127 44.48 1.21 9.88
CA PRO B 127 44.54 2.50 9.18
C PRO B 127 43.22 2.87 8.53
N TYR B 128 42.49 1.87 8.04
CA TYR B 128 41.20 2.14 7.40
C TYR B 128 40.12 2.47 8.43
N LEU B 129 40.21 1.89 9.64
CA LEU B 129 39.29 2.29 10.71
C LEU B 129 39.54 3.71 11.18
N ARG B 130 40.67 4.30 10.79
CA ARG B 130 41.01 5.64 11.21
C ARG B 130 41.06 6.65 10.08
N LYS B 131 41.08 6.21 8.83
CA LYS B 131 41.39 7.14 7.74
C LYS B 131 40.31 8.21 7.57
N SER B 132 39.06 7.92 7.96
CA SER B 132 37.97 8.84 7.64
C SER B 132 37.86 10.01 8.62
N ALA B 133 38.49 9.92 9.78
CA ALA B 133 38.21 10.82 10.88
C ALA B 133 39.37 11.77 11.15
N THR B 134 39.01 12.97 11.59
CA THR B 134 39.94 13.94 12.18
C THR B 134 39.53 14.13 13.65
N TYR B 135 40.39 13.71 14.56
CA TYR B 135 40.08 13.71 15.98
C TYR B 135 40.34 15.08 16.62
N HIS B 136 39.43 15.49 17.51
CA HIS B 136 39.56 16.72 18.27
C HIS B 136 39.41 16.46 19.76
N ASP B 137 40.18 17.16 20.58
CA ASP B 137 40.02 17.14 22.04
C ASP B 137 40.17 18.54 22.63
N ASP B 138 39.43 19.51 22.11
CA ASP B 138 39.60 20.91 22.50
C ASP B 138 39.70 21.16 24.01
N PRO B 139 38.84 20.59 24.87
CA PRO B 139 39.05 20.80 26.31
C PRO B 139 40.19 20.00 26.91
N ARG B 140 40.98 19.27 26.12
CA ARG B 140 42.12 18.46 26.61
C ARG B 140 41.76 17.60 27.82
N LEU B 141 40.69 16.82 27.70
CA LEU B 141 40.25 15.94 28.78
C LEU B 141 40.78 14.51 28.70
N TYR B 142 41.30 14.07 27.55
CA TYR B 142 41.66 12.67 27.39
C TYR B 142 43.10 12.55 26.91
N SER B 143 43.65 11.35 27.05
CA SER B 143 45.04 11.11 26.73
C SER B 143 45.38 11.67 25.35
N PRO B 144 46.47 12.44 25.21
CA PRO B 144 46.85 12.95 23.88
C PRO B 144 47.12 11.85 22.88
N GLU B 145 47.47 10.64 23.35
CA GLU B 145 47.79 9.53 22.46
C GLU B 145 46.60 9.16 21.57
N LEU B 146 45.38 9.47 22.04
CA LEU B 146 44.16 9.14 21.30
C LEU B 146 44.00 9.97 20.03
N GLU B 147 44.89 10.94 19.80
CA GLU B 147 44.83 11.71 18.56
C GLU B 147 45.02 10.81 17.34
N LYS B 148 45.69 9.65 17.51
CA LYS B 148 46.02 8.79 16.38
C LYS B 148 44.79 8.17 15.71
N ILE B 149 43.65 8.06 16.42
CA ILE B 149 42.50 7.36 15.84
C ILE B 149 41.80 8.19 14.79
N GLY B 150 42.16 9.46 14.66
CA GLY B 150 41.65 10.24 13.55
C GLY B 150 42.80 10.41 12.58
N GLY B 151 42.69 9.77 11.42
CA GLY B 151 43.79 9.75 10.48
C GLY B 151 43.87 10.96 9.57
N GLY B 152 42.95 11.92 9.74
CA GLY B 152 42.97 13.12 8.93
C GLY B 152 41.85 13.26 7.94
N GLY B 153 40.83 12.40 7.98
CA GLY B 153 39.75 12.46 7.03
C GLY B 153 38.75 13.57 7.33
N PRO B 154 37.73 13.67 6.47
CA PRO B 154 36.78 14.78 6.55
C PRO B 154 35.67 14.60 7.59
N ILE B 155 35.68 13.52 8.37
CA ILE B 155 34.65 13.26 9.38
C ILE B 155 35.19 13.77 10.72
N PRO B 156 34.70 14.91 11.23
CA PRO B 156 35.17 15.37 12.54
C PRO B 156 34.59 14.52 13.66
N ILE B 157 35.48 14.00 14.52
CA ILE B 157 35.05 13.22 15.68
C ILE B 157 35.68 13.81 16.94
N SER B 158 35.03 13.57 18.07
CA SER B 158 35.53 13.99 19.37
C SER B 158 34.88 13.11 20.42
N HIS B 159 35.52 13.02 21.59
CA HIS B 159 34.77 12.52 22.74
C HIS B 159 33.53 13.38 22.93
N ALA B 160 32.46 12.80 23.48
CA ALA B 160 31.24 13.57 23.69
C ALA B 160 31.56 14.90 24.35
N GLU B 161 30.95 15.96 23.82
CA GLU B 161 31.11 17.31 24.36
C GLU B 161 30.19 17.42 25.56
N LEU B 162 30.76 17.17 26.74
CA LEU B 162 29.95 16.81 27.91
C LEU B 162 28.95 17.90 28.29
N ILE B 163 27.76 17.47 28.66
CA ILE B 163 26.76 18.38 29.21
C ILE B 163 27.11 18.64 30.67
N ASP B 164 27.06 19.90 31.07
CA ASP B 164 27.53 20.26 32.40
C ASP B 164 26.58 19.72 33.48
N GLU B 165 25.26 19.90 33.29
CA GLU B 165 24.27 19.37 34.22
C GLU B 165 24.43 17.89 34.48
N MET B 166 24.99 17.14 33.53
CA MET B 166 25.03 15.69 33.66
C MET B 166 26.28 15.20 34.36
N ALA B 167 27.11 16.11 34.88
CA ALA B 167 28.30 15.69 35.62
C ALA B 167 27.97 14.87 36.88
N PRO B 168 26.98 15.22 37.72
CA PRO B 168 26.64 14.31 38.83
C PRO B 168 26.18 12.95 38.35
N PHE B 169 25.31 12.91 37.35
CA PHE B 169 24.92 11.67 36.70
C PHE B 169 26.14 10.83 36.33
N ARG B 170 27.07 11.40 35.57
CA ARG B 170 28.24 10.64 35.12
C ARG B 170 29.07 10.15 36.29
N GLU B 171 29.19 10.99 37.33
CA GLU B 171 30.02 10.64 38.47
C GLU B 171 29.47 9.43 39.20
N ASN B 172 28.15 9.38 39.40
CA ASN B 172 27.52 8.26 40.08
C ASN B 172 27.54 6.99 39.24
N LEU B 173 27.27 7.10 37.94
CA LEU B 173 27.31 5.91 37.07
C LEU B 173 28.72 5.32 37.04
N THR B 174 29.74 6.18 36.96
CA THR B 174 31.10 5.67 36.99
C THR B 174 31.39 4.97 38.32
N LYS B 175 31.10 5.67 39.42
CA LYS B 175 31.23 5.10 40.75
C LYS B 175 30.47 3.79 40.86
N ALA B 176 29.24 3.78 40.33
CA ALA B 176 28.41 2.57 40.39
C ALA B 176 29.03 1.46 39.56
N TRP B 177 29.58 1.80 38.39
CA TRP B 177 30.26 0.83 37.54
C TRP B 177 31.41 0.14 38.28
N LYS B 178 32.26 0.93 38.93
CA LYS B 178 33.38 0.34 39.67
C LYS B 178 32.90 -0.56 40.80
N SER B 179 31.90 -0.12 41.55
CA SER B 179 31.44 -0.91 42.69
C SER B 179 30.92 -2.29 42.29
N MET B 180 30.63 -2.51 41.01
CA MET B 180 30.27 -3.85 40.56
C MET B 180 31.49 -4.68 40.19
N GLY B 181 32.70 -4.12 40.33
CA GLY B 181 33.90 -4.85 40.00
C GLY B 181 34.24 -4.87 38.53
N GLN B 182 33.71 -3.88 37.71
CA GLN B 182 33.99 -3.82 36.28
C GLN B 182 34.98 -2.70 35.99
N PRO B 183 35.86 -2.88 35.01
CA PRO B 183 36.92 -1.90 34.78
C PRO B 183 36.42 -0.66 34.06
N LEU B 184 37.17 0.41 34.25
CA LEU B 184 37.12 1.59 33.41
C LEU B 184 38.05 1.36 32.23
N ILE B 185 37.77 2.04 31.11
CA ILE B 185 38.64 1.95 29.93
C ILE B 185 38.42 3.19 29.07
N GLU B 186 39.50 3.75 28.55
CA GLU B 186 39.34 4.90 27.67
C GLU B 186 39.84 4.66 26.27
N ASN B 187 40.86 3.83 26.08
CA ASN B 187 41.34 3.46 24.75
C ASN B 187 40.70 2.14 24.35
N ILE B 188 39.61 2.23 23.61
CA ILE B 188 38.94 1.05 23.08
C ILE B 188 39.20 0.88 21.58
N TYR B 189 40.29 1.49 21.07
CA TYR B 189 40.53 1.59 19.63
C TYR B 189 41.73 0.78 19.18
N ASP B 190 42.39 0.06 20.08
CA ASP B 190 43.54 -0.75 19.71
C ASP B 190 43.24 -2.24 19.75
N GLY B 191 41.97 -2.62 19.79
CA GLY B 191 41.58 -4.02 19.74
C GLY B 191 41.02 -4.58 21.03
N GLU B 192 41.14 -3.86 22.14
CA GLU B 192 40.53 -4.26 23.39
C GLU B 192 39.50 -3.22 23.79
N MET B 193 38.40 -3.67 24.38
CA MET B 193 37.33 -2.73 24.67
C MET B 193 36.57 -3.09 25.95
N ASP B 194 37.23 -3.72 26.91
CA ASP B 194 36.54 -4.19 28.12
C ASP B 194 36.39 -3.06 29.13
N GLY B 195 35.16 -2.62 29.35
CA GLY B 195 34.88 -1.73 30.44
C GLY B 195 33.96 -0.60 30.02
N LEU B 196 33.84 0.37 30.91
CA LEU B 196 33.02 1.54 30.72
C LEU B 196 33.89 2.67 30.21
N THR B 197 33.41 3.39 29.20
CA THR B 197 34.23 4.37 28.51
C THR B 197 33.47 5.66 28.30
N HIS B 198 34.24 6.73 28.10
CA HIS B 198 33.73 7.98 27.54
C HIS B 198 33.79 7.85 26.03
N CYS B 199 32.63 7.79 25.39
CA CYS B 199 32.58 7.42 23.98
C CYS B 199 32.99 8.58 23.08
N CYS B 200 33.48 8.24 21.88
CA CYS B 200 33.66 9.23 20.82
C CYS B 200 32.45 9.24 19.90
N ASP B 201 32.25 10.38 19.26
CA ASP B 201 31.02 10.62 18.53
C ASP B 201 31.31 11.38 17.23
N THR B 202 30.56 11.04 16.19
CA THR B 202 30.62 11.82 14.96
C THR B 202 29.83 13.09 15.17
N ILE B 203 30.20 13.82 16.22
CA ILE B 203 29.70 15.15 16.53
C ILE B 203 30.93 16.00 16.80
N TYR B 204 30.93 17.23 16.30
CA TYR B 204 31.97 18.19 16.63
C TYR B 204 31.38 19.59 16.56
N ARG B 205 31.69 20.40 17.57
CA ARG B 205 31.14 21.73 17.76
C ARG B 205 29.62 21.71 17.64
N GLY B 206 28.99 20.81 18.37
CA GLY B 206 27.52 20.78 18.37
C GLY B 206 26.86 20.51 17.02
N GLN B 207 27.56 19.85 16.08
CA GLN B 207 26.99 19.52 14.78
C GLN B 207 27.28 18.08 14.42
N ARG B 208 26.36 17.47 13.66
CA ARG B 208 26.56 16.10 13.21
C ARG B 208 27.63 16.02 12.14
N SER B 209 28.53 15.04 12.26
CA SER B 209 29.49 14.70 11.21
C SER B 209 28.95 13.53 10.39
N GLY B 210 28.35 13.84 9.24
CA GLY B 210 27.82 12.86 8.29
C GLY B 210 28.65 12.68 7.03
N SER B 211 28.50 11.52 6.38
CA SER B 211 29.31 11.15 5.23
C SER B 211 29.19 12.14 4.07
N PHE B 212 28.18 13.02 4.08
CA PHE B 212 28.09 14.05 3.06
C PHE B 212 29.30 14.98 3.07
N LEU B 213 30.07 15.00 4.16
CA LEU B 213 31.28 15.81 4.23
C LEU B 213 32.38 15.31 3.29
N PHE B 214 32.24 14.11 2.75
CA PHE B 214 33.23 13.59 1.81
C PHE B 214 33.06 14.22 0.43
N VAL B 215 31.86 14.67 0.08
CA VAL B 215 31.52 14.88 -1.32
C VAL B 215 31.10 16.30 -1.62
N LYS B 216 31.34 17.24 -0.71
CA LYS B 216 31.18 18.61 -1.16
C LYS B 216 32.44 19.39 -1.49
N ASN B 217 32.17 20.38 -2.34
CA ASN B 217 33.16 21.27 -2.91
C ASN B 217 34.15 20.48 -3.75
N LYS B 218 33.64 19.56 -4.56
CA LYS B 218 34.43 18.78 -5.50
C LYS B 218 33.68 18.76 -6.83
N PRO B 219 34.04 19.63 -7.77
CA PRO B 219 33.25 19.75 -9.01
C PRO B 219 33.30 18.51 -9.90
N ASN B 220 34.25 17.60 -9.72
CA ASN B 220 34.27 16.41 -10.56
C ASN B 220 33.27 15.36 -10.08
N ILE B 221 32.55 15.60 -8.98
CA ILE B 221 31.47 14.75 -8.50
C ILE B 221 30.14 15.34 -8.94
N THR B 222 29.35 14.55 -9.67
CA THR B 222 27.97 14.93 -9.99
C THR B 222 27.07 14.22 -8.98
N ILE B 223 26.27 15.00 -8.25
CA ILE B 223 25.32 14.45 -7.28
C ILE B 223 23.91 14.59 -7.84
N VAL B 224 23.27 13.46 -8.06
CA VAL B 224 21.91 13.42 -8.57
C VAL B 224 21.02 12.87 -7.45
N PRO B 225 20.41 13.73 -6.64
CA PRO B 225 19.53 13.28 -5.55
C PRO B 225 18.13 13.02 -6.09
N GLU B 226 17.24 12.60 -5.19
CA GLU B 226 15.80 12.42 -5.50
C GLU B 226 15.58 11.52 -6.73
N VAL B 227 16.38 10.47 -6.86
CA VAL B 227 16.16 9.49 -7.91
C VAL B 227 16.18 8.09 -7.29
N HIS B 228 15.27 7.24 -7.75
CA HIS B 228 15.11 5.90 -7.23
C HIS B 228 15.67 4.92 -8.24
N SER B 229 16.56 4.05 -7.82
CA SER B 229 17.20 3.13 -8.75
C SER B 229 16.22 2.05 -9.20
N LYS B 230 16.25 1.72 -10.48
CA LYS B 230 15.41 0.66 -11.01
C LYS B 230 16.18 -0.64 -11.16
N ARG B 231 17.42 -0.57 -11.62
CA ARG B 231 18.14 -1.77 -12.02
C ARG B 231 19.56 -1.39 -12.37
N LEU B 232 20.49 -2.31 -12.12
CA LEU B 232 21.82 -2.20 -12.69
C LEU B 232 21.78 -2.64 -14.15
N ILE B 233 22.51 -1.92 -14.99
CA ILE B 233 22.58 -2.28 -16.41
C ILE B 233 23.67 -3.34 -16.55
N ILE B 234 23.28 -4.58 -16.87
CA ILE B 234 24.22 -5.69 -17.01
C ILE B 234 24.26 -6.10 -18.48
N ASN B 235 25.46 -6.23 -19.04
CA ASN B 235 25.63 -6.78 -20.37
C ASN B 235 25.91 -8.27 -20.22
N GLU B 236 24.96 -9.12 -20.68
CA GLU B 236 25.04 -10.55 -20.41
C GLU B 236 26.20 -11.22 -21.13
N ALA B 237 26.42 -10.88 -22.39
CA ALA B 237 27.52 -11.50 -23.12
C ALA B 237 28.84 -11.17 -22.46
N ASP B 238 29.03 -9.91 -22.05
CA ASP B 238 30.26 -9.48 -21.41
C ASP B 238 30.28 -9.74 -19.91
N ARG B 239 29.15 -10.12 -19.27
CA ARG B 239 29.18 -10.34 -17.83
C ARG B 239 29.73 -9.09 -17.13
N THR B 240 29.30 -7.93 -17.62
CA THR B 240 29.83 -6.62 -17.22
C THR B 240 28.72 -5.68 -16.77
N CYS B 241 28.95 -4.98 -15.65
CA CYS B 241 28.02 -3.94 -15.26
C CYS B 241 28.35 -2.65 -16.00
N LYS B 242 27.34 -2.08 -16.66
CA LYS B 242 27.51 -0.92 -17.51
C LYS B 242 27.18 0.38 -16.83
N GLY B 243 26.30 0.33 -15.83
CA GLY B 243 25.73 1.54 -15.27
C GLY B 243 24.48 1.22 -14.47
N VAL B 244 23.59 2.20 -14.36
CA VAL B 244 22.41 2.08 -13.53
C VAL B 244 21.27 2.83 -14.21
N THR B 245 20.05 2.31 -14.06
CA THR B 245 18.84 2.99 -14.51
C THR B 245 18.12 3.50 -13.27
N VAL B 246 17.70 4.76 -13.30
CA VAL B 246 16.99 5.36 -12.17
C VAL B 246 15.74 6.04 -12.70
N VAL B 247 14.79 6.28 -11.79
CA VAL B 247 13.54 6.97 -12.06
C VAL B 247 13.54 8.29 -11.29
N THR B 248 13.18 9.39 -11.98
CA THR B 248 13.16 10.74 -11.39
C THR B 248 11.84 11.01 -10.69
N ALA B 249 11.80 12.17 -10.02
CA ALA B 249 10.60 12.62 -9.32
C ALA B 249 9.42 12.76 -10.27
N ALA B 250 9.67 13.21 -11.49
CA ALA B 250 8.67 13.34 -12.53
C ALA B 250 8.33 12.01 -13.22
N GLY B 251 8.99 10.92 -12.85
CA GLY B 251 8.67 9.62 -13.41
C GLY B 251 9.40 9.25 -14.67
N ASN B 252 10.54 9.85 -14.96
CA ASN B 252 11.33 9.51 -16.13
C ASN B 252 12.48 8.57 -15.76
N GLU B 253 12.75 7.63 -16.66
CA GLU B 253 13.83 6.68 -16.48
C GLU B 253 15.07 7.22 -17.19
N LEU B 254 16.17 7.25 -16.44
CA LEU B 254 17.46 7.75 -16.90
C LEU B 254 18.47 6.64 -16.76
N ASN B 255 19.35 6.50 -17.75
CA ASN B 255 20.48 5.58 -17.65
C ASN B 255 21.74 6.40 -17.50
N PHE B 256 22.57 6.00 -16.55
CA PHE B 256 23.88 6.59 -16.35
C PHE B 256 24.92 5.48 -16.46
N PHE B 257 26.06 5.80 -17.06
CA PHE B 257 27.04 4.79 -17.42
C PHE B 257 28.35 5.08 -16.71
N ALA B 258 29.05 4.01 -16.35
CA ALA B 258 30.35 4.09 -15.73
C ALA B 258 31.36 3.56 -16.72
N ASP B 259 32.39 4.36 -17.03
CA ASP B 259 33.40 3.89 -17.94
C ASP B 259 34.46 3.03 -17.25
N ARG B 260 34.65 3.19 -15.94
CA ARG B 260 35.52 2.28 -15.22
C ARG B 260 34.75 1.30 -14.35
N GLU B 261 33.98 1.76 -13.36
CA GLU B 261 33.32 0.81 -12.47
C GLU B 261 32.07 1.40 -11.84
N VAL B 262 31.12 0.53 -11.56
CA VAL B 262 29.95 0.85 -10.76
C VAL B 262 30.20 0.36 -9.34
N ILE B 263 29.92 1.19 -8.35
CA ILE B 263 29.99 0.78 -6.95
C ILE B 263 28.58 0.84 -6.36
N LEU B 264 28.08 -0.30 -5.88
CA LEU B 264 26.73 -0.38 -5.31
C LEU B 264 26.81 -0.19 -3.80
N SER B 265 26.12 0.82 -3.30
CA SER B 265 26.27 1.28 -1.92
C SER B 265 24.91 1.60 -1.32
N GLN B 266 23.91 0.79 -1.60
CA GLN B 266 22.56 1.14 -1.15
C GLN B 266 22.26 0.61 0.24
N GLY B 267 23.21 -0.04 0.91
CA GLY B 267 23.02 -0.51 2.27
C GLY B 267 22.45 -1.91 2.33
N VAL B 268 22.41 -2.43 3.56
CA VAL B 268 22.16 -3.85 3.81
C VAL B 268 20.82 -4.32 3.26
N PHE B 269 19.84 -3.43 3.15
CA PHE B 269 18.50 -3.82 2.71
C PHE B 269 18.28 -3.61 1.21
N GLU B 270 18.68 -2.47 0.65
CA GLU B 270 18.38 -2.20 -0.75
C GLU B 270 19.44 -2.74 -1.70
N THR B 271 20.69 -2.90 -1.25
CA THR B 271 21.72 -3.51 -2.09
C THR B 271 21.34 -4.93 -2.55
N PRO B 272 20.98 -5.87 -1.67
CA PRO B 272 20.55 -7.18 -2.18
C PRO B 272 19.31 -7.09 -3.06
N LYS B 273 18.38 -6.19 -2.74
CA LYS B 273 17.20 -6.05 -3.57
C LYS B 273 17.58 -5.64 -4.99
N LEU B 274 18.39 -4.58 -5.13
CA LEU B 274 18.82 -4.16 -6.45
C LEU B 274 19.61 -5.24 -7.16
N LEU B 275 20.53 -5.92 -6.45
CA LEU B 275 21.24 -7.00 -7.10
C LEU B 275 20.25 -8.02 -7.68
N MET B 276 19.26 -8.43 -6.90
CA MET B 276 18.31 -9.43 -7.36
C MET B 276 17.44 -8.89 -8.49
N LEU B 277 17.01 -7.62 -8.42
CA LEU B 277 16.25 -7.03 -9.53
C LEU B 277 17.07 -6.98 -10.82
N SER B 278 18.39 -7.04 -10.71
CA SER B 278 19.31 -6.99 -11.83
C SER B 278 19.74 -8.37 -12.32
N GLY B 279 19.20 -9.44 -11.74
CA GLY B 279 19.51 -10.79 -12.15
C GLY B 279 20.64 -11.47 -11.40
N ILE B 280 21.07 -10.91 -10.26
CA ILE B 280 22.20 -11.46 -9.49
C ILE B 280 21.65 -11.83 -8.12
N GLY B 281 21.39 -13.12 -7.91
CA GLY B 281 20.81 -13.60 -6.69
C GLY B 281 20.49 -15.08 -6.75
N PRO B 282 19.74 -15.55 -5.75
CA PRO B 282 19.37 -16.98 -5.70
C PRO B 282 18.38 -17.31 -6.81
N THR B 283 18.77 -18.25 -7.69
CA THR B 283 18.07 -18.41 -8.97
C THR B 283 16.58 -18.72 -8.78
N ARG B 284 16.24 -19.55 -7.79
CA ARG B 284 14.85 -19.88 -7.53
C ARG B 284 14.08 -18.66 -7.00
N GLU B 285 14.74 -17.83 -6.19
CA GLU B 285 14.09 -16.59 -5.76
C GLU B 285 13.79 -15.67 -6.95
N LEU B 286 14.74 -15.52 -7.88
CA LEU B 286 14.53 -14.68 -9.04
C LEU B 286 13.37 -15.20 -9.88
N SER B 287 13.31 -16.52 -10.09
CA SER B 287 12.26 -17.13 -10.90
C SER B 287 10.86 -16.82 -10.36
N ARG B 288 10.64 -16.96 -9.05
CA ARG B 288 9.32 -16.65 -8.51
C ARG B 288 8.86 -15.23 -8.76
N HIS B 289 9.74 -14.31 -9.12
CA HIS B 289 9.31 -12.93 -9.32
C HIS B 289 9.53 -12.49 -10.74
N GLY B 290 9.66 -13.44 -11.67
CA GLY B 290 9.76 -13.21 -13.10
C GLY B 290 11.06 -12.62 -13.58
N ILE B 291 12.13 -12.71 -12.77
CA ILE B 291 13.43 -12.14 -13.10
C ILE B 291 14.36 -13.23 -13.62
N ASN B 292 15.01 -12.95 -14.76
CA ASN B 292 15.93 -13.90 -15.35
C ASN B 292 17.20 -13.99 -14.49
N THR B 293 17.81 -15.17 -14.43
CA THR B 293 19.01 -15.35 -13.62
C THR B 293 20.22 -15.10 -14.50
N ILE B 294 20.96 -14.04 -14.21
CA ILE B 294 22.23 -13.78 -14.88
C ILE B 294 23.38 -14.41 -14.13
N VAL B 295 23.41 -14.25 -12.80
CA VAL B 295 24.36 -14.95 -11.96
C VAL B 295 23.59 -15.57 -10.80
N ASP B 296 23.70 -16.87 -10.64
CA ASP B 296 23.15 -17.61 -9.52
C ASP B 296 24.06 -17.36 -8.32
N SER B 297 23.68 -16.40 -7.46
CA SER B 297 24.49 -16.01 -6.32
C SER B 297 23.63 -16.25 -5.06
N ARG B 298 23.78 -17.43 -4.46
CA ARG B 298 22.81 -17.91 -3.48
C ARG B 298 22.85 -17.11 -2.18
N HIS B 299 23.91 -16.35 -1.93
CA HIS B 299 24.01 -15.60 -0.69
C HIS B 299 23.42 -14.20 -0.76
N VAL B 300 22.97 -13.74 -1.93
CA VAL B 300 22.43 -12.39 -2.05
C VAL B 300 21.17 -12.28 -1.20
N GLY B 301 21.20 -11.39 -0.21
CA GLY B 301 20.12 -11.22 0.76
C GLY B 301 20.20 -12.12 1.98
N GLN B 302 21.06 -13.14 1.96
CA GLN B 302 21.21 -14.06 3.07
C GLN B 302 22.25 -13.52 4.05
N ASN B 303 22.33 -14.18 5.21
CA ASN B 303 23.32 -13.87 6.25
C ASN B 303 23.08 -12.49 6.85
N LEU B 304 21.83 -12.05 6.83
CA LEU B 304 21.48 -10.79 7.48
C LEU B 304 21.71 -10.92 8.97
N MET B 305 22.56 -10.06 9.50
CA MET B 305 22.86 -10.06 10.93
C MET B 305 22.77 -8.66 11.46
N ASP B 306 22.14 -8.55 12.63
CA ASP B 306 21.95 -7.30 13.30
C ASP B 306 22.10 -7.57 14.79
N HIS B 307 22.23 -6.50 15.56
CA HIS B 307 22.29 -6.60 17.01
C HIS B 307 20.89 -6.47 17.59
N PRO B 308 20.41 -7.45 18.36
CA PRO B 308 19.16 -7.24 19.12
C PRO B 308 19.40 -6.38 20.36
N GLY B 309 18.44 -5.52 20.66
CA GLY B 309 18.50 -4.72 21.87
C GLY B 309 17.19 -4.70 22.63
N VAL B 310 17.29 -4.78 23.95
CA VAL B 310 16.15 -4.54 24.83
C VAL B 310 16.45 -3.30 25.66
N PRO B 311 15.94 -2.15 25.26
CA PRO B 311 16.07 -0.96 26.09
C PRO B 311 15.05 -1.02 27.22
N PHE B 312 15.38 -0.32 28.29
CA PHE B 312 14.46 -0.13 29.40
C PHE B 312 14.70 1.25 29.96
N VAL B 313 13.66 1.80 30.56
CA VAL B 313 13.68 3.15 31.09
C VAL B 313 13.57 3.08 32.60
N LEU B 314 14.37 3.89 33.29
CA LEU B 314 14.22 4.12 34.71
C LEU B 314 13.89 5.59 34.90
N ARG B 315 12.86 5.87 35.68
CA ARG B 315 12.67 7.25 36.13
C ARG B 315 13.76 7.56 37.13
N VAL B 316 14.34 8.75 37.01
CA VAL B 316 15.53 9.06 37.76
C VAL B 316 15.29 10.35 38.51
N LYS B 317 16.02 10.51 39.61
CA LYS B 317 15.84 11.67 40.46
C LYS B 317 16.04 12.96 39.69
N ASP B 318 15.15 13.93 39.95
CA ASP B 318 15.12 15.17 39.18
C ASP B 318 16.51 15.75 39.02
N GLY B 319 16.80 16.27 37.82
CA GLY B 319 18.10 16.80 37.51
C GLY B 319 19.16 15.78 37.16
N PHE B 320 18.81 14.50 37.05
CA PHE B 320 19.78 13.50 36.60
C PHE B 320 19.44 12.95 35.22
N GLY B 321 18.59 13.65 34.48
CA GLY B 321 18.32 13.42 33.07
C GLY B 321 17.92 14.74 32.43
N MET B 322 17.87 14.75 31.10
CA MET B 322 17.65 16.00 30.35
C MET B 322 16.21 16.22 29.93
N ASP B 323 15.29 15.35 30.34
CA ASP B 323 13.90 15.45 29.92
C ASP B 323 13.33 16.84 30.17
N ASP B 324 13.57 17.39 31.37
CA ASP B 324 12.99 18.67 31.72
C ASP B 324 13.60 19.83 30.96
N VAL B 325 14.79 19.63 30.38
CA VAL B 325 15.46 20.67 29.61
C VAL B 325 15.16 20.54 28.11
N LEU B 326 15.21 19.34 27.55
CA LEU B 326 15.14 19.20 26.09
C LEU B 326 13.80 18.65 25.58
N LEU B 327 13.12 17.79 26.34
CA LEU B 327 11.92 17.11 25.87
C LEU B 327 10.63 17.88 26.13
N ARG B 328 10.56 18.70 27.17
CA ARG B 328 9.33 19.38 27.56
C ARG B 328 9.46 20.87 27.37
N HIS B 329 8.41 21.49 26.83
CA HIS B 329 8.45 22.92 26.59
C HIS B 329 8.52 23.68 27.91
N GLY B 330 9.11 24.86 27.86
CA GLY B 330 9.23 25.68 29.04
C GLY B 330 10.48 26.53 29.00
N PRO B 331 10.71 27.30 30.07
CA PRO B 331 11.89 28.18 30.10
C PRO B 331 13.20 27.46 29.92
N LYS B 332 13.39 26.29 30.56
CA LYS B 332 14.66 25.58 30.41
C LYS B 332 14.92 25.20 28.97
N ARG B 333 13.88 24.78 28.24
CA ARG B 333 14.04 24.49 26.82
C ARG B 333 14.26 25.76 26.02
N ASP B 334 13.48 26.81 26.30
CA ASP B 334 13.67 28.08 25.59
C ASP B 334 15.11 28.56 25.71
N ALA B 335 15.71 28.38 26.88
CA ALA B 335 17.09 28.82 27.11
C ALA B 335 18.07 28.10 26.20
N VAL B 336 18.06 26.75 26.25
CA VAL B 336 19.02 25.98 25.50
C VAL B 336 18.78 26.09 23.99
N VAL B 337 17.51 26.19 23.55
CA VAL B 337 17.25 26.35 22.13
C VAL B 337 17.75 27.69 21.65
N SER B 338 17.57 28.74 22.46
CA SER B 338 18.05 30.06 22.10
C SER B 338 19.56 30.06 21.92
N ALA B 339 20.28 29.45 22.87
CA ALA B 339 21.73 29.38 22.79
C ALA B 339 22.18 28.68 21.51
N TYR B 340 21.60 27.51 21.22
CA TYR B 340 22.04 26.77 20.04
C TYR B 340 21.77 27.58 18.78
N ASN B 341 20.61 28.23 18.69
CA ASN B 341 20.26 29.02 17.52
C ASN B 341 21.20 30.18 17.27
N LYS B 342 22.00 30.58 18.26
CA LYS B 342 22.90 31.72 18.08
C LYS B 342 24.34 31.32 17.80
N ASN B 343 24.89 30.31 18.52
CA ASN B 343 26.27 29.89 18.28
C ASN B 343 26.49 28.38 18.36
N ARG B 344 25.44 27.57 18.26
CA ARG B 344 25.50 26.09 18.31
C ARG B 344 26.09 25.55 19.63
N SER B 345 26.10 26.35 20.68
CA SER B 345 26.56 25.87 21.98
C SER B 345 25.41 25.29 22.79
N GLY B 346 25.74 24.65 23.90
CA GLY B 346 24.73 24.16 24.80
C GLY B 346 24.37 22.72 24.55
N PRO B 347 23.48 22.17 25.38
CA PRO B 347 23.15 20.73 25.27
C PRO B 347 22.28 20.39 24.06
N VAL B 348 21.64 21.37 23.40
CA VAL B 348 20.98 21.09 22.13
C VAL B 348 21.96 20.49 21.12
N GLY B 349 23.26 20.75 21.28
CA GLY B 349 24.31 20.18 20.47
C GLY B 349 24.82 18.83 20.92
N SER B 350 24.16 18.22 21.91
CA SER B 350 24.56 16.94 22.49
C SER B 350 23.85 15.78 21.81
N GLY B 351 24.55 14.65 21.74
CA GLY B 351 23.95 13.41 21.30
C GLY B 351 23.31 12.62 22.41
N LEU B 352 23.42 13.10 23.64
CA LEU B 352 22.79 12.56 24.85
C LEU B 352 23.33 11.19 25.23
N LEU B 353 24.45 10.75 24.66
CA LEU B 353 25.08 9.51 25.08
C LEU B 353 26.55 9.81 25.35
N GLU B 354 26.96 9.69 26.62
CA GLU B 354 28.29 10.12 27.05
C GLU B 354 29.12 9.01 27.67
N LEU B 355 28.50 8.05 28.33
CA LEU B 355 29.20 6.87 28.80
C LEU B 355 28.58 5.63 28.18
N VAL B 356 29.45 4.69 27.78
CA VAL B 356 29.02 3.45 27.14
C VAL B 356 29.86 2.32 27.73
N GLY B 357 29.21 1.24 28.12
CA GLY B 357 29.89 0.09 28.71
C GLY B 357 29.98 -1.06 27.74
N PHE B 358 31.08 -1.82 27.82
CA PHE B 358 31.27 -3.02 27.01
C PHE B 358 31.67 -4.17 27.92
N PRO B 359 30.76 -4.67 28.75
CA PRO B 359 31.12 -5.73 29.70
C PRO B 359 30.97 -7.12 29.12
N ARG B 360 31.59 -8.06 29.82
CA ARG B 360 31.25 -9.48 29.73
C ARG B 360 30.41 -9.84 30.94
N ILE B 361 29.65 -10.94 30.82
CA ILE B 361 28.72 -11.34 31.87
C ILE B 361 28.85 -12.82 32.23
N ASP B 362 30.05 -13.38 32.13
CA ASP B 362 30.22 -14.82 32.37
C ASP B 362 29.60 -15.28 33.69
N LYS B 363 29.68 -14.47 34.75
CA LYS B 363 29.17 -14.97 36.03
C LYS B 363 27.66 -15.06 36.02
N TYR B 364 26.97 -14.25 35.22
CA TYR B 364 25.52 -14.39 35.09
C TYR B 364 25.16 -15.61 34.24
N LEU B 365 25.82 -15.77 33.09
CA LEU B 365 25.55 -16.90 32.20
C LEU B 365 25.75 -18.23 32.90
N GLU B 366 26.82 -18.36 33.71
CA GLU B 366 27.15 -19.66 34.32
C GLU B 366 26.06 -20.15 35.27
N LYS B 367 25.19 -19.25 35.76
CA LYS B 367 24.11 -19.67 36.64
C LYS B 367 22.97 -20.36 35.89
N ASP B 368 22.96 -20.35 34.56
CA ASP B 368 21.87 -20.92 33.78
C ASP B 368 22.29 -22.30 33.30
N ALA B 369 21.46 -23.30 33.59
CA ALA B 369 21.82 -24.68 33.28
C ALA B 369 21.99 -24.90 31.78
N GLU B 370 21.13 -24.29 30.96
CA GLU B 370 21.23 -24.50 29.52
C GLU B 370 22.50 -23.89 28.95
N TYR B 371 22.93 -22.74 29.49
CA TYR B 371 24.19 -22.17 29.04
C TYR B 371 25.35 -23.10 29.34
N ARG B 372 25.44 -23.57 30.59
CA ARG B 372 26.53 -24.47 31.00
C ARG B 372 26.60 -25.67 30.06
N LYS B 373 25.44 -26.26 29.74
CA LYS B 373 25.39 -27.31 28.74
C LYS B 373 25.99 -26.86 27.41
N ALA B 374 25.59 -25.67 26.95
CA ALA B 374 26.04 -25.20 25.64
C ALA B 374 27.53 -24.91 25.65
N LYS B 375 28.03 -24.35 26.76
CA LYS B 375 29.47 -24.13 26.85
C LYS B 375 30.23 -25.46 26.87
N ALA B 376 29.71 -26.45 27.59
CA ALA B 376 30.36 -27.76 27.56
C ALA B 376 30.33 -28.37 26.16
N ALA B 377 29.20 -28.26 25.47
CA ALA B 377 29.11 -28.83 24.12
C ALA B 377 30.00 -28.11 23.11
N ASN B 378 30.39 -26.86 23.41
CA ASN B 378 31.31 -26.08 22.59
C ASN B 378 32.75 -26.23 23.04
N GLY B 379 33.09 -27.38 23.62
CA GLY B 379 34.44 -27.61 24.05
C GLY B 379 34.90 -26.73 25.19
N GLY B 380 33.97 -26.29 26.04
CA GLY B 380 34.33 -25.47 27.18
C GLY B 380 34.51 -24.00 26.91
N LYS B 381 34.30 -23.53 25.68
CA LYS B 381 34.44 -22.11 25.41
C LYS B 381 33.07 -21.43 25.31
N ASP B 382 33.01 -20.21 25.84
CA ASP B 382 31.80 -19.40 25.76
C ASP B 382 31.30 -19.34 24.31
N PRO B 383 30.02 -19.65 24.05
CA PRO B 383 29.53 -19.61 22.66
C PRO B 383 29.45 -18.20 22.09
N PHE B 384 29.13 -17.20 22.90
CA PHE B 384 28.93 -15.86 22.36
C PHE B 384 30.25 -15.22 21.98
N SER B 385 31.19 -15.11 22.93
CA SER B 385 32.45 -14.42 22.70
C SER B 385 33.60 -15.32 23.13
N PRO B 386 33.89 -16.38 22.35
CA PRO B 386 34.89 -17.35 22.78
C PRO B 386 36.30 -16.79 22.83
N LEU B 387 36.53 -15.63 22.21
CA LEU B 387 37.84 -15.01 22.14
C LEU B 387 37.93 -13.74 22.97
N GLY B 388 37.12 -13.65 24.03
CA GLY B 388 37.23 -12.54 24.98
C GLY B 388 36.56 -11.25 24.55
N GLN B 389 35.78 -11.28 23.47
CA GLN B 389 35.10 -10.07 23.06
C GLN B 389 34.03 -9.74 24.10
N PRO B 390 33.56 -8.49 24.14
CA PRO B 390 32.49 -8.15 25.09
C PRO B 390 31.23 -8.93 24.77
N HIS B 391 30.33 -8.98 25.74
CA HIS B 391 29.01 -9.56 25.51
C HIS B 391 27.96 -8.52 25.15
N PHE B 392 28.07 -7.31 25.69
CA PHE B 392 27.06 -6.30 25.45
C PHE B 392 27.73 -4.96 25.13
N GLU B 393 26.97 -4.11 24.44
CA GLU B 393 27.20 -2.68 24.48
C GLU B 393 26.02 -2.08 25.24
N LEU B 394 26.30 -1.40 26.36
CA LEU B 394 25.27 -0.77 27.16
C LEU B 394 25.33 0.72 26.92
N ASP B 395 24.31 1.25 26.23
CA ASP B 395 24.20 2.69 25.98
C ASP B 395 23.40 3.32 27.11
N PHE B 396 23.99 4.27 27.81
CA PHE B 396 23.31 4.99 28.90
C PHE B 396 22.85 6.36 28.39
N VAL B 397 21.67 6.37 27.79
CA VAL B 397 21.10 7.59 27.23
C VAL B 397 20.42 8.39 28.34
N CYS B 398 20.90 9.60 28.60
CA CYS B 398 20.50 10.33 29.80
C CYS B 398 19.20 11.13 29.62
N MET B 399 18.18 10.44 29.11
CA MET B 399 16.92 11.08 28.77
C MET B 399 15.98 9.96 28.36
N PHE B 400 14.68 10.22 28.41
CA PHE B 400 13.75 9.28 27.81
C PHE B 400 13.92 9.27 26.29
N GLY B 401 14.20 8.10 25.72
CA GLY B 401 14.41 7.99 24.29
C GLY B 401 13.29 7.32 23.52
N THR B 402 12.49 8.10 22.78
CA THR B 402 11.38 7.52 22.04
C THR B 402 11.85 6.50 21.01
N ALA B 403 13.02 6.72 20.43
CA ALA B 403 13.54 5.78 19.45
C ALA B 403 13.87 4.43 20.06
N PHE B 404 13.85 4.30 21.38
CA PHE B 404 14.14 3.03 22.04
C PHE B 404 12.99 2.46 22.84
N GLN B 405 11.81 3.08 22.78
CA GLN B 405 10.61 2.55 23.41
C GLN B 405 9.47 2.67 22.41
N TRP B 406 9.35 1.66 21.54
CA TRP B 406 8.51 1.71 20.35
C TRP B 406 7.03 1.57 20.64
N HIS B 407 6.65 1.05 21.81
CA HIS B 407 5.24 0.82 22.15
C HIS B 407 4.79 1.50 23.44
N PHE B 408 5.64 2.34 24.04
CA PHE B 408 5.27 3.02 25.27
C PHE B 408 5.18 4.51 24.99
N PRO B 409 4.26 5.21 25.64
CA PRO B 409 4.19 6.67 25.47
C PRO B 409 5.28 7.40 26.23
N THR B 410 5.50 8.65 25.82
CA THR B 410 6.46 9.51 26.50
C THR B 410 5.93 9.86 27.89
N PRO B 411 6.74 9.69 28.96
CA PRO B 411 6.30 10.11 30.29
C PRO B 411 5.97 11.58 30.33
N LYS B 412 4.92 11.92 31.06
CA LYS B 412 4.47 13.30 31.08
C LYS B 412 5.21 14.14 32.09
N THR B 413 5.92 13.51 33.04
CA THR B 413 6.74 14.25 33.99
C THR B 413 8.00 13.44 34.27
N GLY B 414 8.99 14.13 34.80
CA GLY B 414 10.15 13.49 35.37
C GLY B 414 11.31 13.35 34.39
N ASP B 415 12.48 13.14 34.97
CA ASP B 415 13.69 12.89 34.22
C ASP B 415 13.95 11.39 34.23
N HIS B 416 14.55 10.89 33.15
CA HIS B 416 14.67 9.46 32.97
C HIS B 416 16.04 9.09 32.41
N LEU B 417 16.38 7.82 32.58
CA LEU B 417 17.54 7.21 31.95
C LEU B 417 17.05 6.08 31.07
N THR B 418 17.49 6.07 29.82
CA THR B 418 17.25 4.95 28.90
C THR B 418 18.53 4.13 28.77
N VAL B 419 18.46 2.87 29.16
CA VAL B 419 19.56 1.92 29.02
C VAL B 419 19.29 1.02 27.82
N VAL B 420 20.19 1.03 26.84
CA VAL B 420 20.05 0.19 25.65
C VAL B 420 20.86 -1.07 25.88
N VAL B 421 20.22 -2.20 26.20
CA VAL B 421 20.95 -3.44 26.45
C VAL B 421 21.11 -4.15 25.11
N ASP B 422 22.29 -4.01 24.54
CA ASP B 422 22.60 -4.35 23.15
C ASP B 422 23.49 -5.60 23.13
N LEU B 423 22.94 -6.72 22.70
CA LEU B 423 23.69 -7.98 22.61
C LEU B 423 24.52 -7.92 21.34
N VAL B 424 25.84 -7.68 21.50
CA VAL B 424 26.69 -7.42 20.34
C VAL B 424 27.26 -8.71 19.77
N ARG B 425 27.21 -9.81 20.51
CA ARG B 425 27.69 -11.10 20.03
C ARG B 425 26.60 -12.17 20.05
N PRO B 426 25.51 -11.99 19.31
CA PRO B 426 24.50 -13.03 19.27
C PRO B 426 24.99 -14.23 18.49
N ILE B 427 24.36 -15.37 18.76
CA ILE B 427 24.66 -16.60 18.05
C ILE B 427 23.45 -17.15 17.31
N SER B 428 22.31 -16.47 17.36
CA SER B 428 21.19 -16.90 16.54
C SER B 428 21.62 -16.94 15.07
N ASP B 429 21.05 -17.90 14.33
CA ASP B 429 21.23 -17.95 12.90
C ASP B 429 20.82 -16.62 12.27
N PRO B 430 21.35 -16.32 11.09
CA PRO B 430 21.03 -15.04 10.44
C PRO B 430 19.61 -14.99 9.90
N GLY B 431 19.16 -13.76 9.65
CA GLY B 431 17.93 -13.53 8.93
C GLY B 431 18.17 -13.45 7.42
N GLU B 432 17.28 -12.73 6.74
CA GLU B 432 17.37 -12.67 5.28
C GLU B 432 16.58 -11.49 4.75
N VAL B 433 17.05 -10.95 3.64
CA VAL B 433 16.33 -9.98 2.82
C VAL B 433 15.85 -10.75 1.59
N THR B 434 14.56 -10.71 1.33
CA THR B 434 14.00 -11.38 0.16
C THR B 434 13.14 -10.40 -0.62
N LEU B 435 12.92 -10.72 -1.90
CA LEU B 435 12.07 -9.89 -2.73
C LEU B 435 10.61 -10.12 -2.38
N ASN B 436 9.88 -9.01 -2.27
CA ASN B 436 8.43 -9.08 -2.25
C ASN B 436 7.84 -9.14 -3.66
N SER B 437 8.53 -8.55 -4.63
CA SER B 437 8.09 -8.54 -6.02
C SER B 437 9.23 -7.95 -6.82
N ALA B 438 9.02 -7.83 -8.13
CA ALA B 438 9.99 -7.20 -9.02
C ALA B 438 9.83 -5.69 -9.08
N ASP B 439 8.95 -5.13 -8.26
CA ASP B 439 8.70 -3.71 -8.27
C ASP B 439 9.83 -2.96 -7.56
N PRO B 440 10.60 -2.12 -8.26
CA PRO B 440 11.72 -1.44 -7.59
C PRO B 440 11.29 -0.43 -6.53
N PHE B 441 10.01 -0.06 -6.45
CA PHE B 441 9.54 0.89 -5.46
C PHE B 441 8.90 0.21 -4.24
N GLN B 442 8.84 -1.12 -4.20
CA GLN B 442 8.45 -1.81 -2.97
C GLN B 442 9.67 -2.12 -2.11
N GLN B 443 9.50 -2.02 -0.79
CA GLN B 443 10.57 -2.41 0.10
C GLN B 443 10.77 -3.91 -0.04
N PRO B 444 11.98 -4.40 0.20
CA PRO B 444 12.16 -5.86 0.27
C PRO B 444 11.56 -6.37 1.57
N ASN B 445 11.26 -7.67 1.61
CA ASN B 445 10.84 -8.27 2.87
C ASN B 445 12.08 -8.61 3.68
N ILE B 446 12.04 -8.23 4.97
CA ILE B 446 13.19 -8.24 5.84
C ILE B 446 12.85 -9.01 7.10
N ASN B 447 13.64 -10.03 7.41
CA ASN B 447 13.48 -10.80 8.64
C ASN B 447 14.79 -10.76 9.41
N LEU B 448 14.80 -10.07 10.54
CA LEU B 448 16.04 -10.03 11.32
C LEU B 448 16.30 -11.33 12.05
N ASN B 449 15.27 -12.15 12.26
CA ASN B 449 15.44 -13.45 12.90
C ASN B 449 16.14 -13.34 14.26
N PHE B 450 15.75 -12.34 15.06
CA PHE B 450 16.30 -12.23 16.41
C PHE B 450 15.84 -13.39 17.29
N PHE B 451 16.76 -13.89 18.13
CA PHE B 451 16.42 -14.82 19.20
C PHE B 451 15.91 -16.15 18.67
N ALA B 452 16.32 -16.52 17.46
CA ALA B 452 16.04 -17.86 16.95
C ALA B 452 16.61 -18.93 17.87
N ASN B 453 17.77 -18.66 18.46
CA ASN B 453 18.41 -19.52 19.43
C ASN B 453 18.02 -19.07 20.84
N ASP B 454 17.49 -20.00 21.65
CA ASP B 454 17.13 -19.67 23.03
C ASP B 454 18.28 -19.05 23.80
N LEU B 455 19.53 -19.41 23.46
CA LEU B 455 20.69 -18.90 24.19
C LEU B 455 20.80 -17.37 24.12
N ASP B 456 20.39 -16.77 23.00
CA ASP B 456 20.40 -15.32 22.93
C ASP B 456 19.40 -14.72 23.91
N ILE B 457 18.25 -15.38 24.11
CA ILE B 457 17.27 -14.93 25.09
C ILE B 457 17.87 -14.97 26.48
N ILE B 458 18.57 -16.07 26.80
CA ILE B 458 19.22 -16.20 28.10
C ILE B 458 20.24 -15.09 28.31
N ALA B 459 21.09 -14.85 27.31
CA ALA B 459 22.12 -13.82 27.44
C ALA B 459 21.50 -12.45 27.64
N MET B 460 20.55 -12.10 26.79
CA MET B 460 19.89 -10.78 26.88
C MET B 460 19.22 -10.61 28.24
N ARG B 461 18.53 -11.66 28.72
CA ARG B 461 17.96 -11.63 30.06
C ARG B 461 19.04 -11.33 31.12
N GLU B 462 20.16 -12.06 31.06
CA GLU B 462 21.26 -11.84 32.01
C GLU B 462 21.93 -10.49 31.81
N GLY B 463 22.02 -10.00 30.56
CA GLY B 463 22.51 -8.65 30.34
C GLY B 463 21.58 -7.61 30.93
N ILE B 464 20.27 -7.89 30.92
CA ILE B 464 19.33 -6.98 31.58
C ILE B 464 19.51 -7.04 33.10
N ARG B 465 19.70 -8.25 33.65
CA ARG B 465 19.93 -8.37 35.08
C ARG B 465 21.20 -7.62 35.50
N PHE B 466 22.29 -7.78 34.74
CA PHE B 466 23.50 -7.03 35.02
C PHE B 466 23.23 -5.53 35.08
N SER B 467 22.58 -4.99 34.06
CA SER B 467 22.30 -3.56 34.04
C SER B 467 21.44 -3.16 35.23
N TYR B 468 20.53 -4.04 35.63
CA TYR B 468 19.70 -3.76 36.80
C TYR B 468 20.55 -3.77 38.08
N ASP B 469 21.41 -4.78 38.24
CA ASP B 469 22.32 -4.81 39.40
C ASP B 469 23.16 -3.55 39.47
N LEU B 470 23.69 -3.12 38.32
CA LEU B 470 24.54 -1.93 38.27
C LEU B 470 23.79 -0.71 38.76
N LEU B 471 22.58 -0.49 38.27
CA LEU B 471 21.93 0.76 38.62
C LEU B 471 21.18 0.68 39.93
N PHE B 472 20.67 -0.50 40.28
CA PHE B 472 19.92 -0.61 41.53
C PHE B 472 20.80 -0.94 42.74
N LYS B 473 21.85 -1.74 42.56
CA LYS B 473 22.73 -2.09 43.67
C LYS B 473 24.04 -1.31 43.67
N GLY B 474 24.49 -0.85 42.50
CA GLY B 474 25.76 -0.17 42.43
C GLY B 474 25.75 1.15 43.18
N GLU B 475 26.92 1.49 43.72
CA GLU B 475 27.08 2.63 44.62
C GLU B 475 26.84 3.94 43.88
N GLY B 476 26.26 4.89 44.60
CA GLY B 476 26.08 6.21 44.02
C GLY B 476 24.82 6.27 43.21
N PHE B 477 24.74 5.46 42.15
CA PHE B 477 23.58 5.53 41.28
C PHE B 477 22.34 4.95 41.96
N LYS B 478 22.50 3.96 42.84
CA LYS B 478 21.37 3.34 43.54
C LYS B 478 20.53 4.37 44.30
N ASP B 479 21.13 5.46 44.74
CA ASP B 479 20.36 6.50 45.37
C ASP B 479 19.65 7.40 44.37
N LEU B 480 19.77 7.12 43.06
CA LEU B 480 19.16 7.95 42.03
C LEU B 480 17.90 7.36 41.40
N VAL B 481 17.65 6.07 41.57
CA VAL B 481 16.51 5.42 40.93
C VAL B 481 15.22 5.74 41.71
N GLU B 482 14.24 6.34 41.04
CA GLU B 482 12.94 6.60 41.63
C GLU B 482 11.90 5.52 41.29
N SER B 483 11.84 5.06 40.03
CA SER B 483 10.88 4.03 39.64
C SER B 483 11.23 3.50 38.25
N GLU B 484 10.60 2.38 37.88
CA GLU B 484 10.70 1.79 36.54
C GLU B 484 9.54 2.25 35.64
N TYR B 485 9.83 2.33 34.35
CA TYR B 485 8.82 2.76 33.39
C TYR B 485 8.80 1.76 32.24
N PRO B 486 7.62 1.31 31.79
CA PRO B 486 6.31 1.69 32.33
C PRO B 486 5.80 0.76 33.43
N TRP B 487 6.54 -0.32 33.69
CA TRP B 487 6.22 -1.26 34.76
C TRP B 487 7.50 -2.00 35.12
N GLU B 488 7.42 -2.89 36.11
CA GLU B 488 8.61 -3.58 36.58
C GLU B 488 9.12 -4.57 35.55
N MET B 489 10.43 -4.65 35.41
CA MET B 489 11.03 -5.74 34.63
C MET B 489 10.93 -7.04 35.42
N PRO B 490 10.30 -8.06 34.90
CA PRO B 490 10.01 -9.27 35.70
C PRO B 490 11.23 -10.17 35.91
N LEU B 491 12.29 -9.60 36.49
CA LEU B 491 13.55 -10.34 36.65
C LEU B 491 13.44 -11.55 37.56
N ASP B 492 12.35 -11.70 38.31
CA ASP B 492 12.17 -12.79 39.24
C ASP B 492 11.69 -14.08 38.59
N SER B 493 11.50 -14.09 37.26
CA SER B 493 10.89 -15.24 36.58
C SER B 493 11.52 -15.46 35.21
N ASP B 494 12.13 -16.62 34.99
CA ASP B 494 12.66 -16.96 33.68
C ASP B 494 11.55 -17.02 32.62
N LYS B 495 10.38 -17.51 33.00
CA LYS B 495 9.23 -17.54 32.09
C LYS B 495 8.78 -16.17 31.68
N GLU B 496 8.77 -15.23 32.60
CA GLU B 496 8.34 -13.89 32.28
C GLU B 496 9.40 -13.12 31.51
N MET B 497 10.68 -13.35 31.81
CA MET B 497 11.75 -12.69 31.07
C MET B 497 11.81 -13.16 29.63
N HIS B 498 11.57 -14.46 29.40
CA HIS B 498 11.52 -14.99 28.04
C HIS B 498 10.54 -14.18 27.19
N ARG B 499 9.34 -13.96 27.72
CA ARG B 499 8.32 -13.17 27.03
C ARG B 499 8.72 -11.69 26.97
N ALA B 500 9.31 -11.17 28.05
CA ALA B 500 9.67 -9.76 28.04
C ALA B 500 10.77 -9.45 27.02
N VAL B 501 11.75 -10.34 26.88
CA VAL B 501 12.83 -10.16 25.91
C VAL B 501 12.28 -10.15 24.49
N LEU B 502 11.46 -11.15 24.16
CA LEU B 502 10.90 -11.23 22.82
C LEU B 502 10.02 -10.04 22.50
N ASP B 503 9.20 -9.60 23.46
CA ASP B 503 8.18 -8.60 23.20
C ASP B 503 8.68 -7.18 23.30
N ARG B 504 9.80 -6.95 24.00
CA ARG B 504 10.35 -5.61 24.15
C ARG B 504 11.60 -5.36 23.33
N CYS B 505 12.17 -6.38 22.70
CA CYS B 505 13.38 -6.13 21.90
C CYS B 505 13.05 -5.27 20.69
N GLN B 506 14.12 -4.76 20.09
CA GLN B 506 14.08 -3.98 18.87
C GLN B 506 15.44 -4.13 18.19
N THR B 507 15.57 -3.53 17.01
CA THR B 507 16.89 -3.46 16.38
C THR B 507 17.73 -2.46 17.16
N ALA B 508 19.02 -2.79 17.35
CA ALA B 508 19.98 -1.80 17.83
C ALA B 508 20.52 -0.94 16.70
N PHE B 509 19.99 -1.13 15.49
CA PHE B 509 20.26 -0.34 14.30
C PHE B 509 21.62 -0.65 13.67
N HIS B 510 22.10 -1.89 13.78
CA HIS B 510 23.38 -2.25 13.18
C HIS B 510 23.26 -3.39 12.15
N PRO B 511 22.30 -3.36 11.22
CA PRO B 511 22.16 -4.52 10.31
C PRO B 511 23.31 -4.62 9.31
N THR B 512 23.70 -5.85 9.00
CA THR B 512 24.85 -6.15 8.17
C THR B 512 24.60 -7.42 7.38
N GLY B 513 25.49 -7.67 6.42
CA GLY B 513 25.84 -9.02 6.00
C GLY B 513 25.20 -9.57 4.75
N THR B 514 24.39 -8.79 4.02
CA THR B 514 23.57 -9.38 2.96
C THR B 514 24.26 -9.49 1.61
N ALA B 515 25.48 -8.96 1.44
CA ALA B 515 26.24 -9.14 0.21
C ALA B 515 27.70 -9.44 0.55
N ARG B 516 27.92 -10.40 1.45
CA ARG B 516 29.15 -10.46 2.24
C ARG B 516 30.39 -10.81 1.40
N LEU B 517 31.53 -10.28 1.83
CA LEU B 517 32.79 -10.59 1.16
C LEU B 517 33.20 -12.03 1.48
N SER B 518 33.93 -12.63 0.56
CA SER B 518 34.12 -14.08 0.57
C SER B 518 35.18 -14.45 -0.46
N LYS B 519 35.58 -15.72 -0.44
CA LYS B 519 36.62 -16.17 -1.35
C LYS B 519 36.08 -16.75 -2.65
N ASN B 520 34.81 -17.12 -2.70
CA ASN B 520 34.19 -17.67 -3.89
C ASN B 520 32.69 -17.50 -3.73
N ILE B 521 31.96 -17.75 -4.83
CA ILE B 521 30.52 -17.45 -4.83
C ILE B 521 29.75 -18.48 -4.03
N ASP B 522 30.35 -19.62 -3.73
CA ASP B 522 29.67 -20.56 -2.85
C ASP B 522 29.72 -20.14 -1.38
N GLN B 523 30.54 -19.14 -1.03
CA GLN B 523 30.63 -18.61 0.32
C GLN B 523 30.03 -17.21 0.49
N GLY B 524 30.00 -16.39 -0.55
CA GLY B 524 29.44 -15.07 -0.43
C GLY B 524 29.14 -14.43 -1.77
N VAL B 525 28.94 -13.12 -1.75
CA VAL B 525 28.46 -12.39 -2.91
C VAL B 525 29.57 -11.60 -3.58
N VAL B 526 30.47 -11.00 -2.79
CA VAL B 526 31.59 -10.23 -3.36
C VAL B 526 32.90 -10.89 -2.94
N ASP B 527 33.97 -10.59 -3.70
CA ASP B 527 35.27 -11.22 -3.46
C ASP B 527 36.11 -10.30 -2.56
N PRO B 528 37.34 -10.67 -2.16
CA PRO B 528 38.09 -9.81 -1.22
C PRO B 528 38.39 -8.42 -1.74
N LYS B 529 38.33 -8.20 -3.05
CA LYS B 529 38.45 -6.87 -3.60
C LYS B 529 37.09 -6.18 -3.78
N LEU B 530 36.04 -6.72 -3.15
CA LEU B 530 34.68 -6.20 -3.15
C LEU B 530 34.01 -6.25 -4.52
N LYS B 531 34.55 -7.06 -5.44
CA LYS B 531 33.91 -7.31 -6.72
C LYS B 531 32.84 -8.39 -6.59
N VAL B 532 31.70 -8.15 -7.23
CA VAL B 532 30.58 -9.10 -7.23
C VAL B 532 31.00 -10.35 -8.01
N HIS B 533 30.98 -11.52 -7.34
CA HIS B 533 31.38 -12.75 -8.01
C HIS B 533 30.56 -12.96 -9.27
N GLY B 534 31.24 -13.14 -10.40
CA GLY B 534 30.56 -13.40 -11.66
C GLY B 534 30.29 -12.18 -12.51
N ILE B 535 30.56 -10.97 -12.02
CA ILE B 535 30.27 -9.74 -12.75
C ILE B 535 31.52 -8.87 -12.77
N LYS B 536 31.86 -8.32 -13.93
CA LYS B 536 32.95 -7.38 -14.10
C LYS B 536 32.48 -5.95 -13.90
N LYS B 537 33.39 -5.11 -13.37
CA LYS B 537 33.17 -3.68 -13.20
C LYS B 537 32.07 -3.37 -12.18
N LEU B 538 31.84 -4.25 -11.21
CA LEU B 538 30.83 -4.01 -10.19
C LEU B 538 31.39 -4.34 -8.82
N ARG B 539 31.41 -3.35 -7.95
CA ARG B 539 31.77 -3.56 -6.56
C ARG B 539 30.61 -3.17 -5.67
N VAL B 540 30.61 -3.73 -4.47
CA VAL B 540 29.64 -3.40 -3.42
C VAL B 540 30.45 -2.86 -2.26
N ALA B 541 30.03 -1.71 -1.73
CA ALA B 541 30.71 -1.11 -0.57
C ALA B 541 29.67 -0.50 0.37
N ASP B 542 29.28 -1.26 1.39
CA ASP B 542 28.39 -0.82 2.47
C ASP B 542 28.32 -1.93 3.52
N ALA B 543 27.42 -1.75 4.51
CA ALA B 543 27.35 -2.71 5.61
C ALA B 543 27.03 -4.11 5.13
N SER B 544 26.55 -4.27 3.90
CA SER B 544 26.15 -5.60 3.50
C SER B 544 27.33 -6.52 3.21
N VAL B 545 28.54 -5.97 3.07
CA VAL B 545 29.70 -6.83 2.82
C VAL B 545 30.29 -7.38 4.11
N ILE B 546 29.96 -6.78 5.26
CA ILE B 546 30.53 -7.13 6.56
C ILE B 546 30.20 -8.59 6.84
N PRO B 547 31.20 -9.47 6.97
CA PRO B 547 30.92 -10.91 7.10
C PRO B 547 30.70 -11.40 8.52
N ILE B 548 31.19 -10.65 9.50
CA ILE B 548 30.99 -10.95 10.92
C ILE B 548 30.76 -9.63 11.63
N ILE B 549 29.59 -9.48 12.25
CA ILE B 549 29.19 -8.15 12.72
C ILE B 549 30.08 -7.74 13.88
N PRO B 550 30.57 -6.49 13.90
CA PRO B 550 31.43 -6.04 14.99
C PRO B 550 30.74 -6.14 16.34
N ASP B 551 31.54 -5.91 17.39
CA ASP B 551 31.13 -6.08 18.78
C ASP B 551 30.60 -4.80 19.37
N CYS B 552 29.96 -3.96 18.56
CA CYS B 552 29.64 -2.58 18.91
C CYS B 552 28.91 -1.93 17.74
N ALA B 553 28.51 -0.67 17.92
CA ALA B 553 27.98 0.13 16.82
C ALA B 553 28.94 0.09 15.64
N ILE B 554 28.39 0.08 14.42
CA ILE B 554 29.13 -0.40 13.24
C ILE B 554 29.52 0.70 12.27
N GLN B 555 29.14 1.95 12.49
CA GLN B 555 29.42 2.97 11.49
C GLN B 555 30.92 3.13 11.23
N ASN B 556 31.76 2.93 12.26
CA ASN B 556 33.20 3.04 12.04
C ASN B 556 33.67 1.95 11.08
N SER B 557 33.21 0.72 11.30
CA SER B 557 33.57 -0.35 10.39
C SER B 557 33.02 -0.11 8.99
N VAL B 558 31.88 0.58 8.87
CA VAL B 558 31.31 0.82 7.56
C VAL B 558 32.17 1.80 6.76
N TYR B 559 32.49 2.94 7.36
CA TYR B 559 33.44 3.87 6.75
C TYR B 559 34.71 3.14 6.33
N ALA B 560 35.24 2.31 7.22
CA ALA B 560 36.46 1.58 6.90
C ALA B 560 36.29 0.76 5.64
N VAL B 561 35.13 0.08 5.49
CA VAL B 561 34.87 -0.66 4.27
C VAL B 561 34.92 0.27 3.07
N GLY B 562 34.31 1.44 3.17
CA GLY B 562 34.39 2.42 2.08
C GLY B 562 35.82 2.87 1.77
N GLU B 563 36.60 3.16 2.83
CA GLU B 563 37.99 3.60 2.63
C GLU B 563 38.81 2.52 1.92
N LYS B 564 38.67 1.26 2.36
CA LYS B 564 39.44 0.18 1.73
C LYS B 564 39.00 -0.08 0.29
N CYS B 565 37.70 0.00 0.02
CA CYS B 565 37.19 -0.15 -1.34
C CYS B 565 37.83 0.86 -2.28
N ALA B 566 37.89 2.13 -1.86
CA ALA B 566 38.50 3.14 -2.71
C ALA B 566 39.95 2.83 -3.02
N ASP B 567 40.71 2.39 -2.00
CA ASP B 567 42.11 2.04 -2.22
C ASP B 567 42.25 0.91 -3.23
N MET B 568 41.44 -0.14 -3.07
CA MET B 568 41.57 -1.25 -4.00
C MET B 568 41.15 -0.85 -5.43
N ILE B 569 40.22 0.10 -5.55
CA ILE B 569 39.86 0.60 -6.88
C ILE B 569 41.00 1.42 -7.46
N LYS B 570 41.55 2.35 -6.66
CA LYS B 570 42.68 3.16 -7.12
C LYS B 570 43.87 2.29 -7.50
N ALA B 571 44.11 1.21 -6.77
CA ALA B 571 45.27 0.37 -7.06
C ALA B 571 45.12 -0.33 -8.40
N GLU B 572 43.89 -0.55 -8.85
CA GLU B 572 43.68 -1.25 -10.11
C GLU B 572 43.84 -0.32 -11.32
N HIS B 573 43.43 0.93 -11.20
CA HIS B 573 43.46 1.88 -12.33
C HIS B 573 44.71 2.76 -12.27
N LYS B 574 45.82 2.12 -12.65
CA LYS B 574 47.13 2.78 -12.65
C LYS B 574 47.19 3.98 -13.60
N ASP B 575 46.36 4.02 -14.64
CA ASP B 575 46.38 5.21 -15.50
C ASP B 575 45.68 6.41 -14.87
N LEU B 576 45.00 6.24 -13.73
CA LEU B 576 44.32 7.35 -13.06
C LEU B 576 44.86 7.66 -11.67
N TYR B 577 45.57 6.75 -11.02
CA TYR B 577 46.06 7.01 -9.67
C TYR B 577 47.54 6.61 -9.49
N ALA C 1 -12.62 -46.56 15.83
CA ALA C 1 -13.27 -47.00 14.60
C ALA C 1 -12.26 -47.54 13.59
N THR C 2 -12.70 -48.52 12.80
CA THR C 2 -11.81 -49.22 11.88
C THR C 2 -11.61 -48.44 10.59
N ASP C 3 -10.38 -48.48 10.06
CA ASP C 3 -10.09 -47.87 8.77
C ASP C 3 -11.00 -48.47 7.70
N GLY C 4 -11.59 -47.60 6.87
CA GLY C 4 -12.52 -48.00 5.85
C GLY C 4 -13.97 -47.97 6.29
N SER C 5 -14.25 -47.55 7.51
CA SER C 5 -15.61 -47.56 8.05
C SER C 5 -16.53 -46.63 7.26
N HIS C 6 -17.78 -47.06 7.12
CA HIS C 6 -18.81 -46.27 6.45
C HIS C 6 -19.82 -45.81 7.48
N PHE C 7 -20.28 -44.58 7.32
CA PHE C 7 -21.35 -44.02 8.15
C PHE C 7 -22.32 -43.31 7.23
N ASP C 8 -23.53 -43.11 7.71
CA ASP C 8 -24.52 -42.36 6.94
C ASP C 8 -24.09 -40.90 6.77
N PHE C 9 -23.57 -40.29 7.84
CA PHE C 9 -23.13 -38.90 7.86
C PHE C 9 -21.78 -38.78 8.55
N VAL C 10 -20.86 -38.03 7.93
CA VAL C 10 -19.56 -37.76 8.51
C VAL C 10 -19.44 -36.25 8.75
N ILE C 11 -19.25 -35.88 10.02
CA ILE C 11 -19.02 -34.50 10.43
C ILE C 11 -17.52 -34.33 10.57
N VAL C 12 -16.94 -33.35 9.88
CA VAL C 12 -15.51 -33.07 9.98
C VAL C 12 -15.35 -31.83 10.85
N GLY C 13 -14.96 -32.05 12.11
CA GLY C 13 -14.78 -31.00 13.10
C GLY C 13 -15.90 -30.93 14.12
N GLY C 14 -15.66 -31.51 15.29
CA GLY C 14 -16.69 -31.59 16.32
C GLY C 14 -16.77 -30.33 17.13
N GLY C 15 -17.04 -29.22 16.45
CA GLY C 15 -17.07 -27.92 17.06
C GLY C 15 -18.46 -27.46 17.38
N THR C 16 -18.63 -26.14 17.43
CA THR C 16 -19.90 -25.56 17.82
C THR C 16 -21.01 -26.02 16.89
N ALA C 17 -20.88 -25.70 15.60
CA ALA C 17 -21.87 -26.13 14.63
C ALA C 17 -21.72 -27.60 14.29
N GLY C 18 -20.50 -28.13 14.31
CA GLY C 18 -20.29 -29.53 13.96
C GLY C 18 -21.07 -30.48 14.83
N ASN C 19 -20.99 -30.28 16.15
CA ASN C 19 -21.73 -31.15 17.07
C ASN C 19 -23.22 -30.92 17.00
N THR C 20 -23.67 -29.70 16.66
CA THR C 20 -25.09 -29.46 16.50
C THR C 20 -25.67 -30.30 15.37
N VAL C 21 -25.04 -30.24 14.20
CA VAL C 21 -25.51 -31.05 13.07
C VAL C 21 -25.44 -32.53 13.41
N ALA C 22 -24.31 -32.98 13.97
CA ALA C 22 -24.14 -34.39 14.27
C ALA C 22 -25.21 -34.89 15.23
N GLY C 23 -25.53 -34.08 16.26
CA GLY C 23 -26.51 -34.49 17.26
C GLY C 23 -27.94 -34.51 16.73
N ARG C 24 -28.29 -33.53 15.90
CA ARG C 24 -29.64 -33.51 15.34
C ARG C 24 -29.87 -34.67 14.38
N LEU C 25 -28.85 -35.03 13.59
CA LEU C 25 -29.01 -36.09 12.62
C LEU C 25 -29.08 -37.46 13.29
N ALA C 26 -28.41 -37.61 14.42
CA ALA C 26 -28.49 -38.88 15.12
C ALA C 26 -29.84 -39.08 15.82
N GLU C 27 -30.76 -38.10 15.74
CA GLU C 27 -32.06 -38.21 16.38
C GLU C 27 -32.93 -39.31 15.77
N ASN C 28 -32.59 -39.77 14.56
CA ASN C 28 -33.09 -41.05 14.06
C ASN C 28 -32.11 -42.11 14.55
N PRO C 29 -32.53 -43.04 15.42
CA PRO C 29 -31.55 -43.96 16.05
C PRO C 29 -30.89 -44.91 15.08
N ASN C 30 -31.37 -45.02 13.85
CA ASN C 30 -30.75 -45.95 12.91
C ASN C 30 -29.66 -45.30 12.05
N VAL C 31 -29.65 -43.98 11.97
CA VAL C 31 -28.63 -43.27 11.19
C VAL C 31 -27.33 -43.24 11.98
N THR C 32 -26.25 -43.67 11.34
CA THR C 32 -24.92 -43.66 11.96
C THR C 32 -24.22 -42.35 11.65
N VAL C 33 -23.63 -41.72 12.67
CA VAL C 33 -22.95 -40.42 12.53
C VAL C 33 -21.55 -40.55 13.11
N LEU C 34 -20.55 -40.11 12.33
CA LEU C 34 -19.17 -40.06 12.79
C LEU C 34 -18.75 -38.60 12.94
N ILE C 35 -18.02 -38.31 14.02
CA ILE C 35 -17.41 -37.00 14.24
C ILE C 35 -15.91 -37.22 14.30
N VAL C 36 -15.17 -36.57 13.39
CA VAL C 36 -13.72 -36.51 13.48
C VAL C 36 -13.35 -35.15 14.03
N GLU C 37 -12.38 -35.13 14.95
CA GLU C 37 -12.05 -33.95 15.72
C GLU C 37 -10.57 -34.00 16.05
N ALA C 38 -9.92 -32.82 16.00
CA ALA C 38 -8.49 -32.75 16.26
C ALA C 38 -8.17 -32.85 17.75
N GLY C 39 -9.06 -32.39 18.62
CA GLY C 39 -8.79 -32.30 20.04
C GLY C 39 -9.27 -33.49 20.85
N ILE C 40 -9.20 -33.33 22.19
CA ILE C 40 -9.60 -34.39 23.11
C ILE C 40 -11.08 -34.71 22.94
N GLY C 41 -11.44 -35.93 23.31
CA GLY C 41 -12.82 -36.34 23.24
C GLY C 41 -13.64 -36.14 24.49
N ASN C 42 -13.01 -35.83 25.64
CA ASN C 42 -13.70 -35.76 26.92
C ASN C 42 -13.59 -34.41 27.59
N PRO C 43 -14.11 -33.34 26.95
CA PRO C 43 -13.99 -32.00 27.57
C PRO C 43 -14.65 -31.86 28.92
N GLU C 44 -15.50 -32.81 29.37
CA GLU C 44 -16.50 -32.50 30.39
C GLU C 44 -15.80 -32.76 31.70
N ASP C 45 -14.72 -33.54 31.60
CA ASP C 45 -13.79 -33.97 32.62
C ASP C 45 -12.68 -32.97 32.86
N ILE C 46 -12.63 -31.88 32.09
CA ILE C 46 -11.55 -30.91 32.19
C ILE C 46 -12.11 -29.74 33.00
N PRO C 47 -11.69 -29.56 34.24
CA PRO C 47 -12.25 -28.47 35.06
C PRO C 47 -12.07 -27.10 34.41
N GLU C 48 -10.92 -26.87 33.78
CA GLU C 48 -10.68 -25.58 33.12
C GLU C 48 -11.72 -25.31 32.05
N ILE C 49 -12.18 -26.34 31.34
CA ILE C 49 -13.21 -26.15 30.32
C ILE C 49 -14.58 -25.93 30.97
N THR C 50 -14.92 -26.75 31.98
CA THR C 50 -16.28 -26.70 32.52
C THR C 50 -16.50 -25.55 33.49
N THR C 51 -15.44 -24.93 34.00
CA THR C 51 -15.57 -23.86 34.99
C THR C 51 -15.64 -22.50 34.31
N PRO C 52 -16.74 -21.76 34.41
CA PRO C 52 -16.83 -20.49 33.69
C PRO C 52 -15.74 -19.48 34.02
N SER C 53 -15.39 -19.29 35.30
CA SER C 53 -14.38 -18.30 35.63
C SER C 53 -12.98 -18.67 35.15
N SER C 54 -12.78 -19.92 34.72
CA SER C 54 -11.51 -20.40 34.21
C SER C 54 -11.32 -20.13 32.71
N ALA C 55 -12.25 -19.45 32.04
CA ALA C 55 -12.25 -19.38 30.58
C ALA C 55 -10.99 -18.74 30.02
N MET C 56 -10.60 -17.58 30.55
CA MET C 56 -9.48 -16.85 29.97
C MET C 56 -8.17 -17.61 30.07
N ASP C 57 -8.01 -18.42 31.12
CA ASP C 57 -6.80 -19.21 31.26
C ASP C 57 -6.67 -20.27 30.19
N LEU C 58 -7.68 -20.45 29.33
CA LEU C 58 -7.56 -21.47 28.29
C LEU C 58 -6.79 -20.97 27.08
N ARG C 59 -6.56 -19.66 26.98
CA ARG C 59 -5.61 -19.12 26.01
C ARG C 59 -4.25 -19.76 26.21
N ASN C 60 -3.66 -20.24 25.11
CA ASN C 60 -2.37 -20.91 25.06
C ASN C 60 -2.34 -22.25 25.77
N SER C 61 -3.47 -22.77 26.22
CA SER C 61 -3.48 -24.12 26.75
C SER C 61 -3.47 -25.11 25.59
N LYS C 62 -3.40 -26.40 25.92
CA LYS C 62 -3.48 -27.42 24.88
C LYS C 62 -4.81 -27.40 24.15
N TYR C 63 -5.82 -26.71 24.70
CA TYR C 63 -7.14 -26.65 24.07
C TYR C 63 -7.30 -25.44 23.18
N ASP C 64 -6.20 -24.74 22.91
CA ASP C 64 -6.20 -23.55 22.06
C ASP C 64 -5.28 -23.82 20.86
N TRP C 65 -5.80 -23.60 19.65
CA TRP C 65 -4.98 -23.72 18.44
C TRP C 65 -3.81 -22.77 18.45
N ALA C 66 -3.95 -21.61 19.09
CA ALA C 66 -2.89 -20.63 19.24
C ALA C 66 -2.31 -20.22 17.89
N TYR C 67 -3.19 -19.86 16.96
CA TYR C 67 -2.75 -19.46 15.63
C TYR C 67 -1.99 -18.14 15.68
N LYS C 68 -0.97 -18.02 14.84
CA LYS C 68 -0.46 -16.70 14.47
C LYS C 68 -1.47 -16.03 13.54
N THR C 69 -1.73 -14.75 13.79
CA THR C 69 -2.68 -14.04 12.95
C THR C 69 -2.25 -12.60 12.80
N THR C 70 -2.32 -12.11 11.57
CA THR C 70 -2.13 -10.69 11.29
C THR C 70 -3.39 -9.92 11.67
N MET C 71 -3.28 -9.02 12.66
CA MET C 71 -4.41 -8.24 13.15
C MET C 71 -4.71 -7.04 12.26
N VAL C 72 -3.67 -6.31 11.88
CA VAL C 72 -3.80 -5.10 11.05
C VAL C 72 -2.73 -5.20 9.99
N ARG C 73 -3.06 -4.85 8.74
CA ARG C 73 -2.07 -4.75 7.67
C ARG C 73 -2.40 -3.50 6.83
N ARG C 74 -1.89 -2.36 7.27
CA ARG C 74 -2.00 -1.09 6.60
C ARG C 74 -0.61 -0.67 6.12
N ASP C 75 -0.58 0.36 5.28
CA ASP C 75 0.72 0.89 4.88
C ASP C 75 1.45 1.53 6.06
N ASP C 76 0.71 2.12 6.99
CA ASP C 76 1.35 2.85 8.09
C ASP C 76 1.55 2.00 9.32
N TYR C 77 1.07 0.75 9.33
CA TYR C 77 1.08 -0.06 10.54
C TYR C 77 0.78 -1.50 10.17
N GLU C 78 1.50 -2.44 10.79
CA GLU C 78 1.22 -3.85 10.63
C GLU C 78 1.56 -4.56 11.93
N ARG C 79 0.70 -5.50 12.34
CA ARG C 79 0.96 -6.27 13.55
C ARG C 79 0.46 -7.70 13.39
N ILE C 80 1.29 -8.65 13.80
CA ILE C 80 0.94 -10.07 13.84
C ILE C 80 0.99 -10.51 15.30
N GLU C 81 0.09 -11.42 15.68
CA GLU C 81 -0.04 -11.81 17.08
C GLU C 81 -0.15 -13.32 17.19
N LYS C 82 0.11 -13.82 18.40
CA LYS C 82 -0.07 -15.22 18.79
C LYS C 82 -0.22 -15.30 20.31
N PRO C 83 -1.24 -16.00 20.83
CA PRO C 83 -2.22 -16.81 20.12
C PRO C 83 -3.46 -16.03 19.67
N ASN C 84 -3.95 -16.38 18.48
CA ASN C 84 -5.31 -16.05 18.07
C ASN C 84 -6.15 -17.27 18.43
N THR C 85 -6.98 -17.13 19.46
CA THR C 85 -7.51 -18.27 20.18
C THR C 85 -8.64 -18.94 19.43
N ARG C 86 -8.61 -20.27 19.38
CA ARG C 86 -9.62 -21.11 18.76
C ARG C 86 -9.64 -22.45 19.49
N GLY C 87 -10.82 -23.03 19.69
CA GLY C 87 -10.92 -24.25 20.46
C GLY C 87 -10.38 -25.47 19.71
N LYS C 88 -9.58 -26.29 20.39
CA LYS C 88 -9.10 -27.57 19.86
C LYS C 88 -9.49 -28.67 20.86
N THR C 89 -10.73 -29.16 20.73
CA THR C 89 -11.37 -30.12 21.63
C THR C 89 -12.76 -30.34 21.07
N LEU C 90 -13.38 -31.45 21.47
CA LEU C 90 -14.80 -31.59 21.20
C LEU C 90 -15.52 -30.37 21.76
N GLY C 91 -16.45 -29.83 20.97
CA GLY C 91 -17.08 -28.57 21.27
C GLY C 91 -16.42 -27.37 20.64
N GLY C 92 -15.20 -27.52 20.13
CA GLY C 92 -14.54 -26.44 19.42
C GLY C 92 -14.40 -25.21 20.29
N SER C 93 -14.72 -24.06 19.71
CA SER C 93 -14.59 -22.80 20.40
C SER C 93 -15.67 -22.57 21.45
N SER C 94 -16.79 -23.31 21.36
CA SER C 94 -17.82 -23.26 22.42
C SER C 94 -17.32 -23.89 23.71
N SER C 95 -16.22 -24.63 23.68
CA SER C 95 -15.56 -25.14 24.87
C SER C 95 -14.66 -24.11 25.52
N LEU C 96 -14.39 -22.96 24.87
CA LEU C 96 -13.52 -21.95 25.46
C LEU C 96 -13.99 -20.51 25.28
N ASN C 97 -15.24 -20.26 24.89
CA ASN C 97 -15.64 -18.88 24.67
C ASN C 97 -16.08 -18.20 25.97
N TYR C 98 -16.48 -16.93 25.88
CA TYR C 98 -16.87 -16.14 27.05
C TYR C 98 -18.39 -16.02 27.16
N PHE C 99 -19.10 -17.03 26.67
CA PHE C 99 -20.44 -17.38 27.10
C PHE C 99 -21.57 -16.47 26.66
N THR C 100 -21.31 -15.27 26.15
CA THR C 100 -22.41 -14.36 25.88
C THR C 100 -23.30 -14.94 24.79
N TRP C 101 -24.62 -14.89 25.02
CA TRP C 101 -25.63 -15.49 24.15
C TRP C 101 -26.54 -14.37 23.69
N VAL C 102 -26.37 -13.95 22.44
CA VAL C 102 -27.08 -12.80 21.89
C VAL C 102 -27.18 -12.99 20.38
N PRO C 103 -28.38 -12.86 19.81
CA PRO C 103 -28.57 -13.20 18.39
C PRO C 103 -28.02 -12.18 17.40
N GLY C 104 -28.31 -10.91 17.60
CA GLY C 104 -28.03 -9.88 16.62
C GLY C 104 -29.28 -9.12 16.22
N HIS C 105 -29.11 -8.24 15.24
CA HIS C 105 -30.13 -7.27 14.89
C HIS C 105 -30.94 -7.72 13.68
N LYS C 106 -32.25 -7.47 13.71
CA LYS C 106 -33.13 -7.95 12.66
C LYS C 106 -32.76 -7.39 11.29
N ALA C 107 -32.46 -6.10 11.20
CA ALA C 107 -32.14 -5.47 9.92
C ALA C 107 -30.93 -6.13 9.26
N THR C 108 -29.94 -6.48 10.07
CA THR C 108 -28.73 -7.12 9.56
C THR C 108 -29.02 -8.52 9.04
N PHE C 109 -29.69 -9.35 9.85
CA PHE C 109 -30.05 -10.67 9.36
C PHE C 109 -30.94 -10.58 8.12
N ASP C 110 -31.81 -9.56 8.06
CA ASP C 110 -32.62 -9.40 6.86
C ASP C 110 -31.75 -9.17 5.62
N GLN C 111 -30.59 -8.52 5.78
CA GLN C 111 -29.70 -8.30 4.63
C GLN C 111 -29.06 -9.59 4.12
N TRP C 112 -29.14 -10.68 4.87
CA TRP C 112 -28.64 -11.97 4.37
C TRP C 112 -29.41 -12.45 3.15
N GLU C 113 -30.59 -11.86 2.88
CA GLU C 113 -31.37 -12.30 1.73
C GLU C 113 -30.52 -12.24 0.45
N GLU C 114 -29.69 -11.20 0.34
CA GLU C 114 -28.83 -11.04 -0.84
C GLU C 114 -27.98 -12.27 -1.13
N PHE C 115 -27.66 -13.05 -0.10
CA PHE C 115 -26.85 -14.25 -0.24
C PHE C 115 -27.64 -15.54 -0.15
N GLY C 116 -28.65 -15.61 0.71
CA GLY C 116 -29.35 -16.87 0.92
C GLY C 116 -30.82 -16.95 0.52
N GLY C 117 -31.39 -15.87 0.02
CA GLY C 117 -32.79 -15.88 -0.24
C GLY C 117 -33.57 -15.62 1.03
N LYS C 118 -34.91 -15.71 0.92
CA LYS C 118 -35.77 -15.23 2.00
C LYS C 118 -35.73 -16.14 3.21
N GLU C 119 -35.32 -17.40 3.04
CA GLU C 119 -35.25 -18.31 4.18
C GLU C 119 -34.12 -17.96 5.15
N TRP C 120 -33.19 -17.11 4.75
CA TRP C 120 -32.11 -16.67 5.62
C TRP C 120 -32.32 -15.23 6.07
N THR C 121 -33.54 -14.84 6.33
CA THR C 121 -33.78 -13.55 6.94
C THR C 121 -34.20 -13.75 8.39
N TRP C 122 -34.49 -12.63 9.06
CA TRP C 122 -34.71 -12.68 10.50
C TRP C 122 -35.89 -13.59 10.86
N ASP C 123 -37.07 -13.29 10.31
CA ASP C 123 -38.28 -13.99 10.76
C ASP C 123 -38.17 -15.50 10.58
N PRO C 124 -37.78 -16.05 9.42
CA PRO C 124 -37.62 -17.51 9.35
C PRO C 124 -36.49 -18.05 10.20
N LEU C 125 -35.49 -17.22 10.55
CA LEU C 125 -34.35 -17.71 11.32
C LEU C 125 -34.58 -17.66 12.83
N VAL C 126 -35.55 -16.86 13.29
CA VAL C 126 -35.83 -16.77 14.73
C VAL C 126 -35.98 -18.13 15.39
N PRO C 127 -36.79 -19.07 14.88
CA PRO C 127 -36.84 -20.40 15.51
C PRO C 127 -35.48 -21.08 15.55
N TYR C 128 -34.64 -20.87 14.52
CA TYR C 128 -33.32 -21.48 14.51
C TYR C 128 -32.37 -20.82 15.50
N LEU C 129 -32.55 -19.53 15.78
CA LEU C 129 -31.78 -18.90 16.85
C LEU C 129 -32.22 -19.37 18.23
N ARG C 130 -33.35 -20.08 18.34
CA ARG C 130 -33.87 -20.56 19.62
C ARG C 130 -33.85 -22.09 19.77
N LYS C 131 -33.65 -22.85 18.69
CA LYS C 131 -33.87 -24.29 18.76
C LYS C 131 -32.85 -25.01 19.66
N SER C 132 -31.63 -24.48 19.80
CA SER C 132 -30.58 -25.21 20.51
C SER C 132 -30.63 -25.07 22.04
N ALA C 133 -31.34 -24.08 22.56
CA ALA C 133 -31.25 -23.65 23.96
C ALA C 133 -32.49 -24.00 24.76
N THR C 134 -32.26 -24.30 26.03
CA THR C 134 -33.30 -24.38 27.04
C THR C 134 -33.04 -23.26 28.03
N TYR C 135 -33.96 -22.31 28.11
CA TYR C 135 -33.80 -21.15 28.96
C TYR C 135 -34.19 -21.45 30.40
N HIS C 136 -33.41 -20.93 31.35
CA HIS C 136 -33.77 -20.99 32.77
C HIS C 136 -33.67 -19.60 33.37
N ASP C 137 -34.57 -19.30 34.31
CA ASP C 137 -34.55 -18.08 35.11
C ASP C 137 -34.81 -18.41 36.58
N ASP C 138 -34.03 -19.34 37.14
CA ASP C 138 -34.26 -19.84 38.50
C ASP C 138 -34.52 -18.76 39.55
N PRO C 139 -33.77 -17.64 39.64
CA PRO C 139 -34.13 -16.60 40.63
C PRO C 139 -35.31 -15.73 40.25
N ARG C 140 -35.98 -15.98 39.13
CA ARG C 140 -37.14 -15.23 38.63
C ARG C 140 -36.83 -13.74 38.67
N LEU C 141 -35.69 -13.41 38.09
CA LEU C 141 -35.32 -12.01 38.12
C LEU C 141 -35.78 -11.27 36.89
N TYR C 142 -36.12 -11.97 35.81
CA TYR C 142 -36.40 -11.27 34.57
C TYR C 142 -37.74 -11.75 34.01
N SER C 143 -38.28 -10.95 33.11
CA SER C 143 -39.64 -11.13 32.59
C SER C 143 -39.88 -12.58 32.17
N PRO C 144 -40.99 -13.20 32.58
CA PRO C 144 -41.18 -14.62 32.21
C PRO C 144 -41.30 -14.84 30.72
N GLU C 145 -41.80 -13.89 29.99
CA GLU C 145 -41.89 -14.17 28.57
C GLU C 145 -40.54 -14.17 27.80
N LEU C 146 -39.43 -13.85 28.47
CA LEU C 146 -38.15 -14.14 27.81
C LEU C 146 -37.87 -15.63 27.72
N GLU C 147 -38.72 -16.48 28.29
CA GLU C 147 -38.54 -17.93 28.17
C GLU C 147 -38.61 -18.42 26.71
N LYS C 148 -39.26 -17.64 25.84
CA LYS C 148 -39.42 -18.07 24.46
C LYS C 148 -38.07 -18.22 23.75
N ILE C 149 -37.00 -17.57 24.24
CA ILE C 149 -35.73 -17.62 23.53
C ILE C 149 -35.05 -18.97 23.68
N GLY C 150 -35.57 -19.84 24.54
CA GLY C 150 -35.09 -21.21 24.65
C GLY C 150 -36.09 -22.21 24.12
N GLY C 151 -35.75 -22.87 23.01
CA GLY C 151 -36.63 -23.81 22.34
C GLY C 151 -36.60 -25.27 22.78
N GLY C 152 -35.80 -25.63 23.77
CA GLY C 152 -35.76 -26.99 24.26
C GLY C 152 -34.54 -27.81 23.90
N GLY C 153 -33.51 -27.19 23.32
CA GLY C 153 -32.32 -27.91 22.94
C GLY C 153 -31.41 -28.16 24.12
N PRO C 154 -30.31 -28.87 23.84
CA PRO C 154 -29.42 -29.33 24.91
C PRO C 154 -28.45 -28.28 25.46
N ILE C 155 -28.54 -27.02 25.04
CA ILE C 155 -27.64 -25.98 25.52
C ILE C 155 -28.36 -25.17 26.60
N PRO C 156 -28.06 -25.40 27.88
CA PRO C 156 -28.72 -24.63 28.94
C PRO C 156 -28.19 -23.20 28.99
N ILE C 157 -29.11 -22.25 28.94
CA ILE C 157 -28.77 -20.84 29.02
C ILE C 157 -29.58 -20.17 30.12
N SER C 158 -29.02 -19.09 30.63
CA SER C 158 -29.65 -18.28 31.66
C SER C 158 -29.02 -16.91 31.58
N HIS C 159 -29.75 -15.91 32.07
CA HIS C 159 -29.11 -14.66 32.43
C HIS C 159 -27.98 -14.98 33.41
N ALA C 160 -26.92 -14.17 33.36
CA ALA C 160 -25.79 -14.38 34.27
C ALA C 160 -26.29 -14.60 35.70
N GLU C 161 -25.76 -15.65 36.34
CA GLU C 161 -26.04 -15.98 37.73
C GLU C 161 -25.24 -15.01 38.59
N LEU C 162 -25.92 -13.92 38.97
CA LEU C 162 -25.23 -12.70 39.41
C LEU C 162 -24.36 -12.91 40.64
N ILE C 163 -23.19 -12.28 40.63
CA ILE C 163 -22.32 -12.25 41.79
C ILE C 163 -22.81 -11.20 42.76
N ASP C 164 -22.86 -11.57 44.04
CA ASP C 164 -23.45 -10.69 45.02
C ASP C 164 -22.60 -9.48 45.35
N GLU C 165 -21.24 -9.54 45.57
CA GLU C 165 -20.85 -8.14 45.89
C GLU C 165 -20.71 -7.30 44.62
N MET C 166 -20.86 -7.88 43.44
CA MET C 166 -20.82 -7.02 42.26
C MET C 166 -22.12 -6.25 42.12
N ALA C 167 -23.02 -6.37 43.10
CA ALA C 167 -24.28 -5.62 43.07
C ALA C 167 -24.08 -4.11 43.11
N PRO C 168 -23.24 -3.55 43.99
CA PRO C 168 -22.99 -2.09 43.92
C PRO C 168 -22.39 -1.64 42.60
N PHE C 169 -21.42 -2.40 42.08
CA PHE C 169 -20.90 -2.16 40.74
C PHE C 169 -22.02 -2.06 39.73
N ARG C 170 -22.90 -3.08 39.67
CA ARG C 170 -23.93 -3.09 38.66
C ARG C 170 -24.85 -1.90 38.82
N GLU C 171 -25.16 -1.54 40.06
CA GLU C 171 -26.07 -0.44 40.30
C GLU C 171 -25.47 0.90 39.87
N ASN C 172 -24.18 1.14 40.16
CA ASN C 172 -23.55 2.40 39.73
C ASN C 172 -23.35 2.44 38.21
N LEU C 173 -23.01 1.30 37.60
CA LEU C 173 -22.90 1.25 36.15
C LEU C 173 -24.23 1.58 35.49
N THR C 174 -25.33 1.00 36.00
CA THR C 174 -26.65 1.31 35.46
C THR C 174 -26.97 2.78 35.66
N LYS C 175 -26.77 3.29 36.86
CA LYS C 175 -27.00 4.70 37.16
C LYS C 175 -26.25 5.61 36.19
N ALA C 176 -24.97 5.29 35.95
CA ALA C 176 -24.14 6.11 35.07
C ALA C 176 -24.63 6.04 33.62
N TRP C 177 -25.02 4.84 33.17
CA TRP C 177 -25.57 4.67 31.83
C TRP C 177 -26.78 5.58 31.61
N LYS C 178 -27.75 5.55 32.54
CA LYS C 178 -28.91 6.44 32.41
C LYS C 178 -28.51 7.90 32.47
N SER C 179 -27.54 8.25 33.32
CA SER C 179 -27.11 9.64 33.39
C SER C 179 -26.55 10.16 32.07
N MET C 180 -26.13 9.27 31.15
CA MET C 180 -25.68 9.61 29.81
C MET C 180 -26.80 9.69 28.78
N GLY C 181 -28.05 9.44 29.17
CA GLY C 181 -29.16 9.50 28.25
C GLY C 181 -29.38 8.26 27.41
N GLN C 182 -28.86 7.11 27.85
CA GLN C 182 -28.98 5.85 27.12
C GLN C 182 -29.96 4.90 27.81
N PRO C 183 -30.70 4.11 27.03
CA PRO C 183 -31.76 3.27 27.61
C PRO C 183 -31.23 1.99 28.22
N LEU C 184 -32.02 1.44 29.14
CA LEU C 184 -31.92 0.03 29.53
C LEU C 184 -32.82 -0.81 28.63
N ILE C 185 -32.44 -2.07 28.44
CA ILE C 185 -33.21 -2.98 27.60
C ILE C 185 -32.95 -4.40 28.07
N GLU C 186 -34.01 -5.21 28.13
CA GLU C 186 -33.84 -6.61 28.52
C GLU C 186 -34.22 -7.59 27.44
N ASN C 187 -35.16 -7.26 26.57
CA ASN C 187 -35.50 -8.13 25.46
C ASN C 187 -34.75 -7.64 24.23
N ILE C 188 -33.56 -8.21 24.01
CA ILE C 188 -32.76 -7.96 22.83
C ILE C 188 -32.77 -9.17 21.89
N TYR C 189 -33.80 -10.01 22.01
CA TYR C 189 -33.87 -11.27 21.31
C TYR C 189 -34.95 -11.27 20.26
N ASP C 190 -35.65 -10.14 20.08
CA ASP C 190 -36.70 -10.02 19.10
C ASP C 190 -36.32 -9.14 17.91
N GLY C 191 -35.03 -8.80 17.77
CA GLY C 191 -34.56 -8.03 16.64
C GLY C 191 -34.14 -6.61 16.94
N GLU C 192 -34.43 -6.10 18.13
CA GLU C 192 -33.95 -4.80 18.54
C GLU C 192 -33.03 -4.97 19.74
N MET C 193 -31.98 -4.16 19.81
CA MET C 193 -30.98 -4.36 20.85
C MET C 193 -30.35 -3.07 21.35
N ASP C 194 -31.07 -1.95 21.33
CA ASP C 194 -30.46 -0.69 21.73
C ASP C 194 -30.49 -0.54 23.25
N GLY C 195 -29.32 -0.57 23.90
CA GLY C 195 -29.21 -0.15 25.28
C GLY C 195 -28.32 -1.07 26.10
N LEU C 196 -28.40 -0.88 27.41
CA LEU C 196 -27.65 -1.70 28.36
C LEU C 196 -28.53 -2.85 28.86
N THR C 197 -27.93 -4.04 28.92
CA THR C 197 -28.73 -5.22 29.21
C THR C 197 -28.00 -6.10 30.22
N HIS C 198 -28.78 -6.95 30.89
CA HIS C 198 -28.27 -8.12 31.62
C HIS C 198 -28.18 -9.26 30.63
N CYS C 199 -26.97 -9.70 30.33
CA CYS C 199 -26.80 -10.64 29.23
C CYS C 199 -27.17 -12.05 29.67
N CYS C 200 -27.49 -12.87 28.68
CA CYS C 200 -27.64 -14.30 28.87
C CYS C 200 -26.34 -14.99 28.49
N ASP C 201 -26.14 -16.18 29.03
CA ASP C 201 -24.86 -16.87 28.91
C ASP C 201 -25.07 -18.37 28.76
N THR C 202 -24.14 -19.00 28.03
CA THR C 202 -24.13 -20.47 28.02
C THR C 202 -23.50 -20.96 29.32
N ILE C 203 -24.05 -20.48 30.44
CA ILE C 203 -23.68 -20.93 31.78
C ILE C 203 -24.97 -21.23 32.53
N TYR C 204 -25.00 -22.37 33.20
CA TYR C 204 -26.15 -22.70 34.04
C TYR C 204 -25.67 -23.57 35.19
N ARG C 205 -26.07 -23.18 36.38
CA ARG C 205 -25.61 -23.82 37.59
C ARG C 205 -24.08 -23.89 37.65
N GLY C 206 -23.45 -22.73 37.41
CA GLY C 206 -22.00 -22.61 37.51
C GLY C 206 -21.21 -23.51 36.56
N GLN C 207 -21.80 -23.95 35.44
CA GLN C 207 -21.09 -24.81 34.50
C GLN C 207 -21.28 -24.30 33.08
N ARG C 208 -20.26 -24.56 32.24
CA ARG C 208 -20.30 -24.15 30.84
C ARG C 208 -21.22 -25.06 30.03
N SER C 209 -22.08 -24.44 29.21
CA SER C 209 -22.90 -25.18 28.25
C SER C 209 -22.15 -25.15 26.91
N GLY C 210 -21.39 -26.20 26.61
CA GLY C 210 -20.67 -26.30 25.37
C GLY C 210 -21.34 -27.26 24.41
N SER C 211 -21.09 -27.06 23.12
CA SER C 211 -21.78 -27.85 22.11
C SER C 211 -21.55 -29.36 22.25
N PHE C 212 -20.56 -29.79 23.04
CA PHE C 212 -20.40 -31.22 23.31
C PHE C 212 -21.68 -31.84 23.91
N LEU C 213 -22.60 -31.03 24.42
CA LEU C 213 -23.87 -31.50 24.96
C LEU C 213 -24.83 -32.05 23.90
N PHE C 214 -24.55 -31.85 22.62
CA PHE C 214 -25.43 -32.35 21.56
C PHE C 214 -25.24 -33.83 21.27
N VAL C 215 -24.05 -34.38 21.50
CA VAL C 215 -23.66 -35.65 20.90
C VAL C 215 -23.51 -36.68 21.99
N LYS C 216 -24.00 -36.33 23.14
CA LYS C 216 -23.85 -37.27 24.19
C LYS C 216 -25.06 -38.09 24.59
N ASN C 217 -24.74 -39.29 25.05
CA ASN C 217 -25.73 -40.30 25.30
C ASN C 217 -26.50 -40.59 24.01
N LYS C 218 -25.77 -40.71 22.90
CA LYS C 218 -26.34 -41.11 21.61
C LYS C 218 -25.42 -42.15 21.00
N PRO C 219 -25.78 -43.44 21.11
CA PRO C 219 -24.86 -44.52 20.69
C PRO C 219 -24.58 -44.58 19.20
N ASN C 220 -25.42 -43.96 18.37
CA ASN C 220 -25.21 -43.98 16.93
C ASN C 220 -24.19 -42.93 16.47
N ILE C 221 -23.69 -42.10 17.38
CA ILE C 221 -22.62 -41.15 17.10
C ILE C 221 -21.31 -41.79 17.52
N THR C 222 -20.41 -41.98 16.55
CA THR C 222 -19.03 -42.39 16.83
C THR C 222 -18.15 -41.15 16.83
N ILE C 223 -17.45 -40.93 17.93
CA ILE C 223 -16.56 -39.79 18.09
C ILE C 223 -15.12 -40.32 18.02
N VAL C 224 -14.37 -39.86 17.02
CA VAL C 224 -12.96 -40.23 16.88
C VAL C 224 -12.11 -38.99 17.11
N PRO C 225 -11.67 -38.73 18.33
CA PRO C 225 -10.86 -37.55 18.61
C PRO C 225 -9.38 -37.74 18.28
N GLU C 226 -8.62 -36.65 18.48
CA GLU C 226 -7.17 -36.60 18.30
C GLU C 226 -6.73 -37.11 16.92
N VAL C 227 -7.48 -36.70 15.88
CA VAL C 227 -7.11 -36.95 14.51
C VAL C 227 -7.07 -35.61 13.75
N HIS C 228 -6.10 -35.48 12.85
CA HIS C 228 -5.92 -34.27 12.05
C HIS C 228 -6.41 -34.56 10.64
N SER C 229 -7.30 -33.72 10.13
CA SER C 229 -7.84 -33.99 8.80
C SER C 229 -6.74 -33.78 7.77
N LYS C 230 -6.66 -34.70 6.81
CA LYS C 230 -5.66 -34.58 5.75
C LYS C 230 -6.28 -34.08 4.45
N ARG C 231 -7.47 -34.55 4.10
CA ARG C 231 -8.07 -34.24 2.82
C ARG C 231 -9.47 -34.81 2.78
N LEU C 232 -10.37 -34.11 2.08
CA LEU C 232 -11.66 -34.67 1.72
C LEU C 232 -11.47 -35.57 0.51
N ILE C 233 -12.16 -36.71 0.52
CA ILE C 233 -12.08 -37.67 -0.58
C ILE C 233 -13.14 -37.31 -1.61
N ILE C 234 -12.70 -36.89 -2.79
CA ILE C 234 -13.59 -36.46 -3.86
C ILE C 234 -13.42 -37.40 -5.05
N ASN C 235 -14.53 -37.78 -5.67
CA ASN C 235 -14.45 -38.50 -6.94
C ASN C 235 -14.42 -37.43 -8.03
N GLU C 236 -13.27 -37.34 -8.73
CA GLU C 236 -13.08 -36.26 -9.68
C GLU C 236 -14.03 -36.38 -10.85
N ALA C 237 -14.26 -37.61 -11.32
CA ALA C 237 -15.24 -37.83 -12.38
C ALA C 237 -16.65 -37.47 -11.89
N ASP C 238 -16.97 -37.80 -10.64
CA ASP C 238 -18.29 -37.59 -10.09
C ASP C 238 -18.54 -36.22 -9.46
N ARG C 239 -17.49 -35.46 -9.17
CA ARG C 239 -17.61 -34.27 -8.30
C ARG C 239 -18.35 -34.59 -7.01
N THR C 240 -18.07 -35.75 -6.44
CA THR C 240 -18.80 -36.19 -5.27
C THR C 240 -17.80 -36.49 -4.16
N CYS C 241 -18.12 -36.03 -2.95
CA CYS C 241 -17.31 -36.32 -1.78
C CYS C 241 -17.70 -37.67 -1.19
N LYS C 242 -16.71 -38.57 -1.02
CA LYS C 242 -16.99 -39.90 -0.50
C LYS C 242 -16.83 -39.94 1.02
N GLY C 243 -16.01 -39.05 1.53
CA GLY C 243 -15.59 -39.08 2.94
C GLY C 243 -14.36 -38.21 3.15
N VAL C 244 -13.58 -38.61 4.14
CA VAL C 244 -12.47 -37.81 4.63
C VAL C 244 -11.31 -38.70 5.04
N THR C 245 -10.09 -38.19 4.90
CA THR C 245 -8.89 -38.83 5.40
C THR C 245 -8.34 -38.06 6.59
N VAL C 246 -7.98 -38.78 7.65
CA VAL C 246 -7.45 -38.18 8.88
C VAL C 246 -6.15 -38.89 9.24
N VAL C 247 -5.32 -38.20 10.00
CA VAL C 247 -4.05 -38.73 10.48
C VAL C 247 -4.09 -38.78 12.00
N THR C 248 -3.72 -39.94 12.57
CA THR C 248 -3.73 -40.13 14.01
C THR C 248 -2.48 -39.54 14.63
N ALA C 249 -2.49 -39.49 15.97
CA ALA C 249 -1.31 -38.99 16.66
C ALA C 249 -0.06 -39.77 16.25
N ALA C 250 -0.21 -41.07 15.99
CA ALA C 250 0.90 -41.93 15.57
C ALA C 250 1.31 -41.73 14.13
N GLY C 251 0.60 -40.92 13.35
CA GLY C 251 0.97 -40.65 11.97
C GLY C 251 0.41 -41.64 10.96
N ASN C 252 -0.63 -42.36 11.31
CA ASN C 252 -1.28 -43.30 10.40
C ASN C 252 -2.50 -42.65 9.78
N GLU C 253 -2.76 -42.98 8.51
CA GLU C 253 -3.88 -42.41 7.76
C GLU C 253 -5.09 -43.33 7.83
N LEU C 254 -6.23 -42.76 8.20
CA LEU C 254 -7.50 -43.48 8.28
C LEU C 254 -8.49 -42.81 7.34
N ASN C 255 -9.20 -43.60 6.55
CA ASN C 255 -10.25 -43.08 5.67
C ASN C 255 -11.60 -43.51 6.21
N PHE C 256 -12.50 -42.55 6.34
CA PHE C 256 -13.86 -42.79 6.77
C PHE C 256 -14.80 -42.29 5.68
N PHE C 257 -15.87 -43.05 5.41
CA PHE C 257 -16.71 -42.78 4.26
C PHE C 257 -18.12 -42.44 4.69
N ALA C 258 -18.75 -41.54 3.94
CA ALA C 258 -20.12 -41.11 4.19
C ALA C 258 -21.03 -41.66 3.10
N ASP C 259 -22.10 -42.35 3.52
CA ASP C 259 -23.03 -42.89 2.55
C ASP C 259 -24.07 -41.87 2.13
N ARG C 260 -24.37 -40.89 2.97
CA ARG C 260 -25.24 -39.79 2.53
C ARG C 260 -24.47 -38.52 2.24
N GLU C 261 -23.84 -37.91 3.26
CA GLU C 261 -23.20 -36.61 3.10
C GLU C 261 -22.09 -36.41 4.12
N VAL C 262 -21.08 -35.65 3.70
CA VAL C 262 -20.04 -35.13 4.56
C VAL C 262 -20.39 -33.68 4.87
N ILE C 263 -20.38 -33.32 6.15
CA ILE C 263 -20.58 -31.93 6.55
C ILE C 263 -19.26 -31.44 7.16
N LEU C 264 -18.71 -30.37 6.57
CA LEU C 264 -17.44 -29.78 6.98
C LEU C 264 -17.70 -28.68 8.00
N SER C 265 -17.13 -28.82 9.20
CA SER C 265 -17.44 -27.93 10.31
C SER C 265 -16.17 -27.55 11.07
N GLN C 266 -15.08 -27.29 10.35
CA GLN C 266 -13.79 -27.04 11.00
C GLN C 266 -13.60 -25.59 11.40
N GLY C 267 -14.60 -24.73 11.23
CA GLY C 267 -14.50 -23.37 11.67
C GLY C 267 -13.85 -22.47 10.64
N VAL C 268 -13.88 -21.17 10.96
CA VAL C 268 -13.59 -20.13 9.99
C VAL C 268 -12.18 -20.22 9.38
N PHE C 269 -11.22 -20.80 10.09
CA PHE C 269 -9.84 -20.83 9.58
C PHE C 269 -9.49 -22.15 8.90
N GLU C 270 -9.96 -23.26 9.45
CA GLU C 270 -9.59 -24.56 8.92
C GLU C 270 -10.55 -25.10 7.85
N THR C 271 -11.83 -24.71 7.87
CA THR C 271 -12.71 -25.12 6.78
C THR C 271 -12.21 -24.64 5.43
N PRO C 272 -11.89 -23.35 5.23
CA PRO C 272 -11.34 -22.97 3.91
C PRO C 272 -10.03 -23.68 3.58
N LYS C 273 -9.18 -23.93 4.59
CA LYS C 273 -7.92 -24.66 4.34
C LYS C 273 -8.17 -26.09 3.86
N LEU C 274 -9.01 -26.84 4.57
CA LEU C 274 -9.30 -28.20 4.12
C LEU C 274 -9.90 -28.20 2.72
N LEU C 275 -10.82 -27.26 2.45
CA LEU C 275 -11.38 -27.17 1.12
C LEU C 275 -10.27 -27.03 0.07
N MET C 276 -9.35 -26.11 0.31
CA MET C 276 -8.29 -25.86 -0.67
C MET C 276 -7.33 -27.04 -0.78
N LEU C 277 -7.00 -27.67 0.35
CA LEU C 277 -6.18 -28.88 0.30
C LEU C 277 -6.87 -30.00 -0.47
N SER C 278 -8.19 -29.96 -0.57
CA SER C 278 -8.99 -30.97 -1.26
C SER C 278 -9.26 -30.59 -2.71
N GLY C 279 -8.64 -29.50 -3.18
CA GLY C 279 -8.75 -29.09 -4.56
C GLY C 279 -9.87 -28.13 -4.86
N ILE C 280 -10.49 -27.52 -3.85
CA ILE C 280 -11.63 -26.62 -4.03
C ILE C 280 -11.21 -25.27 -3.48
N GLY C 281 -10.92 -24.33 -4.37
CA GLY C 281 -10.51 -22.99 -3.97
C GLY C 281 -10.10 -22.17 -5.18
N PRO C 282 -9.48 -21.01 -4.94
CA PRO C 282 -9.03 -20.16 -6.05
C PRO C 282 -7.86 -20.84 -6.77
N THR C 283 -8.05 -21.12 -8.06
CA THR C 283 -7.14 -22.02 -8.76
C THR C 283 -5.68 -21.55 -8.72
N ARG C 284 -5.45 -20.24 -8.84
CA ARG C 284 -4.07 -19.75 -8.82
C ARG C 284 -3.43 -19.96 -7.44
N GLU C 285 -4.21 -19.81 -6.37
CA GLU C 285 -3.67 -20.12 -5.05
C GLU C 285 -3.29 -21.59 -4.92
N LEU C 286 -4.17 -22.48 -5.40
CA LEU C 286 -3.87 -23.91 -5.35
C LEU C 286 -2.61 -24.23 -6.15
N SER C 287 -2.49 -23.67 -7.35
CA SER C 287 -1.33 -23.93 -8.19
C SER C 287 -0.02 -23.54 -7.50
N ARG C 288 0.03 -22.35 -6.88
CA ARG C 288 1.25 -22.01 -6.17
C ARG C 288 1.64 -22.98 -5.06
N HIS C 289 0.77 -23.92 -4.70
CA HIS C 289 1.14 -24.91 -3.68
C HIS C 289 1.08 -26.34 -4.20
N GLY C 290 1.10 -26.51 -5.52
CA GLY C 290 1.14 -27.86 -6.08
C GLY C 290 -0.14 -28.65 -5.92
N ILE C 291 -1.26 -28.00 -5.61
CA ILE C 291 -2.53 -28.68 -5.44
C ILE C 291 -3.33 -28.54 -6.73
N ASN C 292 -3.82 -29.65 -7.27
CA ASN C 292 -4.54 -29.57 -8.52
C ASN C 292 -5.92 -29.04 -8.25
N THR C 293 -6.45 -28.31 -9.21
CA THR C 293 -7.73 -27.61 -9.05
C THR C 293 -8.88 -28.47 -9.55
N ILE C 294 -9.78 -28.83 -8.64
CA ILE C 294 -11.00 -29.55 -8.97
C ILE C 294 -12.18 -28.60 -9.22
N VAL C 295 -12.39 -27.62 -8.35
CA VAL C 295 -13.38 -26.57 -8.56
C VAL C 295 -12.69 -25.25 -8.27
N ASP C 296 -12.73 -24.34 -9.23
CA ASP C 296 -12.21 -22.99 -9.06
C ASP C 296 -13.25 -22.22 -8.25
N SER C 297 -13.03 -22.09 -6.95
CA SER C 297 -13.98 -21.44 -6.06
C SER C 297 -13.26 -20.23 -5.48
N ARG C 298 -13.39 -19.08 -6.14
CA ARG C 298 -12.50 -17.97 -5.85
C ARG C 298 -12.74 -17.35 -4.47
N HIS C 299 -13.89 -17.62 -3.86
CA HIS C 299 -14.22 -17.03 -2.58
C HIS C 299 -13.74 -17.87 -1.39
N VAL C 300 -13.18 -19.06 -1.62
CA VAL C 300 -12.73 -19.92 -0.54
C VAL C 300 -11.56 -19.26 0.20
N GLY C 301 -11.76 -18.97 1.47
CA GLY C 301 -10.79 -18.28 2.27
C GLY C 301 -10.88 -16.77 2.22
N GLN C 302 -11.65 -16.24 1.27
CA GLN C 302 -11.87 -14.81 1.17
C GLN C 302 -13.02 -14.40 2.08
N ASN C 303 -13.21 -13.09 2.22
CA ASN C 303 -14.33 -12.55 2.97
C ASN C 303 -14.25 -12.84 4.47
N LEU C 304 -13.03 -12.98 4.98
CA LEU C 304 -12.81 -13.10 6.41
C LEU C 304 -13.22 -11.81 7.11
N MET C 305 -14.19 -11.89 8.01
CA MET C 305 -14.67 -10.71 8.71
C MET C 305 -14.75 -11.00 10.20
N ASP C 306 -14.23 -10.08 11.00
CA ASP C 306 -14.23 -10.23 12.45
C ASP C 306 -14.46 -8.87 13.05
N HIS C 307 -14.75 -8.86 14.34
CA HIS C 307 -14.97 -7.64 15.08
C HIS C 307 -13.66 -7.18 15.70
N PRO C 308 -13.20 -5.96 15.42
CA PRO C 308 -12.07 -5.43 16.17
C PRO C 308 -12.53 -4.96 17.55
N GLY C 309 -11.69 -5.17 18.53
CA GLY C 309 -11.94 -4.67 19.86
C GLY C 309 -10.71 -3.99 20.41
N VAL C 310 -10.93 -2.88 21.11
CA VAL C 310 -9.90 -2.24 21.91
C VAL C 310 -10.34 -2.28 23.37
N PRO C 311 -9.85 -3.25 24.15
CA PRO C 311 -10.18 -3.26 25.57
C PRO C 311 -9.32 -2.25 26.31
N PHE C 312 -9.85 -1.75 27.42
CA PHE C 312 -9.06 -0.91 28.31
C PHE C 312 -9.44 -1.22 29.75
N VAL C 313 -8.48 -1.01 30.64
CA VAL C 313 -8.63 -1.39 32.04
C VAL C 313 -8.65 -0.13 32.90
N LEU C 314 -9.60 -0.06 33.83
CA LEU C 314 -9.61 0.97 34.85
C LEU C 314 -9.42 0.34 36.21
N ARG C 315 -8.55 0.95 37.03
CA ARG C 315 -8.51 0.61 38.44
C ARG C 315 -9.68 1.26 39.16
N VAL C 316 -10.32 0.46 40.02
CA VAL C 316 -11.59 0.83 40.62
C VAL C 316 -11.50 0.61 42.13
N LYS C 317 -12.37 1.30 42.89
CA LYS C 317 -12.33 1.17 44.35
C LYS C 317 -12.38 -0.29 44.77
N ASP C 318 -11.67 -0.59 45.86
CA ASP C 318 -11.67 -1.94 46.39
CA ASP C 318 -11.67 -1.95 46.40
C ASP C 318 -13.09 -2.44 46.59
N GLY C 319 -13.34 -3.70 46.20
CA GLY C 319 -14.65 -4.27 46.28
C GLY C 319 -15.57 -3.97 45.11
N PHE C 320 -15.11 -3.27 44.08
CA PHE C 320 -15.94 -3.08 42.89
C PHE C 320 -15.37 -3.84 41.70
N GLY C 321 -14.51 -4.82 41.96
CA GLY C 321 -14.08 -5.78 40.98
C GLY C 321 -13.76 -7.06 41.72
N MET C 322 -13.56 -8.13 40.98
CA MET C 322 -13.35 -9.43 41.56
C MET C 322 -11.89 -9.82 41.67
N ASP C 323 -10.96 -8.90 41.36
CA ASP C 323 -9.55 -9.28 41.35
C ASP C 323 -9.13 -9.90 42.69
N ASP C 324 -9.54 -9.31 43.80
CA ASP C 324 -9.08 -9.77 45.11
C ASP C 324 -9.64 -11.14 45.48
N VAL C 325 -10.73 -11.58 44.84
CA VAL C 325 -11.32 -12.88 45.13
C VAL C 325 -10.82 -13.96 44.18
N LEU C 326 -10.75 -13.67 42.88
CA LEU C 326 -10.52 -14.72 41.90
C LEU C 326 -9.12 -14.73 41.30
N LEU C 327 -8.49 -13.56 41.10
CA LEU C 327 -7.20 -13.51 40.43
C LEU C 327 -6.02 -13.70 41.35
N ARG C 328 -6.14 -13.35 42.63
CA ARG C 328 -4.99 -13.39 43.53
C ARG C 328 -5.20 -14.50 44.54
N HIS C 329 -4.15 -15.30 44.75
CA HIS C 329 -4.20 -16.43 45.67
C HIS C 329 -4.33 -15.95 47.11
N GLY C 330 -4.95 -16.78 47.94
CA GLY C 330 -5.16 -16.41 49.31
C GLY C 330 -6.42 -16.99 49.90
N PRO C 331 -6.75 -16.59 51.12
CA PRO C 331 -7.98 -17.12 51.75
C PRO C 331 -9.27 -16.80 50.99
N LYS C 332 -9.44 -15.58 50.48
CA LYS C 332 -10.65 -15.25 49.74
C LYS C 332 -10.81 -16.13 48.52
N ARG C 333 -9.70 -16.46 47.84
CA ARG C 333 -9.78 -17.39 46.73
C ARG C 333 -10.05 -18.83 47.19
N ASP C 334 -9.26 -19.31 48.16
CA ASP C 334 -9.39 -20.70 48.63
C ASP C 334 -10.83 -21.01 49.06
N ALA C 335 -11.48 -20.06 49.75
CA ALA C 335 -12.85 -20.25 50.21
C ALA C 335 -13.81 -20.38 49.05
N VAL C 336 -13.76 -19.43 48.12
CA VAL C 336 -14.67 -19.42 46.98
C VAL C 336 -14.43 -20.63 46.08
N VAL C 337 -13.19 -21.11 46.02
CA VAL C 337 -12.91 -22.37 45.33
C VAL C 337 -13.52 -23.54 46.10
N SER C 338 -13.49 -23.48 47.44
CA SER C 338 -14.09 -24.53 48.25
C SER C 338 -15.59 -24.64 48.02
N ALA C 339 -16.29 -23.51 47.96
CA ALA C 339 -17.72 -23.54 47.68
C ALA C 339 -17.98 -24.23 46.35
N TYR C 340 -17.27 -23.83 45.30
CA TYR C 340 -17.50 -24.37 43.97
C TYR C 340 -17.25 -25.87 43.93
N ASN C 341 -16.14 -26.31 44.52
CA ASN C 341 -15.78 -27.72 44.48
C ASN C 341 -16.80 -28.61 45.18
N LYS C 342 -17.65 -28.06 46.02
CA LYS C 342 -18.63 -28.87 46.74
C LYS C 342 -20.01 -28.84 46.11
N ASN C 343 -20.50 -27.68 45.67
CA ASN C 343 -21.84 -27.62 45.11
C ASN C 343 -21.95 -26.69 43.90
N ARG C 344 -20.83 -26.36 43.24
CA ARG C 344 -20.81 -25.48 42.07
C ARG C 344 -21.40 -24.10 42.33
N SER C 345 -21.48 -23.69 43.58
CA SER C 345 -21.87 -22.32 43.88
C SER C 345 -20.64 -21.41 43.92
N GLY C 346 -20.89 -20.12 44.05
CA GLY C 346 -19.83 -19.15 44.19
C GLY C 346 -19.41 -18.51 42.89
N PRO C 347 -18.58 -17.47 43.01
CA PRO C 347 -18.23 -16.67 41.83
C PRO C 347 -17.29 -17.39 40.88
N VAL C 348 -16.66 -18.48 41.32
CA VAL C 348 -15.94 -19.34 40.40
C VAL C 348 -16.84 -19.86 39.28
N GLY C 349 -18.16 -19.89 39.49
CA GLY C 349 -19.08 -20.31 38.44
C GLY C 349 -19.54 -19.20 37.53
N SER C 350 -18.97 -18.01 37.68
CA SER C 350 -19.34 -16.86 36.89
C SER C 350 -18.40 -16.69 35.70
N GLY C 351 -18.93 -16.11 34.64
CA GLY C 351 -18.19 -15.66 33.47
C GLY C 351 -17.67 -14.24 33.59
N LEU C 352 -18.00 -13.56 34.70
CA LEU C 352 -17.48 -12.25 35.07
C LEU C 352 -17.97 -11.14 34.16
N LEU C 353 -18.96 -11.43 33.31
CA LEU C 353 -19.56 -10.43 32.45
C LEU C 353 -21.07 -10.48 32.66
N GLU C 354 -21.65 -9.40 33.21
CA GLU C 354 -23.05 -9.45 33.64
C GLU C 354 -23.88 -8.35 33.02
N LEU C 355 -23.27 -7.20 32.77
CA LEU C 355 -23.91 -6.12 32.02
C LEU C 355 -23.16 -5.90 30.71
N VAL C 356 -23.92 -5.70 29.64
CA VAL C 356 -23.40 -5.51 28.28
C VAL C 356 -24.20 -4.40 27.61
N GLY C 357 -23.51 -3.43 27.03
CA GLY C 357 -24.16 -2.31 26.36
C GLY C 357 -24.08 -2.47 24.84
N PHE C 358 -25.12 -2.01 24.16
CA PHE C 358 -25.15 -1.96 22.70
C PHE C 358 -25.60 -0.58 22.26
N PRO C 359 -24.74 0.43 22.41
CA PRO C 359 -25.14 1.79 22.08
C PRO C 359 -24.88 2.16 20.63
N ARG C 360 -25.51 3.25 20.22
CA ARG C 360 -25.07 4.03 19.09
C ARG C 360 -24.38 5.29 19.59
N ILE C 361 -23.45 5.80 18.78
CA ILE C 361 -22.62 6.93 19.18
C ILE C 361 -22.65 8.01 18.11
N ASP C 362 -23.80 8.15 17.45
CA ASP C 362 -23.95 9.12 16.39
C ASP C 362 -23.50 10.52 16.82
N LYS C 363 -23.78 10.92 18.07
CA LYS C 363 -23.46 12.30 18.44
C LYS C 363 -21.97 12.50 18.60
N TYR C 364 -21.22 11.44 18.90
CA TYR C 364 -19.76 11.54 18.92
C TYR C 364 -19.20 11.59 17.51
N LEU C 365 -19.67 10.70 16.62
CA LEU C 365 -19.18 10.67 15.25
C LEU C 365 -19.38 12.01 14.58
N GLU C 366 -20.54 12.65 14.81
CA GLU C 366 -20.88 13.88 14.10
C GLU C 366 -19.92 15.01 14.40
N LYS C 367 -19.18 14.93 15.51
CA LYS C 367 -18.21 15.96 15.86
C LYS C 367 -16.92 15.84 15.05
N ASP C 368 -16.73 14.75 14.32
CA ASP C 368 -15.52 14.52 13.54
C ASP C 368 -15.77 14.84 12.06
N ALA C 369 -14.92 15.71 11.51
CA ALA C 369 -15.14 16.22 10.16
C ALA C 369 -15.13 15.12 9.12
N GLU C 370 -14.19 14.18 9.24
CA GLU C 370 -14.10 13.14 8.23
C GLU C 370 -15.30 12.21 8.28
N TYR C 371 -15.84 11.97 9.48
CA TYR C 371 -17.08 11.22 9.54
C TYR C 371 -18.19 11.96 8.80
N ARG C 372 -18.35 13.26 9.09
CA ARG C 372 -19.38 14.05 8.43
C ARG C 372 -19.23 14.00 6.90
N LYS C 373 -18.00 14.18 6.41
CA LYS C 373 -17.74 14.06 4.99
C LYS C 373 -18.20 12.72 4.45
N ALA C 374 -17.87 11.63 5.16
CA ALA C 374 -18.14 10.27 4.70
C ALA C 374 -19.62 9.95 4.70
N LYS C 375 -20.35 10.46 5.71
CA LYS C 375 -21.78 10.23 5.80
C LYS C 375 -22.54 10.92 4.67
N ALA C 376 -22.20 12.17 4.40
CA ALA C 376 -22.81 12.85 3.26
C ALA C 376 -22.46 12.15 1.96
N ALA C 377 -21.21 11.67 1.83
CA ALA C 377 -20.82 10.97 0.62
C ALA C 377 -21.56 9.65 0.47
N ASN C 378 -22.13 9.12 1.55
CA ASN C 378 -22.99 7.94 1.47
C ASN C 378 -24.47 8.33 1.37
N GLY C 379 -24.78 9.50 0.81
CA GLY C 379 -26.15 9.92 0.67
C GLY C 379 -26.85 10.23 1.96
N GLY C 380 -26.10 10.67 2.98
CA GLY C 380 -26.67 11.01 4.26
C GLY C 380 -26.90 9.84 5.19
N LYS C 381 -26.53 8.64 4.80
CA LYS C 381 -26.79 7.45 5.62
C LYS C 381 -25.53 7.06 6.38
N ASP C 382 -25.72 6.71 7.65
CA ASP C 382 -24.59 6.28 8.48
C ASP C 382 -23.89 5.12 7.80
N PRO C 383 -22.57 5.20 7.57
CA PRO C 383 -21.87 4.09 6.90
C PRO C 383 -21.80 2.81 7.73
N PHE C 384 -21.69 2.90 9.06
CA PHE C 384 -21.53 1.71 9.89
C PHE C 384 -22.83 0.92 10.01
N SER C 385 -23.88 1.56 10.49
CA SER C 385 -25.16 0.91 10.78
C SER C 385 -26.27 1.74 10.15
N PRO C 386 -26.44 1.66 8.83
CA PRO C 386 -27.41 2.55 8.16
C PRO C 386 -28.86 2.22 8.51
N LEU C 387 -29.13 1.02 9.01
CA LEU C 387 -30.49 0.57 9.31
C LEU C 387 -30.78 0.56 10.81
N GLY C 388 -30.10 1.42 11.58
CA GLY C 388 -30.38 1.59 13.00
C GLY C 388 -29.77 0.57 13.94
N GLN C 389 -28.87 -0.29 13.45
CA GLN C 389 -28.23 -1.28 14.33
C GLN C 389 -27.27 -0.58 15.29
N PRO C 390 -26.83 -1.27 16.34
CA PRO C 390 -25.84 -0.67 17.25
C PRO C 390 -24.50 -0.42 16.56
N HIS C 391 -23.71 0.44 17.19
CA HIS C 391 -22.33 0.61 16.75
C HIS C 391 -21.36 -0.25 17.53
N PHE C 392 -21.63 -0.46 18.82
CA PHE C 392 -20.72 -1.19 19.69
C PHE C 392 -21.42 -2.25 20.53
N GLU C 393 -20.65 -3.26 20.91
CA GLU C 393 -20.93 -4.08 22.07
C GLU C 393 -19.87 -3.72 23.11
N LEU C 394 -20.31 -3.22 24.25
CA LEU C 394 -19.40 -2.90 25.36
C LEU C 394 -19.53 -3.98 26.44
N ASP C 395 -18.49 -4.80 26.57
CA ASP C 395 -18.45 -5.79 27.63
C ASP C 395 -17.78 -5.16 28.84
N PHE C 396 -18.52 -5.08 29.95
CA PHE C 396 -18.00 -4.56 31.21
C PHE C 396 -17.60 -5.75 32.09
N VAL C 397 -16.38 -6.22 31.90
CA VAL C 397 -15.83 -7.35 32.65
C VAL C 397 -15.33 -6.84 34.00
N CYS C 398 -15.89 -7.37 35.09
CA CYS C 398 -15.68 -6.80 36.42
C CYS C 398 -14.41 -7.34 37.10
N MET C 399 -13.29 -7.26 36.39
CA MET C 399 -12.00 -7.80 36.83
C MET C 399 -11.00 -7.50 35.72
N PHE C 400 -9.71 -7.53 36.07
CA PHE C 400 -8.69 -7.47 35.02
C PHE C 400 -8.78 -8.72 34.16
N GLY C 401 -8.90 -8.51 32.85
CA GLY C 401 -8.98 -9.63 31.93
C GLY C 401 -7.74 -9.84 31.07
N THR C 402 -6.96 -10.87 31.39
CA THR C 402 -5.70 -11.10 30.69
C THR C 402 -5.91 -11.35 29.20
N ALA C 403 -7.01 -12.05 28.85
CA ALA C 403 -7.35 -12.32 27.46
C ALA C 403 -7.71 -11.08 26.67
N PHE C 404 -7.79 -9.92 27.34
CA PHE C 404 -8.05 -8.65 26.66
C PHE C 404 -6.91 -7.65 26.87
N GLN C 405 -5.80 -8.09 27.46
CA GLN C 405 -4.62 -7.22 27.60
C GLN C 405 -3.42 -8.06 27.18
N TRP C 406 -3.18 -8.12 25.86
CA TRP C 406 -2.23 -9.07 25.31
C TRP C 406 -0.76 -8.67 25.50
N HIS C 407 -0.49 -7.40 25.79
CA HIS C 407 0.89 -6.94 25.93
C HIS C 407 1.15 -6.27 27.26
N PHE C 408 0.20 -6.30 28.19
CA PHE C 408 0.42 -5.73 29.50
C PHE C 408 0.44 -6.83 30.56
N PRO C 409 1.30 -6.72 31.57
CA PRO C 409 1.28 -7.69 32.66
C PRO C 409 0.09 -7.48 33.59
N THR C 410 -0.26 -8.53 34.32
CA THR C 410 -1.36 -8.41 35.27
C THR C 410 -0.97 -7.44 36.37
N PRO C 411 -1.83 -6.48 36.72
CA PRO C 411 -1.51 -5.59 37.85
C PRO C 411 -1.34 -6.43 39.11
N LYS C 412 -0.38 -6.06 39.94
CA LYS C 412 -0.15 -6.86 41.14
C LYS C 412 -1.08 -6.51 42.29
N THR C 413 -1.78 -5.38 42.24
CA THR C 413 -2.68 -4.99 43.31
C THR C 413 -3.92 -4.35 42.70
N GLY C 414 -4.96 -4.27 43.52
CA GLY C 414 -6.13 -3.48 43.15
C GLY C 414 -7.23 -4.28 42.47
N ASP C 415 -8.41 -3.68 42.45
CA ASP C 415 -9.55 -4.22 41.71
C ASP C 415 -9.73 -3.43 40.41
N HIS C 416 -10.19 -4.11 39.36
CA HIS C 416 -10.22 -3.46 38.06
C HIS C 416 -11.51 -3.78 37.33
N LEU C 417 -11.81 -2.94 36.34
CA LEU C 417 -12.82 -3.18 35.34
C LEU C 417 -12.16 -3.22 33.97
N THR C 418 -12.39 -4.30 33.22
CA THR C 418 -11.94 -4.40 31.84
C THR C 418 -13.12 -4.11 30.94
N VAL C 419 -13.03 -3.04 30.17
CA VAL C 419 -14.08 -2.66 29.21
C VAL C 419 -13.63 -3.13 27.84
N VAL C 420 -14.39 -4.05 27.25
CA VAL C 420 -14.08 -4.57 25.93
C VAL C 420 -14.92 -3.77 24.93
N VAL C 421 -14.30 -2.77 24.30
CA VAL C 421 -14.97 -1.89 23.33
C VAL C 421 -14.96 -2.59 21.96
N ASP C 422 -16.08 -3.16 21.60
CA ASP C 422 -16.16 -4.07 20.48
C ASP C 422 -16.96 -3.39 19.36
N LEU C 423 -16.27 -3.03 18.28
CA LEU C 423 -16.90 -2.40 17.13
C LEU C 423 -17.61 -3.48 16.33
N VAL C 424 -18.94 -3.52 16.44
CA VAL C 424 -19.67 -4.64 15.85
C VAL C 424 -20.10 -4.40 14.42
N ARG C 425 -20.09 -3.15 13.96
CA ARG C 425 -20.44 -2.83 12.56
C ARG C 425 -19.29 -2.09 11.88
N PRO C 426 -18.14 -2.75 11.70
CA PRO C 426 -17.05 -2.12 10.96
C PRO C 426 -17.39 -2.03 9.47
N ILE C 427 -16.70 -1.14 8.76
CA ILE C 427 -16.84 -1.04 7.31
C ILE C 427 -15.56 -1.36 6.58
N SER C 428 -14.47 -1.68 7.28
CA SER C 428 -13.25 -2.12 6.60
C SER C 428 -13.54 -3.35 5.74
N ASP C 429 -12.88 -3.42 4.58
CA ASP C 429 -12.95 -4.59 3.73
C ASP C 429 -12.52 -5.84 4.51
N PRO C 430 -12.96 -7.01 4.07
CA PRO C 430 -12.58 -8.25 4.78
C PRO C 430 -11.12 -8.60 4.53
N GLY C 431 -10.63 -9.50 5.36
CA GLY C 431 -9.34 -10.14 5.18
C GLY C 431 -9.44 -11.44 4.43
N GLU C 432 -8.49 -12.33 4.67
CA GLU C 432 -8.46 -13.57 3.92
C GLU C 432 -7.67 -14.65 4.67
N VAL C 433 -8.06 -15.89 4.43
CA VAL C 433 -7.31 -17.07 4.85
C VAL C 433 -6.67 -17.69 3.61
N THR C 434 -5.34 -17.84 3.63
CA THR C 434 -4.61 -18.37 2.49
C THR C 434 -3.74 -19.53 2.95
N LEU C 435 -3.35 -20.37 1.99
CA LEU C 435 -2.46 -21.49 2.31
C LEU C 435 -1.05 -20.99 2.54
N ASN C 436 -0.40 -21.52 3.58
CA ASN C 436 1.05 -21.36 3.68
C ASN C 436 1.79 -22.42 2.89
N SER C 437 1.16 -23.59 2.71
CA SER C 437 1.73 -24.71 1.97
C SER C 437 0.64 -25.76 1.84
N ALA C 438 0.98 -26.87 1.20
CA ALA C 438 0.06 -28.00 1.09
C ALA C 438 0.15 -28.96 2.28
N ASP C 439 0.94 -28.64 3.29
CA ASP C 439 1.06 -29.51 4.46
C ASP C 439 -0.20 -29.37 5.31
N PRO C 440 -0.99 -30.43 5.48
CA PRO C 440 -2.25 -30.30 6.22
C PRO C 440 -2.10 -30.01 7.69
N PHE C 441 -0.89 -30.14 8.26
CA PHE C 441 -0.67 -29.92 9.68
C PHE C 441 -0.14 -28.54 10.00
N GLN C 442 0.10 -27.72 8.99
CA GLN C 442 0.49 -26.34 9.21
C GLN C 442 -0.75 -25.45 9.28
N GLN C 443 -0.69 -24.42 10.11
CA GLN C 443 -1.80 -23.49 10.16
C GLN C 443 -1.92 -22.72 8.86
N PRO C 444 -3.12 -22.28 8.51
CA PRO C 444 -3.27 -21.37 7.38
C PRO C 444 -2.70 -20.01 7.70
N ASN C 445 -2.48 -19.23 6.65
CA ASN C 445 -2.12 -17.83 6.82
C ASN C 445 -3.38 -17.01 7.02
N ILE C 446 -3.38 -16.16 8.04
CA ILE C 446 -4.60 -15.49 8.48
C ILE C 446 -4.34 -14.00 8.58
N ASN C 447 -5.13 -13.21 7.86
CA ASN C 447 -5.06 -11.76 7.93
C ASN C 447 -6.47 -11.23 8.21
N LEU C 448 -6.69 -10.71 9.44
CA LEU C 448 -7.98 -10.15 9.78
C LEU C 448 -8.20 -8.78 9.15
N ASN C 449 -7.14 -8.09 8.75
CA ASN C 449 -7.27 -6.80 8.05
C ASN C 449 -8.15 -5.83 8.84
N PHE C 450 -7.93 -5.76 10.14
CA PHE C 450 -8.64 -4.78 10.97
C PHE C 450 -8.21 -3.37 10.60
N PHE C 451 -9.19 -2.46 10.55
CA PHE C 451 -8.95 -1.03 10.41
C PHE C 451 -8.32 -0.65 9.07
N ALA C 452 -8.56 -1.43 8.02
CA ALA C 452 -8.13 -1.00 6.68
C ALA C 452 -8.73 0.36 6.31
N ASN C 453 -9.95 0.64 6.74
CA ASN C 453 -10.60 1.93 6.50
C ASN C 453 -10.40 2.82 7.73
N ASP C 454 -9.87 4.04 7.51
CA ASP C 454 -9.68 4.99 8.62
C ASP C 454 -10.97 5.24 9.40
N LEU C 455 -12.13 5.17 8.75
CA LEU C 455 -13.38 5.48 9.45
C LEU C 455 -13.60 4.55 10.64
N ASP C 456 -13.18 3.28 10.51
CA ASP C 456 -13.25 2.36 11.64
C ASP C 456 -12.37 2.85 12.79
N ILE C 457 -11.21 3.45 12.48
CA ILE C 457 -10.38 4.03 13.52
C ILE C 457 -11.11 5.17 14.23
N ILE C 458 -11.78 6.03 13.46
CA ILE C 458 -12.56 7.12 14.05
C ILE C 458 -13.70 6.56 14.91
N ALA C 459 -14.39 5.54 14.42
CA ALA C 459 -15.48 4.96 15.20
C ALA C 459 -14.96 4.39 16.51
N MET C 460 -13.92 3.57 16.45
CA MET C 460 -13.36 2.96 17.65
C MET C 460 -12.86 4.03 18.62
N ARG C 461 -12.16 5.04 18.11
CA ARG C 461 -11.75 6.15 18.96
C ARG C 461 -12.95 6.76 19.70
N GLU C 462 -14.01 7.07 18.97
CA GLU C 462 -15.18 7.66 19.62
C GLU C 462 -15.92 6.66 20.51
N GLY C 463 -15.90 5.37 20.20
CA GLY C 463 -16.46 4.39 21.11
C GLY C 463 -15.70 4.32 22.43
N ILE C 464 -14.39 4.52 22.39
CA ILE C 464 -13.63 4.59 23.62
C ILE C 464 -13.95 5.87 24.37
N ARG C 465 -14.12 6.98 23.65
CA ARG C 465 -14.51 8.23 24.28
C ARG C 465 -15.87 8.11 24.96
N PHE C 466 -16.84 7.50 24.29
CA PHE C 466 -18.14 7.26 24.91
C PHE C 466 -17.99 6.46 26.20
N SER C 467 -17.26 5.35 26.14
CA SER C 467 -17.07 4.52 27.33
C SER C 467 -16.36 5.30 28.44
N TYR C 468 -15.38 6.13 28.08
CA TYR C 468 -14.69 6.94 29.08
C TYR C 468 -15.62 7.98 29.67
N ASP C 469 -16.40 8.65 28.81
CA ASP C 469 -17.41 9.58 29.31
C ASP C 469 -18.38 8.89 30.26
N LEU C 470 -18.81 7.69 29.91
CA LEU C 470 -19.74 6.95 30.74
C LEU C 470 -19.16 6.68 32.13
N LEU C 471 -17.92 6.20 32.18
CA LEU C 471 -17.37 5.71 33.45
C LEU C 471 -16.77 6.83 34.30
N PHE C 472 -16.23 7.86 33.67
CA PHE C 472 -15.62 8.95 34.41
C PHE C 472 -16.60 10.09 34.75
N LYS C 473 -17.61 10.33 33.92
CA LYS C 473 -18.57 11.41 34.18
C LYS C 473 -19.95 10.92 34.65
N GLY C 474 -20.34 9.70 34.30
CA GLY C 474 -21.67 9.24 34.63
C GLY C 474 -21.91 9.17 36.12
N GLU C 475 -23.17 9.32 36.52
CA GLU C 475 -23.47 9.43 37.94
C GLU C 475 -23.21 8.11 38.65
N GLY C 476 -22.71 8.22 39.88
CA GLY C 476 -22.48 7.01 40.64
C GLY C 476 -21.14 6.41 40.31
N PHE C 477 -20.97 5.96 39.07
CA PHE C 477 -19.73 5.25 38.72
C PHE C 477 -18.53 6.18 38.72
N LYS C 478 -18.73 7.47 38.46
CA LYS C 478 -17.60 8.39 38.47
C LYS C 478 -16.85 8.38 39.79
N ASP C 479 -17.53 8.05 40.88
CA ASP C 479 -16.93 8.00 42.20
C ASP C 479 -16.16 6.71 42.46
N LEU C 480 -16.10 5.79 41.50
CA LEU C 480 -15.40 4.52 41.68
C LEU C 480 -14.06 4.46 40.98
N VAL C 481 -13.80 5.36 40.03
CA VAL C 481 -12.61 5.31 39.19
C VAL C 481 -11.41 5.85 39.96
N GLU C 482 -10.38 5.02 40.13
CA GLU C 482 -9.15 5.46 40.76
C GLU C 482 -8.06 5.87 39.75
N SER C 483 -7.81 5.07 38.71
CA SER C 483 -6.75 5.43 37.76
C SER C 483 -6.86 4.59 36.49
N GLU C 484 -6.12 5.01 35.47
CA GLU C 484 -6.06 4.24 34.24
C GLU C 484 -4.88 3.29 34.25
N TYR C 485 -5.04 2.13 33.63
CA TYR C 485 -4.00 1.13 33.58
C TYR C 485 -3.79 0.73 32.12
N PRO C 486 -2.53 0.64 31.65
CA PRO C 486 -1.27 0.88 32.36
C PRO C 486 -0.75 2.33 32.25
N TRP C 487 -1.45 3.15 31.49
CA TRP C 487 -1.13 4.56 31.34
C TRP C 487 -2.39 5.24 30.82
N GLU C 488 -2.31 6.56 30.65
CA GLU C 488 -3.50 7.31 30.27
C GLU C 488 -3.87 7.04 28.82
N MET C 489 -5.17 6.89 28.57
CA MET C 489 -5.68 6.81 27.22
C MET C 489 -5.65 8.20 26.60
N PRO C 490 -4.89 8.41 25.53
CA PRO C 490 -4.64 9.75 25.01
C PRO C 490 -5.81 10.31 24.20
N LEU C 491 -6.97 10.38 24.85
CA LEU C 491 -8.18 10.87 24.21
C LEU C 491 -8.10 12.33 23.80
N ASP C 492 -7.09 13.06 24.26
CA ASP C 492 -7.02 14.48 23.94
C ASP C 492 -6.33 14.76 22.62
N SER C 493 -5.92 13.71 21.89
CA SER C 493 -5.16 13.86 20.65
C SER C 493 -5.66 12.84 19.64
N ASP C 494 -6.26 13.33 18.53
CA ASP C 494 -6.71 12.43 17.48
C ASP C 494 -5.56 11.61 16.93
N LYS C 495 -4.39 12.24 16.78
CA LYS C 495 -3.25 11.56 16.19
C LYS C 495 -2.73 10.46 17.12
N GLU C 496 -2.75 10.69 18.44
CA GLU C 496 -2.33 9.64 19.36
C GLU C 496 -3.37 8.55 19.50
N MET C 497 -4.66 8.90 19.42
CA MET C 497 -5.68 7.84 19.44
C MET C 497 -5.56 6.96 18.20
N HIS C 498 -5.18 7.56 17.06
CA HIS C 498 -4.94 6.80 15.84
C HIS C 498 -3.93 5.71 16.11
N ARG C 499 -2.80 6.08 16.72
CA ARG C 499 -1.79 5.10 17.06
C ARG C 499 -2.28 4.17 18.17
N ALA C 500 -2.99 4.72 19.16
CA ALA C 500 -3.45 3.91 20.26
C ALA C 500 -4.42 2.82 19.81
N VAL C 501 -5.33 3.14 18.87
CA VAL C 501 -6.29 2.15 18.40
C VAL C 501 -5.57 1.03 17.64
N LEU C 502 -4.70 1.39 16.70
CA LEU C 502 -4.01 0.36 15.92
C LEU C 502 -3.15 -0.53 16.82
N ASP C 503 -2.45 0.07 17.77
CA ASP C 503 -1.48 -0.70 18.55
C ASP C 503 -2.09 -1.47 19.71
N ARG C 504 -3.31 -1.11 20.15
CA ARG C 504 -3.90 -1.84 21.26
C ARG C 504 -5.04 -2.76 20.86
N CYS C 505 -5.55 -2.69 19.63
CA CYS C 505 -6.71 -3.49 19.27
C CYS C 505 -6.34 -4.97 19.24
N GLN C 506 -7.38 -5.80 19.25
CA GLN C 506 -7.24 -7.23 19.17
C GLN C 506 -8.51 -7.78 18.53
N THR C 507 -8.53 -9.08 18.28
CA THR C 507 -9.78 -9.71 17.87
C THR C 507 -10.77 -9.77 19.04
N ALA C 508 -12.04 -9.50 18.74
CA ALA C 508 -13.13 -9.75 19.67
C ALA C 508 -13.57 -11.21 19.65
N PHE C 509 -12.88 -12.05 18.88
CA PHE C 509 -13.06 -13.49 18.80
C PHE C 509 -14.29 -13.91 18.02
N HIS C 510 -14.70 -13.12 17.02
CA HIS C 510 -15.87 -13.49 16.24
C HIS C 510 -15.59 -13.64 14.74
N PRO C 511 -14.54 -14.36 14.32
CA PRO C 511 -14.24 -14.41 12.88
C PRO C 511 -15.26 -15.24 12.12
N THR C 512 -15.58 -14.77 10.91
CA THR C 512 -16.63 -15.36 10.08
C THR C 512 -16.25 -15.28 8.62
N GLY C 513 -16.99 -16.03 7.80
CA GLY C 513 -17.24 -15.61 6.42
C GLY C 513 -16.40 -16.21 5.33
N THR C 514 -15.56 -17.20 5.63
CA THR C 514 -14.58 -17.65 4.67
C THR C 514 -15.08 -18.72 3.71
N ALA C 515 -16.30 -19.22 3.91
CA ALA C 515 -16.93 -20.17 2.99
C ALA C 515 -18.40 -19.78 2.80
N ARG C 516 -18.64 -18.51 2.47
CA ARG C 516 -19.93 -17.89 2.72
C ARG C 516 -21.05 -18.47 1.86
N LEU C 517 -22.26 -18.39 2.39
CA LEU C 517 -23.42 -18.79 1.64
C LEU C 517 -23.74 -17.75 0.57
N SER C 518 -24.34 -18.22 -0.51
CA SER C 518 -24.42 -17.38 -1.69
C SER C 518 -25.38 -18.05 -2.67
N LYS C 519 -25.72 -17.31 -3.71
CA LYS C 519 -26.63 -17.86 -4.72
C LYS C 519 -25.90 -18.54 -5.86
N ASN C 520 -24.58 -18.30 -6.00
CA ASN C 520 -23.80 -18.91 -7.06
C ASN C 520 -22.33 -18.88 -6.67
N ILE C 521 -21.51 -19.58 -7.45
CA ILE C 521 -20.11 -19.72 -7.07
C ILE C 521 -19.32 -18.44 -7.31
N ASP C 522 -19.84 -17.52 -8.11
CA ASP C 522 -19.18 -16.22 -8.23
C ASP C 522 -19.50 -15.29 -7.08
N GLN C 523 -20.44 -15.64 -6.22
CA GLN C 523 -20.74 -14.82 -5.05
C GLN C 523 -20.22 -15.43 -3.75
N GLY C 524 -20.10 -16.74 -3.66
CA GLY C 524 -19.63 -17.38 -2.45
C GLY C 524 -19.31 -18.85 -2.68
N VAL C 525 -19.17 -19.58 -1.58
CA VAL C 525 -18.65 -20.96 -1.61
C VAL C 525 -19.76 -22.00 -1.47
N VAL C 526 -20.77 -21.74 -0.65
CA VAL C 526 -21.89 -22.67 -0.51
C VAL C 526 -23.20 -21.96 -0.87
N ASP C 527 -24.21 -22.78 -1.23
CA ASP C 527 -25.50 -22.29 -1.74
C ASP C 527 -26.50 -22.17 -0.58
N PRO C 528 -27.73 -21.70 -0.80
CA PRO C 528 -28.62 -21.47 0.36
C PRO C 528 -28.92 -22.74 1.14
N LYS C 529 -28.73 -23.92 0.58
CA LYS C 529 -28.83 -25.16 1.32
C LYS C 529 -27.50 -25.60 1.91
N LEU C 530 -26.50 -24.70 1.90
CA LEU C 530 -25.18 -24.90 2.47
C LEU C 530 -24.38 -25.97 1.73
N LYS C 531 -24.80 -26.33 0.52
CA LYS C 531 -24.04 -27.25 -0.31
C LYS C 531 -22.91 -26.51 -1.01
N VAL C 532 -21.73 -27.12 -1.02
CA VAL C 532 -20.57 -26.52 -1.64
C VAL C 532 -20.78 -26.48 -3.15
N HIS C 533 -20.70 -25.28 -3.73
CA HIS C 533 -20.89 -25.12 -5.17
C HIS C 533 -19.91 -25.99 -5.93
N GLY C 534 -20.42 -26.82 -6.82
CA GLY C 534 -19.57 -27.64 -7.66
C GLY C 534 -19.26 -29.02 -7.12
N ILE C 535 -19.69 -29.32 -5.91
CA ILE C 535 -19.45 -30.62 -5.28
C ILE C 535 -20.76 -31.18 -4.75
N LYS C 536 -20.98 -32.47 -5.00
CA LYS C 536 -22.12 -33.18 -4.46
C LYS C 536 -21.78 -33.81 -3.12
N LYS C 537 -22.78 -33.84 -2.23
CA LYS C 537 -22.70 -34.55 -0.96
C LYS C 537 -21.69 -33.90 0.00
N LEU C 538 -21.50 -32.59 -0.12
CA LEU C 538 -20.59 -31.83 0.73
C LEU C 538 -21.30 -30.56 1.16
N ARG C 539 -21.45 -30.39 2.47
CA ARG C 539 -22.02 -29.19 3.08
C ARG C 539 -21.00 -28.58 4.02
N VAL C 540 -21.16 -27.29 4.32
CA VAL C 540 -20.35 -26.60 5.31
C VAL C 540 -21.29 -26.01 6.35
N ALA C 541 -21.02 -26.27 7.63
CA ALA C 541 -21.84 -25.74 8.73
C ALA C 541 -20.93 -25.27 9.87
N ASP C 542 -20.61 -23.97 9.86
CA ASP C 542 -19.83 -23.29 10.90
C ASP C 542 -19.83 -21.79 10.58
N ALA C 543 -19.05 -21.01 11.34
CA ALA C 543 -19.05 -19.55 11.17
C ALA C 543 -18.59 -19.09 9.79
N SER C 544 -17.97 -19.96 9.01
CA SER C 544 -17.44 -19.51 7.73
C SER C 544 -18.53 -19.28 6.69
N VAL C 545 -19.76 -19.76 6.93
CA VAL C 545 -20.85 -19.52 6.00
C VAL C 545 -21.52 -18.18 6.24
N ILE C 546 -21.30 -17.56 7.40
CA ILE C 546 -21.97 -16.32 7.79
C ILE C 546 -21.62 -15.22 6.79
N PRO C 547 -22.58 -14.71 6.00
CA PRO C 547 -22.21 -13.77 4.92
C PRO C 547 -22.11 -12.33 5.37
N ILE C 548 -22.73 -12.00 6.50
CA ILE C 548 -22.66 -10.66 7.11
C ILE C 548 -22.59 -10.86 8.63
N ILE C 549 -21.53 -10.36 9.27
CA ILE C 549 -21.32 -10.69 10.69
C ILE C 549 -22.38 -10.00 11.55
N PRO C 550 -22.97 -10.69 12.52
CA PRO C 550 -23.97 -10.06 13.40
C PRO C 550 -23.37 -8.92 14.21
N ASP C 551 -24.27 -8.19 14.88
CA ASP C 551 -23.98 -6.93 15.56
C ASP C 551 -23.55 -7.13 17.00
N CYS C 552 -22.93 -8.26 17.30
CA CYS C 552 -22.78 -8.72 18.68
C CYS C 552 -21.99 -10.02 18.63
N ALA C 553 -21.76 -10.62 19.80
CA ALA C 553 -21.19 -11.97 19.87
C ALA C 553 -22.00 -12.96 19.03
N ILE C 554 -21.31 -13.93 18.42
CA ILE C 554 -21.84 -14.65 17.25
C ILE C 554 -22.20 -16.11 17.53
N GLN C 555 -21.94 -16.66 18.73
CA GLN C 555 -22.19 -18.08 18.96
C GLN C 555 -23.66 -18.44 18.75
N ASN C 556 -24.57 -17.51 19.05
CA ASN C 556 -25.99 -17.81 18.85
C ASN C 556 -26.28 -18.10 17.38
N SER C 557 -25.79 -17.23 16.49
CA SER C 557 -25.98 -17.45 15.06
C SER C 557 -25.26 -18.70 14.58
N VAL C 558 -24.13 -19.05 15.20
CA VAL C 558 -23.41 -20.25 14.78
C VAL C 558 -24.22 -21.51 15.09
N TYR C 559 -24.78 -21.60 16.30
CA TYR C 559 -25.74 -22.66 16.60
C TYR C 559 -26.91 -22.65 15.62
N ALA C 560 -27.45 -21.48 15.34
CA ALA C 560 -28.55 -21.38 14.39
C ALA C 560 -28.17 -21.96 13.03
N VAL C 561 -26.95 -21.68 12.54
CA VAL C 561 -26.52 -22.25 11.26
C VAL C 561 -26.50 -23.77 11.33
N GLY C 562 -25.92 -24.32 12.40
CA GLY C 562 -25.92 -25.77 12.55
C GLY C 562 -27.32 -26.36 12.55
N GLU C 563 -28.26 -25.70 13.25
CA GLU C 563 -29.64 -26.20 13.32
C GLU C 563 -30.29 -26.21 11.94
N LYS C 564 -30.14 -25.13 11.18
CA LYS C 564 -30.76 -25.04 9.88
C LYS C 564 -30.10 -26.01 8.90
N CYS C 565 -28.79 -26.20 9.02
CA CYS C 565 -28.14 -27.20 8.17
C CYS C 565 -28.75 -28.57 8.39
N ALA C 566 -28.94 -28.95 9.66
CA ALA C 566 -29.50 -30.25 9.99
C ALA C 566 -30.92 -30.41 9.44
N ASP C 567 -31.76 -29.37 9.58
CA ASP C 567 -33.11 -29.45 9.04
C ASP C 567 -33.09 -29.69 7.53
N MET C 568 -32.27 -28.92 6.81
CA MET C 568 -32.21 -29.03 5.36
C MET C 568 -31.69 -30.39 4.91
N ILE C 569 -30.81 -31.00 5.70
CA ILE C 569 -30.41 -32.37 5.39
C ILE C 569 -31.58 -33.33 5.58
N LYS C 570 -32.31 -33.16 6.69
CA LYS C 570 -33.47 -34.00 6.95
C LYS C 570 -34.54 -33.83 5.88
N ALA C 571 -34.74 -32.60 5.38
CA ALA C 571 -35.77 -32.38 4.38
C ALA C 571 -35.42 -33.04 3.05
N GLU C 572 -34.13 -33.24 2.78
CA GLU C 572 -33.72 -33.86 1.52
C GLU C 572 -33.77 -35.37 1.57
N HIS C 573 -33.44 -35.96 2.72
CA HIS C 573 -33.41 -37.41 2.85
C HIS C 573 -34.74 -37.88 3.43
N LYS C 574 -35.83 -37.83 2.61
CA LYS C 574 -37.09 -37.97 3.31
C LYS C 574 -37.23 -39.45 3.74
N ASP C 575 -36.44 -40.32 3.13
CA ASP C 575 -36.42 -41.75 3.44
C ASP C 575 -35.85 -42.03 4.81
N LEU C 576 -35.25 -41.04 5.47
CA LEU C 576 -34.75 -41.21 6.83
C LEU C 576 -35.41 -40.30 7.85
N TYR C 577 -36.07 -39.22 7.42
CA TYR C 577 -36.66 -38.25 8.34
C TYR C 577 -38.07 -37.88 7.88
#